data_2N3L
#
_entry.id   2N3L
#
_entity_poly.entity_id   1
_entity_poly.type   'polypeptide(L)'
_entity_poly.pdbx_seq_one_letter_code
;GSHMVIRESVSRIYVGNLPSHVSSRDVENEFRKYGNILKCDVKKTVSGAAFAFIEFEDARDAADAIKEKDGCDFEGNKLR
VEVPFNARE
;
_entity_poly.pdbx_strand_id   A
#
# COMPACT_ATOMS: atom_id res chain seq x y z
N GLY A 1 15.79 1.75 -11.39
CA GLY A 1 16.61 1.99 -10.17
C GLY A 1 16.19 1.09 -9.03
N SER A 2 17.13 0.26 -8.57
CA SER A 2 16.89 -0.65 -7.45
C SER A 2 18.21 -1.08 -6.79
N HIS A 3 18.52 -0.46 -5.66
CA HIS A 3 19.74 -0.77 -4.91
C HIS A 3 19.49 -0.54 -3.41
N MET A 4 20.55 -0.66 -2.58
CA MET A 4 20.54 -0.34 -1.13
C MET A 4 19.72 -1.33 -0.27
N VAL A 5 20.15 -1.52 0.98
CA VAL A 5 19.47 -2.40 1.95
C VAL A 5 19.33 -1.71 3.31
N ILE A 6 18.43 -2.24 4.15
CA ILE A 6 18.20 -1.68 5.50
C ILE A 6 17.65 -2.78 6.45
N ARG A 7 18.37 -3.06 7.56
CA ARG A 7 17.93 -4.08 8.51
C ARG A 7 17.57 -3.49 9.88
N GLU A 8 16.80 -2.40 9.90
CA GLU A 8 16.38 -1.78 11.18
C GLU A 8 15.10 -0.93 10.96
N SER A 9 14.35 -1.21 9.88
CA SER A 9 13.16 -0.42 9.57
C SER A 9 11.94 -1.34 9.39
N VAL A 10 10.79 -0.74 9.13
CA VAL A 10 9.56 -1.45 8.87
C VAL A 10 8.93 -0.81 7.66
N SER A 11 9.01 -1.50 6.55
CA SER A 11 8.57 -0.97 5.28
C SER A 11 7.06 -1.24 5.08
N ARG A 12 6.24 -0.17 4.93
CA ARG A 12 4.75 -0.36 4.80
C ARG A 12 4.15 0.55 3.68
N ILE A 13 2.95 0.20 3.13
CA ILE A 13 2.30 0.93 2.03
C ILE A 13 0.97 1.48 2.55
N TYR A 14 0.60 2.71 2.10
CA TYR A 14 -0.61 3.39 2.58
C TYR A 14 -1.75 3.35 1.52
N VAL A 15 -2.91 2.64 1.75
CA VAL A 15 -3.97 2.64 0.72
C VAL A 15 -5.34 3.05 1.36
N GLY A 16 -5.83 4.26 1.07
CA GLY A 16 -7.05 4.76 1.74
C GLY A 16 -8.04 5.42 0.80
N ASN A 17 -9.20 5.91 1.34
CA ASN A 17 -10.29 6.56 0.53
C ASN A 17 -10.74 5.71 -0.70
N LEU A 18 -10.51 4.40 -0.65
CA LEU A 18 -10.64 3.52 -1.80
C LEU A 18 -12.07 2.93 -1.88
N PRO A 19 -12.65 2.78 -3.11
CA PRO A 19 -13.98 2.17 -3.28
C PRO A 19 -14.00 0.69 -2.84
N SER A 20 -15.03 0.28 -2.04
CA SER A 20 -15.25 -1.10 -1.50
C SER A 20 -14.42 -1.35 -0.22
N HIS A 21 -13.16 -0.85 -0.21
CA HIS A 21 -12.15 -1.10 0.84
C HIS A 21 -11.72 -2.57 0.84
N VAL A 22 -10.43 -2.79 0.58
CA VAL A 22 -9.88 -4.15 0.58
C VAL A 22 -9.81 -4.63 2.09
N SER A 23 -10.57 -5.72 2.49
CA SER A 23 -10.56 -6.25 3.87
C SER A 23 -9.31 -7.14 4.10
N SER A 24 -8.84 -7.30 5.38
CA SER A 24 -7.57 -8.02 5.70
C SER A 24 -7.40 -9.40 5.04
N ARG A 25 -8.45 -10.25 5.01
CA ARG A 25 -8.36 -11.54 4.26
C ARG A 25 -7.92 -11.39 2.74
N ASP A 26 -8.55 -10.43 1.99
CA ASP A 26 -8.25 -10.25 0.56
C ASP A 26 -6.89 -9.61 0.33
N VAL A 27 -6.47 -8.66 1.21
CA VAL A 27 -5.16 -8.04 1.10
C VAL A 27 -4.06 -9.07 1.43
N GLU A 28 -4.19 -9.87 2.50
CA GLU A 28 -3.30 -11.07 2.64
C GLU A 28 -3.23 -11.91 1.35
N ASN A 29 -4.35 -12.49 0.83
CA ASN A 29 -4.19 -13.42 -0.35
C ASN A 29 -3.77 -12.71 -1.72
N GLU A 30 -4.62 -11.78 -2.23
CA GLU A 30 -4.30 -11.12 -3.49
C GLU A 30 -3.13 -10.13 -3.36
N PHE A 31 -2.92 -9.41 -2.22
CA PHE A 31 -1.74 -8.55 -2.20
C PHE A 31 -0.44 -9.35 -1.93
N ARG A 32 -0.48 -10.42 -1.08
CA ARG A 32 0.67 -11.41 -1.05
C ARG A 32 1.08 -11.99 -2.42
N LYS A 33 0.20 -12.16 -3.47
CA LYS A 33 0.84 -12.48 -4.82
C LYS A 33 1.89 -11.42 -5.20
N TYR A 34 1.57 -10.16 -5.07
CA TYR A 34 2.38 -9.11 -5.69
C TYR A 34 3.69 -8.83 -4.91
N GLY A 35 3.70 -8.86 -3.56
CA GLY A 35 4.96 -8.80 -2.81
C GLY A 35 4.87 -9.57 -1.50
N ASN A 36 5.93 -9.51 -0.67
CA ASN A 36 6.00 -10.45 0.45
C ASN A 36 5.54 -9.74 1.74
N ILE A 37 4.27 -9.97 2.12
CA ILE A 37 3.69 -9.34 3.35
C ILE A 37 4.19 -9.99 4.68
N LEU A 38 4.57 -9.13 5.67
CA LEU A 38 4.90 -9.62 7.04
C LEU A 38 3.75 -9.27 8.04
N LYS A 39 2.98 -8.19 7.73
CA LYS A 39 1.71 -7.86 8.43
C LYS A 39 0.78 -7.03 7.50
N CYS A 40 -0.55 -7.12 7.72
CA CYS A 40 -1.52 -6.30 6.98
C CYS A 40 -2.58 -5.83 7.96
N ASP A 41 -2.53 -4.56 8.32
CA ASP A 41 -3.50 -4.07 9.35
C ASP A 41 -4.52 -3.05 8.81
N VAL A 42 -5.77 -3.11 9.34
CA VAL A 42 -6.85 -2.18 9.00
C VAL A 42 -6.91 -1.07 10.09
N LYS A 43 -6.61 0.18 9.72
CA LYS A 43 -6.73 1.31 10.67
C LYS A 43 -7.84 2.28 10.11
N LYS A 44 -8.85 2.75 10.91
CA LYS A 44 -9.99 3.48 10.28
C LYS A 44 -10.18 4.83 11.03
N THR A 45 -10.51 5.97 10.34
CA THR A 45 -10.65 7.23 11.08
C THR A 45 -12.16 7.58 11.33
N VAL A 46 -12.41 8.66 12.12
CA VAL A 46 -13.78 9.09 12.49
C VAL A 46 -14.52 9.81 11.32
N SER A 47 -13.80 10.12 10.22
CA SER A 47 -14.38 10.88 9.09
C SER A 47 -15.02 9.92 8.06
N GLY A 48 -15.10 8.62 8.42
CA GLY A 48 -15.66 7.60 7.53
C GLY A 48 -14.70 7.05 6.46
N ALA A 49 -13.49 7.61 6.36
CA ALA A 49 -12.49 7.11 5.43
C ALA A 49 -11.72 5.92 6.06
N ALA A 50 -11.57 4.81 5.30
CA ALA A 50 -10.90 3.60 5.81
C ALA A 50 -9.50 3.49 5.19
N PHE A 51 -8.49 2.97 5.92
CA PHE A 51 -7.16 2.84 5.34
C PHE A 51 -6.66 1.41 5.57
N ALA A 52 -5.85 0.91 4.65
CA ALA A 52 -5.16 -0.33 4.92
C ALA A 52 -3.64 -0.11 4.83
N PHE A 53 -2.94 -0.69 5.82
CA PHE A 53 -1.54 -0.52 6.04
C PHE A 53 -0.83 -1.84 5.69
N ILE A 54 0.14 -1.83 4.74
CA ILE A 54 0.59 -3.11 4.14
C ILE A 54 2.10 -3.24 4.26
N GLU A 55 2.56 -4.12 5.12
CA GLU A 55 4.00 -4.18 5.45
C GLU A 55 4.75 -5.15 4.48
N PHE A 56 5.49 -4.57 3.50
CA PHE A 56 6.13 -5.34 2.41
C PHE A 56 7.66 -5.34 2.46
N GLU A 57 8.31 -6.49 2.12
CA GLU A 57 9.80 -6.48 2.00
C GLU A 57 10.29 -5.96 0.64
N ASP A 58 9.55 -6.24 -0.46
CA ASP A 58 9.96 -5.76 -1.78
C ASP A 58 8.87 -4.81 -2.32
N ALA A 59 9.21 -3.54 -2.63
CA ALA A 59 8.27 -2.69 -3.42
C ALA A 59 8.25 -2.97 -4.94
N ARG A 60 9.42 -3.24 -5.55
CA ARG A 60 9.55 -3.28 -7.05
C ARG A 60 8.63 -4.36 -7.73
N ASP A 61 8.49 -5.57 -7.14
CA ASP A 61 7.46 -6.55 -7.60
C ASP A 61 5.96 -6.15 -7.30
N ALA A 62 5.63 -5.74 -6.04
CA ALA A 62 4.30 -5.17 -5.64
C ALA A 62 3.79 -3.95 -6.51
N ALA A 63 4.74 -3.27 -7.19
CA ALA A 63 4.50 -2.18 -8.16
C ALA A 63 3.40 -2.50 -9.23
N ASP A 64 3.21 -3.78 -9.72
CA ASP A 64 1.99 -4.14 -10.55
C ASP A 64 0.69 -3.75 -9.83
N ALA A 65 0.48 -4.19 -8.58
CA ALA A 65 -0.75 -3.81 -7.83
C ALA A 65 -0.82 -2.33 -7.58
N ILE A 66 0.29 -1.71 -7.17
CA ILE A 66 0.21 -0.31 -6.80
C ILE A 66 -0.09 0.63 -8.00
N LYS A 67 0.48 0.39 -9.20
CA LYS A 67 0.03 1.07 -10.43
C LYS A 67 -1.40 0.69 -10.85
N GLU A 68 -1.82 -0.55 -10.59
CA GLU A 68 -3.13 -1.01 -11.05
C GLU A 68 -4.26 -0.45 -10.14
N LYS A 69 -3.89 0.04 -8.94
CA LYS A 69 -4.83 0.78 -8.13
C LYS A 69 -4.43 2.30 -8.06
N ASP A 70 -3.47 2.75 -8.94
CA ASP A 70 -2.93 4.15 -8.93
C ASP A 70 -3.87 5.14 -9.58
N GLY A 71 -3.72 6.44 -9.29
CA GLY A 71 -4.79 7.35 -9.55
C GLY A 71 -5.37 8.01 -8.30
N CYS A 72 -4.54 8.21 -7.21
CA CYS A 72 -5.05 8.76 -5.92
C CYS A 72 -5.88 10.03 -6.12
N ASP A 73 -7.08 9.96 -5.56
CA ASP A 73 -8.08 10.99 -5.77
C ASP A 73 -8.80 11.39 -4.47
N PHE A 74 -9.13 12.69 -4.38
CA PHE A 74 -9.59 13.36 -3.19
C PHE A 74 -10.57 14.44 -3.68
N GLU A 75 -11.59 14.75 -2.87
CA GLU A 75 -12.58 15.82 -3.16
C GLU A 75 -13.55 15.45 -4.31
N GLY A 76 -14.34 14.39 -4.06
CA GLY A 76 -15.44 13.99 -4.96
C GLY A 76 -15.14 12.87 -5.94
N ASN A 77 -13.88 12.52 -6.16
CA ASN A 77 -13.56 11.17 -6.67
C ASN A 77 -12.82 10.48 -5.53
N LYS A 78 -13.34 9.35 -5.03
CA LYS A 78 -12.71 8.74 -3.83
C LYS A 78 -11.71 7.62 -4.25
N LEU A 79 -10.34 7.84 -4.25
CA LEU A 79 -9.42 6.72 -4.65
C LEU A 79 -7.91 6.89 -4.23
N ARG A 80 -7.46 6.77 -2.95
CA ARG A 80 -6.03 7.05 -2.58
C ARG A 80 -5.17 5.73 -2.53
N VAL A 81 -4.12 5.58 -3.39
CA VAL A 81 -3.20 4.44 -3.26
C VAL A 81 -1.74 5.00 -3.32
N GLU A 82 -0.86 4.83 -2.26
CA GLU A 82 0.46 5.49 -2.26
C GLU A 82 1.54 4.66 -1.55
N VAL A 83 2.70 4.57 -2.21
CA VAL A 83 3.91 4.02 -1.64
C VAL A 83 4.79 5.09 -0.99
N PRO A 84 5.16 4.91 0.29
CA PRO A 84 6.23 5.69 0.90
C PRO A 84 7.61 5.06 0.64
N PHE A 85 7.71 4.31 -0.45
CA PHE A 85 8.99 3.71 -0.89
C PHE A 85 9.47 4.37 -2.16
N ASN A 86 8.50 4.86 -2.95
CA ASN A 86 8.77 5.41 -4.31
C ASN A 86 9.51 4.40 -5.22
N ALA A 87 8.98 3.15 -5.36
CA ALA A 87 9.59 2.02 -6.11
C ALA A 87 10.86 1.45 -5.45
N ARG A 88 11.28 2.07 -4.32
CA ARG A 88 12.53 1.78 -3.58
C ARG A 88 13.74 2.38 -4.34
N GLU A 89 14.62 3.06 -3.59
CA GLU A 89 15.76 3.76 -4.15
C GLU A 89 16.96 2.80 -4.20
N GLY A 1 12.44 9.02 -5.11
CA GLY A 1 13.88 8.69 -5.24
C GLY A 1 14.12 7.20 -5.25
N SER A 2 15.37 6.79 -5.07
CA SER A 2 15.73 5.37 -4.99
C SER A 2 17.04 5.19 -4.21
N HIS A 3 17.13 4.09 -3.46
CA HIS A 3 18.34 3.73 -2.70
C HIS A 3 18.60 2.24 -2.86
N MET A 4 19.85 1.81 -2.67
CA MET A 4 20.19 0.38 -2.69
C MET A 4 20.97 0.00 -1.43
N VAL A 5 20.95 0.88 -0.43
CA VAL A 5 21.67 0.67 0.82
C VAL A 5 20.69 0.75 2.00
N ILE A 6 21.23 0.71 3.24
CA ILE A 6 20.45 0.82 4.49
C ILE A 6 19.60 -0.45 4.68
N ARG A 7 20.27 -1.54 5.14
CA ARG A 7 19.58 -2.80 5.43
C ARG A 7 18.94 -2.76 6.83
N GLU A 8 17.67 -2.26 6.90
CA GLU A 8 16.95 -2.00 8.17
C GLU A 8 15.59 -1.35 7.84
N SER A 9 14.73 -1.17 8.86
CA SER A 9 13.37 -0.59 8.72
C SER A 9 12.41 -1.63 8.11
N VAL A 10 11.31 -1.17 7.50
CA VAL A 10 10.28 -2.08 6.97
C VAL A 10 9.53 -1.40 5.81
N SER A 11 9.32 -2.16 4.73
CA SER A 11 8.62 -1.66 3.55
C SER A 11 7.10 -1.77 3.76
N ARG A 12 6.35 -0.66 3.55
CA ARG A 12 4.87 -0.69 3.76
C ARG A 12 4.12 0.13 2.68
N ILE A 13 2.78 -0.11 2.45
CA ILE A 13 2.00 0.78 1.59
C ILE A 13 0.96 1.48 2.46
N TYR A 14 0.80 2.79 2.17
CA TYR A 14 -0.27 3.60 2.78
C TYR A 14 -1.42 3.80 1.75
N VAL A 15 -2.66 3.27 1.98
CA VAL A 15 -3.73 3.47 0.99
C VAL A 15 -4.97 4.09 1.68
N GLY A 16 -5.23 5.41 1.45
CA GLY A 16 -6.39 6.06 2.06
C GLY A 16 -7.41 6.53 1.01
N ASN A 17 -8.62 6.91 1.46
CA ASN A 17 -9.74 7.34 0.55
C ASN A 17 -10.06 6.32 -0.60
N LEU A 18 -9.72 5.03 -0.40
CA LEU A 18 -9.99 3.97 -1.39
C LEU A 18 -11.48 3.59 -1.38
N PRO A 19 -12.10 3.41 -2.57
CA PRO A 19 -13.49 2.94 -2.66
C PRO A 19 -13.60 1.44 -2.32
N SER A 20 -14.48 1.06 -1.34
CA SER A 20 -14.62 -0.34 -0.83
C SER A 20 -13.28 -0.84 -0.23
N HIS A 21 -13.20 -0.80 1.12
CA HIS A 21 -11.97 -1.18 1.82
C HIS A 21 -11.64 -2.68 1.64
N VAL A 22 -10.38 -2.94 1.31
CA VAL A 22 -9.85 -4.28 1.03
C VAL A 22 -9.92 -5.17 2.32
N SER A 23 -10.66 -6.34 2.30
CA SER A 23 -10.81 -7.18 3.52
C SER A 23 -9.55 -8.04 3.75
N SER A 24 -9.28 -8.44 5.03
CA SER A 24 -8.05 -9.17 5.42
C SER A 24 -7.66 -10.37 4.52
N ARG A 25 -8.61 -11.28 4.21
CA ARG A 25 -8.34 -12.40 3.27
C ARG A 25 -7.79 -11.97 1.85
N ASP A 26 -8.43 -10.93 1.22
CA ASP A 26 -7.99 -10.39 -0.09
C ASP A 26 -6.60 -9.77 0.02
N VAL A 27 -6.25 -9.11 1.18
CA VAL A 27 -4.91 -8.63 1.38
C VAL A 27 -3.92 -9.78 1.48
N GLU A 28 -4.22 -10.88 2.26
CA GLU A 28 -3.28 -11.98 2.30
C GLU A 28 -2.99 -12.51 0.88
N ASN A 29 -3.98 -12.93 0.06
CA ASN A 29 -3.55 -13.49 -1.25
C ASN A 29 -3.23 -12.46 -2.38
N GLU A 30 -4.21 -11.59 -2.72
CA GLU A 30 -3.98 -10.66 -3.81
C GLU A 30 -2.91 -9.61 -3.44
N PHE A 31 -2.72 -9.28 -2.13
CA PHE A 31 -1.62 -8.41 -1.81
C PHE A 31 -0.28 -9.14 -1.49
N ARG A 32 -0.30 -10.46 -1.06
CA ARG A 32 0.96 -11.27 -1.10
C ARG A 32 1.61 -11.27 -2.48
N LYS A 33 0.84 -11.12 -3.59
CA LYS A 33 1.52 -10.86 -4.92
C LYS A 33 2.53 -9.68 -4.89
N TYR A 34 2.34 -8.67 -4.03
CA TYR A 34 3.10 -7.42 -4.18
C TYR A 34 4.53 -7.55 -3.60
N GLY A 35 4.71 -8.15 -2.42
CA GLY A 35 6.05 -8.61 -2.10
C GLY A 35 6.14 -9.48 -0.88
N ASN A 36 5.20 -10.46 -0.75
CA ASN A 36 5.13 -11.38 0.40
C ASN A 36 4.92 -10.59 1.71
N ILE A 37 3.66 -10.34 2.01
CA ILE A 37 3.28 -9.55 3.21
C ILE A 37 3.61 -10.30 4.55
N LEU A 38 4.15 -9.57 5.58
CA LEU A 38 4.36 -10.18 6.92
C LEU A 38 3.26 -9.68 7.89
N LYS A 39 2.71 -8.48 7.61
CA LYS A 39 1.75 -7.81 8.51
C LYS A 39 0.76 -6.94 7.68
N CYS A 40 -0.58 -6.94 7.98
CA CYS A 40 -1.54 -6.09 7.28
C CYS A 40 -2.55 -5.55 8.27
N ASP A 41 -2.50 -4.27 8.56
CA ASP A 41 -3.54 -3.72 9.50
C ASP A 41 -4.56 -2.82 8.79
N VAL A 42 -5.82 -2.86 9.29
CA VAL A 42 -6.90 -1.99 8.77
C VAL A 42 -7.28 -1.06 9.90
N LYS A 43 -6.95 0.23 9.75
CA LYS A 43 -7.29 1.19 10.78
C LYS A 43 -8.21 2.32 10.19
N LYS A 44 -9.28 2.77 10.91
CA LYS A 44 -10.28 3.65 10.24
C LYS A 44 -10.43 4.95 11.08
N THR A 45 -10.63 6.15 10.49
CA THR A 45 -10.74 7.34 11.31
C THR A 45 -12.24 7.75 11.51
N VAL A 46 -12.51 8.74 12.38
CA VAL A 46 -13.88 9.21 12.68
C VAL A 46 -14.46 10.10 11.54
N SER A 47 -13.60 10.49 10.56
CA SER A 47 -14.03 11.38 9.46
C SER A 47 -14.58 10.55 8.28
N GLY A 48 -14.73 9.22 8.50
CA GLY A 48 -15.26 8.32 7.48
C GLY A 48 -14.25 7.82 6.42
N ALA A 49 -13.01 8.30 6.46
CA ALA A 49 -11.96 7.80 5.55
C ALA A 49 -11.27 6.57 6.17
N ALA A 50 -11.11 5.48 5.38
CA ALA A 50 -10.48 4.25 5.89
C ALA A 50 -9.07 4.15 5.34
N PHE A 51 -8.10 3.59 6.09
CA PHE A 51 -6.75 3.48 5.54
C PHE A 51 -6.30 2.03 5.67
N ALA A 52 -5.51 1.56 4.73
CA ALA A 52 -4.91 0.25 4.88
C ALA A 52 -3.39 0.35 4.83
N PHE A 53 -2.73 -0.42 5.72
CA PHE A 53 -1.33 -0.28 6.02
C PHE A 53 -0.68 -1.65 5.79
N ILE A 54 0.27 -1.79 4.82
CA ILE A 54 0.62 -3.15 4.34
C ILE A 54 2.12 -3.40 4.20
N GLU A 55 2.62 -4.29 5.05
CA GLU A 55 4.07 -4.54 5.20
C GLU A 55 4.59 -5.64 4.24
N PHE A 56 5.37 -5.27 3.20
CA PHE A 56 5.95 -6.25 2.25
C PHE A 56 7.47 -6.41 2.43
N GLU A 57 8.03 -7.57 2.03
CA GLU A 57 9.51 -7.77 2.04
C GLU A 57 10.22 -7.18 0.79
N ASP A 58 9.53 -7.06 -0.35
CA ASP A 58 10.16 -6.54 -1.54
C ASP A 58 9.48 -5.24 -1.98
N ALA A 59 10.23 -4.12 -2.05
CA ALA A 59 9.68 -2.89 -2.62
C ALA A 59 9.58 -2.87 -4.17
N ARG A 60 10.54 -3.48 -4.94
CA ARG A 60 10.56 -3.20 -6.39
C ARG A 60 9.51 -4.03 -7.20
N ASP A 61 9.16 -5.28 -6.74
CA ASP A 61 8.09 -6.10 -7.41
C ASP A 61 6.69 -5.41 -7.36
N ALA A 62 6.27 -4.96 -6.16
CA ALA A 62 5.01 -4.25 -5.93
C ALA A 62 4.76 -2.97 -6.80
N ALA A 63 5.84 -2.31 -7.29
CA ALA A 63 5.79 -1.09 -8.17
C ALA A 63 4.86 -1.24 -9.44
N ASP A 64 4.89 -2.42 -10.17
CA ASP A 64 3.87 -2.73 -11.24
C ASP A 64 2.40 -2.62 -10.78
N ALA A 65 2.10 -3.22 -9.65
CA ALA A 65 0.75 -3.14 -9.14
C ALA A 65 0.42 -1.73 -8.59
N ILE A 66 1.41 -1.02 -8.02
CA ILE A 66 1.12 0.27 -7.46
C ILE A 66 0.88 1.34 -8.54
N LYS A 67 1.66 1.38 -9.66
CA LYS A 67 1.22 2.10 -10.87
C LYS A 67 -0.13 1.58 -11.45
N GLU A 68 -0.47 0.26 -11.38
CA GLU A 68 -1.83 -0.17 -11.86
C GLU A 68 -2.99 0.42 -10.99
N LYS A 69 -2.75 0.80 -9.70
CA LYS A 69 -3.70 1.75 -9.01
C LYS A 69 -3.17 3.21 -8.71
N ASP A 70 -2.07 3.67 -9.35
CA ASP A 70 -1.48 5.01 -9.04
C ASP A 70 -2.20 6.17 -9.69
N GLY A 71 -2.01 7.38 -9.15
CA GLY A 71 -2.97 8.41 -9.39
C GLY A 71 -3.70 8.90 -8.16
N CYS A 72 -3.02 8.83 -6.96
CA CYS A 72 -3.64 9.25 -5.70
C CYS A 72 -4.21 10.65 -5.80
N ASP A 73 -5.52 10.78 -5.46
CA ASP A 73 -6.20 12.04 -5.63
C ASP A 73 -6.98 12.44 -4.36
N PHE A 74 -7.10 13.79 -4.19
CA PHE A 74 -7.56 14.49 -3.00
C PHE A 74 -8.30 15.76 -3.48
N GLU A 75 -9.35 16.21 -2.75
CA GLU A 75 -10.18 17.39 -3.14
C GLU A 75 -11.12 17.08 -4.34
N GLY A 76 -12.03 16.14 -4.10
CA GLY A 76 -13.16 15.87 -5.02
C GLY A 76 -13.00 14.68 -5.97
N ASN A 77 -11.81 14.13 -6.13
CA ASN A 77 -11.68 12.72 -6.54
C ASN A 77 -11.09 11.96 -5.35
N LYS A 78 -11.79 10.94 -4.86
CA LYS A 78 -11.29 10.23 -3.64
C LYS A 78 -10.45 9.00 -4.06
N LEU A 79 -9.09 9.03 -4.01
CA LEU A 79 -8.33 7.83 -4.46
C LEU A 79 -6.84 7.88 -4.02
N ARG A 80 -6.45 7.81 -2.73
CA ARG A 80 -5.04 8.00 -2.38
C ARG A 80 -4.33 6.62 -2.24
N VAL A 81 -3.41 6.25 -3.17
CA VAL A 81 -2.56 5.08 -2.98
C VAL A 81 -1.10 5.54 -3.06
N GLU A 82 -0.28 5.43 -1.97
CA GLU A 82 1.12 5.80 -2.09
C GLU A 82 2.01 4.81 -1.35
N VAL A 83 3.17 4.55 -1.95
CA VAL A 83 4.22 3.83 -1.28
C VAL A 83 5.13 4.80 -0.49
N PRO A 84 5.26 4.58 0.83
CA PRO A 84 6.39 5.10 1.61
C PRO A 84 7.54 4.08 1.67
N PHE A 85 7.70 3.30 0.59
CA PHE A 85 8.77 2.31 0.55
C PHE A 85 9.59 2.40 -0.75
N ASN A 86 9.38 3.46 -1.54
CA ASN A 86 9.92 3.51 -2.93
C ASN A 86 11.43 3.86 -2.94
N ALA A 87 12.28 2.92 -2.46
CA ALA A 87 13.73 3.07 -2.44
C ALA A 87 14.39 1.72 -2.05
N ARG A 88 13.81 0.62 -2.60
CA ARG A 88 14.24 -0.80 -2.38
C ARG A 88 14.01 -1.31 -0.93
N GLU A 89 14.84 -0.90 0.04
CA GLU A 89 14.57 -1.17 1.45
C GLU A 89 14.82 0.11 2.26
N GLY A 1 9.24 1.56 -12.07
CA GLY A 1 10.42 1.81 -11.19
C GLY A 1 11.10 0.52 -10.79
N SER A 2 12.44 0.52 -10.80
CA SER A 2 13.22 -0.68 -10.50
C SER A 2 14.51 -0.31 -9.75
N HIS A 3 14.70 -0.91 -8.57
CA HIS A 3 15.91 -0.72 -7.75
C HIS A 3 16.17 -1.96 -6.87
N MET A 4 17.45 -2.20 -6.55
CA MET A 4 17.86 -3.29 -5.65
C MET A 4 19.20 -2.96 -4.92
N VAL A 5 19.11 -2.41 -3.70
CA VAL A 5 20.29 -2.11 -2.87
C VAL A 5 20.08 -2.68 -1.45
N ILE A 6 21.19 -3.05 -0.78
CA ILE A 6 21.14 -3.52 0.61
C ILE A 6 20.79 -2.37 1.59
N ARG A 7 19.51 -2.30 1.98
CA ARG A 7 19.10 -1.47 3.09
C ARG A 7 18.12 -2.26 3.98
N GLU A 8 18.08 -1.94 5.28
CA GLU A 8 17.34 -2.77 6.23
C GLU A 8 16.10 -2.02 6.79
N SER A 9 14.89 -2.31 6.25
CA SER A 9 13.68 -1.57 6.63
C SER A 9 12.44 -2.49 6.42
N VAL A 10 11.23 -1.93 6.53
CA VAL A 10 9.98 -2.64 6.25
C VAL A 10 9.13 -1.74 5.41
N SER A 11 8.91 -2.18 4.20
CA SER A 11 8.22 -1.36 3.21
C SER A 11 6.69 -1.50 3.40
N ARG A 12 5.98 -0.37 3.58
CA ARG A 12 4.55 -0.44 3.98
C ARG A 12 3.65 0.36 2.99
N ILE A 13 2.36 -0.03 2.79
CA ILE A 13 1.51 0.64 1.79
C ILE A 13 0.34 1.31 2.51
N TYR A 14 0.02 2.57 2.07
CA TYR A 14 -1.14 3.29 2.63
C TYR A 14 -2.32 3.32 1.58
N VAL A 15 -3.48 2.65 1.85
CA VAL A 15 -4.61 2.71 0.89
C VAL A 15 -5.90 3.19 1.65
N GLY A 16 -6.28 4.48 1.47
CA GLY A 16 -7.50 4.98 2.12
C GLY A 16 -8.58 5.45 1.13
N ASN A 17 -9.77 5.84 1.66
CA ASN A 17 -10.91 6.34 0.83
C ASN A 17 -11.33 5.45 -0.37
N LEU A 18 -11.12 4.13 -0.30
CA LEU A 18 -11.49 3.23 -1.40
C LEU A 18 -12.98 2.80 -1.27
N PRO A 19 -13.68 2.50 -2.38
CA PRO A 19 -15.07 2.03 -2.29
C PRO A 19 -15.16 0.49 -2.02
N SER A 20 -15.96 0.08 -0.96
CA SER A 20 -16.23 -1.32 -0.46
C SER A 20 -15.65 -1.52 0.94
N HIS A 21 -14.55 -0.79 1.24
CA HIS A 21 -13.69 -1.03 2.42
C HIS A 21 -12.92 -2.36 2.26
N VAL A 22 -11.64 -2.23 1.95
CA VAL A 22 -10.77 -3.39 1.78
C VAL A 22 -10.38 -3.95 3.18
N SER A 23 -10.77 -5.22 3.46
CA SER A 23 -10.45 -5.87 4.73
C SER A 23 -8.99 -6.43 4.63
N SER A 24 -8.28 -6.71 5.78
CA SER A 24 -6.90 -7.21 5.75
C SER A 24 -6.65 -8.43 4.84
N ARG A 25 -7.59 -9.41 4.80
CA ARG A 25 -7.43 -10.58 3.88
C ARG A 25 -7.35 -10.24 2.35
N ASP A 26 -8.06 -9.19 1.85
CA ASP A 26 -8.01 -8.79 0.42
C ASP A 26 -6.62 -8.22 0.04
N VAL A 27 -6.18 -7.19 0.84
CA VAL A 27 -4.85 -6.56 0.69
C VAL A 27 -3.72 -7.60 0.83
N GLU A 28 -3.72 -8.35 1.96
CA GLU A 28 -2.84 -9.52 2.15
C GLU A 28 -2.84 -10.55 0.97
N ASN A 29 -3.97 -10.99 0.39
CA ASN A 29 -3.91 -12.01 -0.70
C ASN A 29 -3.33 -11.42 -2.04
N GLU A 30 -3.96 -10.31 -2.60
CA GLU A 30 -3.46 -9.70 -3.86
C GLU A 30 -1.99 -9.27 -3.73
N PHE A 31 -1.54 -8.72 -2.58
CA PHE A 31 -0.15 -8.29 -2.50
C PHE A 31 0.82 -9.44 -2.15
N ARG A 32 0.41 -10.41 -1.28
CA ARG A 32 1.21 -11.67 -1.03
C ARG A 32 1.57 -12.37 -2.33
N LYS A 33 0.65 -12.39 -3.36
CA LYS A 33 1.00 -13.22 -4.52
C LYS A 33 2.12 -12.64 -5.35
N TYR A 34 2.22 -11.34 -5.37
CA TYR A 34 3.28 -10.66 -6.09
C TYR A 34 4.60 -10.60 -5.26
N GLY A 35 4.53 -10.22 -3.97
CA GLY A 35 5.68 -10.35 -3.08
C GLY A 35 5.26 -10.57 -1.64
N ASN A 36 6.02 -11.41 -0.91
CA ASN A 36 5.59 -11.95 0.40
C ASN A 36 5.38 -10.86 1.46
N ILE A 37 4.13 -10.76 1.95
CA ILE A 37 3.77 -9.85 3.08
C ILE A 37 4.36 -10.36 4.43
N LEU A 38 4.86 -9.45 5.31
CA LEU A 38 5.23 -9.88 6.68
C LEU A 38 4.18 -9.45 7.75
N LYS A 39 3.41 -8.39 7.47
CA LYS A 39 2.43 -7.81 8.41
C LYS A 39 1.34 -7.07 7.61
N CYS A 40 0.03 -7.22 7.94
CA CYS A 40 -1.01 -6.43 7.25
C CYS A 40 -2.13 -6.11 8.20
N ASP A 41 -2.29 -4.83 8.46
CA ASP A 41 -3.30 -4.41 9.44
C ASP A 41 -4.23 -3.30 8.88
N VAL A 42 -5.48 -3.25 9.35
CA VAL A 42 -6.48 -2.27 8.86
C VAL A 42 -6.92 -1.31 10.00
N LYS A 43 -6.60 0.01 9.82
CA LYS A 43 -6.71 1.08 10.84
C LYS A 43 -7.91 2.00 10.42
N LYS A 44 -8.76 2.55 11.33
CA LYS A 44 -9.91 3.36 10.84
C LYS A 44 -9.96 4.73 11.60
N THR A 45 -10.31 5.88 10.94
CA THR A 45 -10.40 7.13 11.71
C THR A 45 -11.89 7.49 12.04
N VAL A 46 -12.14 8.60 12.81
CA VAL A 46 -13.48 9.01 13.27
C VAL A 46 -14.32 9.69 12.13
N SER A 47 -13.69 10.01 10.99
CA SER A 47 -14.35 10.77 9.91
C SER A 47 -15.05 9.84 8.91
N GLY A 48 -15.00 8.53 9.18
CA GLY A 48 -15.63 7.53 8.31
C GLY A 48 -14.80 7.10 7.10
N ALA A 49 -13.66 7.75 6.86
CA ALA A 49 -12.67 7.24 5.90
C ALA A 49 -11.86 6.10 6.57
N ALA A 50 -11.70 4.97 5.87
CA ALA A 50 -11.08 3.78 6.45
C ALA A 50 -9.79 3.46 5.68
N PHE A 51 -8.73 2.94 6.36
CA PHE A 51 -7.40 2.85 5.74
C PHE A 51 -6.84 1.43 5.86
N ALA A 52 -6.00 1.01 4.90
CA ALA A 52 -5.36 -0.30 4.99
C ALA A 52 -3.85 -0.21 4.77
N PHE A 53 -3.13 -1.09 5.47
CA PHE A 53 -1.72 -0.89 5.75
C PHE A 53 -1.02 -2.21 5.42
N ILE A 54 -0.14 -2.23 4.39
CA ILE A 54 0.45 -3.55 3.97
C ILE A 54 1.94 -3.47 4.01
N GLU A 55 2.50 -4.17 4.95
CA GLU A 55 3.92 -4.12 5.21
C GLU A 55 4.60 -5.46 4.78
N PHE A 56 5.28 -5.40 3.62
CA PHE A 56 5.86 -6.61 3.02
C PHE A 56 7.42 -6.60 3.04
N GLU A 57 8.06 -7.80 2.88
CA GLU A 57 9.54 -7.89 2.75
C GLU A 57 10.03 -7.34 1.40
N ASP A 58 9.35 -7.65 0.29
CA ASP A 58 9.81 -7.12 -0.98
C ASP A 58 8.79 -6.13 -1.53
N ALA A 59 9.21 -4.86 -1.61
CA ALA A 59 8.43 -3.85 -2.33
C ALA A 59 8.48 -3.91 -3.87
N ARG A 60 9.53 -4.53 -4.50
CA ARG A 60 9.65 -4.42 -5.98
C ARG A 60 8.65 -5.32 -6.78
N ASP A 61 8.36 -6.60 -6.40
CA ASP A 61 7.34 -7.37 -7.18
C ASP A 61 5.81 -7.04 -6.90
N ALA A 62 5.38 -6.72 -5.66
CA ALA A 62 3.99 -6.38 -5.31
C ALA A 62 3.59 -4.92 -5.79
N ALA A 63 4.64 -4.15 -6.13
CA ALA A 63 4.54 -2.91 -6.96
C ALA A 63 3.63 -3.06 -8.24
N ASP A 64 3.59 -4.25 -8.94
CA ASP A 64 2.51 -4.54 -9.95
C ASP A 64 1.07 -4.36 -9.38
N ALA A 65 0.72 -5.02 -8.26
CA ALA A 65 -0.60 -4.75 -7.58
C ALA A 65 -0.78 -3.29 -7.18
N ILE A 66 0.29 -2.61 -6.76
CA ILE A 66 0.11 -1.21 -6.31
C ILE A 66 -0.13 -0.21 -7.48
N LYS A 67 0.64 -0.26 -8.60
CA LYS A 67 0.22 0.39 -9.88
C LYS A 67 -1.17 -0.08 -10.42
N GLU A 68 -1.58 -1.33 -10.16
CA GLU A 68 -2.85 -1.82 -10.68
C GLU A 68 -4.04 -1.32 -9.82
N LYS A 69 -3.79 -0.92 -8.58
CA LYS A 69 -4.74 -0.11 -7.82
C LYS A 69 -4.38 1.45 -7.85
N ASP A 70 -3.39 1.93 -8.70
CA ASP A 70 -2.91 3.36 -8.68
C ASP A 70 -3.81 4.35 -9.40
N GLY A 71 -3.67 5.64 -9.09
CA GLY A 71 -4.70 6.56 -9.48
C GLY A 71 -5.43 7.23 -8.35
N CYS A 72 -4.74 7.46 -7.19
CA CYS A 72 -5.36 7.98 -5.97
C CYS A 72 -6.18 9.24 -6.23
N ASP A 73 -7.47 9.18 -5.83
CA ASP A 73 -8.35 10.30 -6.10
C ASP A 73 -9.18 10.69 -4.87
N PHE A 74 -9.51 12.01 -4.82
CA PHE A 74 -10.11 12.72 -3.70
C PHE A 74 -11.01 13.80 -4.31
N GLU A 75 -12.15 14.13 -3.66
CA GLU A 75 -13.15 15.10 -4.20
C GLU A 75 -13.98 14.53 -5.37
N GLY A 76 -14.76 13.49 -5.05
CA GLY A 76 -15.80 12.98 -5.96
C GLY A 76 -15.44 11.77 -6.82
N ASN A 77 -14.17 11.41 -6.89
CA ASN A 77 -13.81 10.01 -7.14
C ASN A 77 -13.14 9.51 -5.89
N LYS A 78 -13.69 8.46 -5.27
CA LYS A 78 -13.11 7.99 -4.00
C LYS A 78 -12.13 6.84 -4.28
N LEU A 79 -10.78 7.06 -4.23
CA LEU A 79 -9.82 5.93 -4.49
C LEU A 79 -8.36 6.30 -4.11
N ARG A 80 -7.96 6.47 -2.81
CA ARG A 80 -6.60 7.00 -2.52
C ARG A 80 -5.62 5.80 -2.27
N VAL A 81 -4.67 5.51 -3.20
CA VAL A 81 -3.72 4.43 -3.00
C VAL A 81 -2.26 4.98 -3.21
N GLU A 82 -1.34 4.94 -2.19
CA GLU A 82 0.02 5.45 -2.38
C GLU A 82 1.03 4.63 -1.54
N VAL A 83 2.23 4.44 -2.10
CA VAL A 83 3.36 3.95 -1.33
C VAL A 83 4.15 5.10 -0.69
N PRO A 84 4.33 5.06 0.65
CA PRO A 84 5.28 5.94 1.36
C PRO A 84 6.72 5.39 1.43
N PHE A 85 7.12 4.61 0.41
CA PHE A 85 8.48 4.07 0.36
C PHE A 85 9.18 4.35 -0.99
N ASN A 86 8.36 4.49 -2.06
CA ASN A 86 8.82 4.69 -3.47
C ASN A 86 9.78 3.56 -3.97
N ALA A 87 9.20 2.37 -4.34
CA ALA A 87 9.97 1.20 -4.85
C ALA A 87 10.92 0.66 -3.75
N ARG A 88 12.08 0.11 -4.11
CA ARG A 88 12.98 -0.44 -3.06
C ARG A 88 14.41 0.11 -3.25
N GLU A 89 14.69 1.29 -2.65
CA GLU A 89 15.89 2.06 -3.01
C GLU A 89 17.05 1.64 -2.11
N GLY A 1 20.44 7.87 -9.38
CA GLY A 1 21.11 7.12 -8.29
C GLY A 1 20.18 6.16 -7.60
N SER A 2 20.74 5.14 -6.94
CA SER A 2 19.94 4.11 -6.29
C SER A 2 20.08 4.19 -4.77
N HIS A 3 21.16 3.56 -4.22
CA HIS A 3 21.45 3.45 -2.76
C HIS A 3 20.43 2.56 -2.07
N MET A 4 20.73 1.27 -1.95
CA MET A 4 19.77 0.32 -1.37
C MET A 4 20.18 -0.02 0.06
N VAL A 5 19.19 -0.52 0.86
CA VAL A 5 19.35 -1.00 2.27
C VAL A 5 19.47 0.17 3.27
N ILE A 6 20.55 0.96 3.10
CA ILE A 6 20.92 2.15 3.91
C ILE A 6 21.37 1.76 5.35
N ARG A 7 20.45 1.23 6.20
CA ARG A 7 20.74 1.04 7.65
C ARG A 7 19.53 0.36 8.35
N GLU A 8 18.91 -0.62 7.63
CA GLU A 8 17.81 -1.51 8.13
C GLU A 8 16.44 -0.78 8.12
N SER A 9 15.42 -1.28 7.40
CA SER A 9 14.16 -0.54 7.27
C SER A 9 12.96 -1.50 7.06
N VAL A 10 11.72 -0.98 7.21
CA VAL A 10 10.50 -1.78 7.01
C VAL A 10 9.70 -1.23 5.79
N SER A 11 9.52 -2.10 4.78
CA SER A 11 8.85 -1.67 3.54
C SER A 11 7.31 -1.80 3.64
N ARG A 12 6.62 -0.65 3.44
CA ARG A 12 5.16 -0.56 3.67
C ARG A 12 4.40 0.38 2.65
N ILE A 13 3.08 0.15 2.36
CA ILE A 13 2.32 1.04 1.45
C ILE A 13 1.22 1.71 2.27
N TYR A 14 1.08 3.03 2.05
CA TYR A 14 0.06 3.87 2.69
C TYR A 14 -1.15 4.09 1.73
N VAL A 15 -2.41 3.70 2.11
CA VAL A 15 -3.56 3.89 1.22
C VAL A 15 -4.64 4.70 1.95
N GLY A 16 -4.89 5.94 1.54
CA GLY A 16 -6.01 6.68 2.15
C GLY A 16 -7.16 6.88 1.18
N ASN A 17 -8.36 7.23 1.70
CA ASN A 17 -9.59 7.48 0.86
C ASN A 17 -9.97 6.39 -0.17
N LEU A 18 -9.51 5.15 0.05
CA LEU A 18 -9.97 3.98 -0.71
C LEU A 18 -11.44 3.66 -0.40
N PRO A 19 -12.30 3.57 -1.44
CA PRO A 19 -13.66 3.05 -1.28
C PRO A 19 -13.72 1.52 -1.53
N SER A 20 -14.21 0.72 -0.53
CA SER A 20 -14.21 -0.76 -0.55
C SER A 20 -12.99 -1.39 -1.24
N HIS A 21 -13.17 -1.83 -2.52
CA HIS A 21 -12.15 -2.49 -3.38
C HIS A 21 -11.51 -3.72 -2.69
N VAL A 22 -10.43 -3.52 -1.94
CA VAL A 22 -9.83 -4.64 -1.23
C VAL A 22 -10.33 -4.64 0.27
N SER A 23 -11.07 -5.70 0.74
CA SER A 23 -11.31 -5.86 2.20
C SER A 23 -10.06 -6.54 2.84
N SER A 24 -9.95 -6.64 4.20
CA SER A 24 -8.73 -7.13 4.90
C SER A 24 -8.13 -8.45 4.30
N ARG A 25 -9.02 -9.46 4.11
CA ARG A 25 -8.61 -10.76 3.54
C ARG A 25 -8.00 -10.65 2.09
N ASP A 26 -8.59 -9.85 1.17
CA ASP A 26 -7.95 -9.59 -0.12
C ASP A 26 -6.79 -8.57 -0.06
N VAL A 27 -6.60 -7.65 1.01
CA VAL A 27 -5.30 -7.00 1.15
C VAL A 27 -4.24 -8.09 1.35
N GLU A 28 -4.51 -9.12 2.22
CA GLU A 28 -3.58 -10.23 2.33
C GLU A 28 -3.37 -10.97 0.99
N ASN A 29 -4.41 -11.48 0.25
CA ASN A 29 -4.12 -12.30 -0.98
C ASN A 29 -3.61 -11.46 -2.21
N GLU A 30 -4.40 -10.41 -2.65
CA GLU A 30 -3.97 -9.55 -3.75
C GLU A 30 -2.62 -8.91 -3.43
N PHE A 31 -2.29 -8.49 -2.16
CA PHE A 31 -0.95 -7.91 -2.02
C PHE A 31 0.15 -8.96 -1.81
N ARG A 32 -0.19 -10.18 -1.29
CA ARG A 32 0.78 -11.29 -1.13
C ARG A 32 1.32 -11.81 -2.43
N LYS A 33 0.56 -11.80 -3.55
CA LYS A 33 1.29 -12.26 -4.77
C LYS A 33 2.31 -11.24 -5.26
N TYR A 34 2.01 -9.95 -5.11
CA TYR A 34 2.80 -8.92 -5.76
C TYR A 34 4.13 -8.71 -4.99
N GLY A 35 4.11 -8.69 -3.65
CA GLY A 35 5.30 -9.08 -2.90
C GLY A 35 4.91 -9.91 -1.68
N ASN A 36 5.86 -10.62 -1.02
CA ASN A 36 5.48 -11.50 0.08
C ASN A 36 5.18 -10.69 1.34
N ILE A 37 3.89 -10.50 1.66
CA ILE A 37 3.51 -9.66 2.83
C ILE A 37 3.84 -10.31 4.22
N LEU A 38 4.40 -9.48 5.14
CA LEU A 38 4.51 -9.85 6.59
C LEU A 38 3.27 -9.41 7.43
N LYS A 39 2.79 -8.13 7.32
CA LYS A 39 1.52 -7.71 7.99
C LYS A 39 0.67 -6.71 7.10
N CYS A 40 -0.66 -7.00 6.85
CA CYS A 40 -1.59 -5.99 6.28
C CYS A 40 -2.49 -5.52 7.40
N ASP A 41 -2.36 -4.28 7.85
CA ASP A 41 -3.31 -3.81 8.89
C ASP A 41 -4.24 -2.71 8.34
N VAL A 42 -5.52 -2.76 8.73
CA VAL A 42 -6.52 -1.79 8.27
C VAL A 42 -6.94 -0.97 9.47
N LYS A 43 -6.54 0.28 9.49
CA LYS A 43 -6.96 1.18 10.55
C LYS A 43 -8.00 2.19 9.99
N LYS A 44 -9.06 2.58 10.76
CA LYS A 44 -10.17 3.36 10.14
C LYS A 44 -10.42 4.63 11.01
N THR A 45 -10.74 5.81 10.43
CA THR A 45 -10.93 7.00 11.26
C THR A 45 -12.44 7.28 11.50
N VAL A 46 -12.74 8.19 12.46
CA VAL A 46 -14.11 8.67 12.76
C VAL A 46 -14.86 9.42 11.60
N SER A 47 -14.18 9.71 10.46
CA SER A 47 -14.77 10.52 9.38
C SER A 47 -15.33 9.60 8.26
N GLY A 48 -15.33 8.28 8.52
CA GLY A 48 -15.78 7.29 7.51
C GLY A 48 -14.71 6.89 6.46
N ALA A 49 -13.54 7.52 6.48
CA ALA A 49 -12.44 7.18 5.56
C ALA A 49 -11.63 5.96 6.10
N ALA A 50 -11.31 4.97 5.22
CA ALA A 50 -10.57 3.75 5.64
C ALA A 50 -9.12 3.88 5.16
N PHE A 51 -8.14 3.29 5.88
CA PHE A 51 -6.79 3.31 5.37
C PHE A 51 -6.24 1.88 5.29
N ALA A 52 -5.41 1.61 4.27
CA ALA A 52 -4.78 0.29 4.14
C ALA A 52 -3.27 0.42 4.29
N PHE A 53 -2.66 -0.51 5.03
CA PHE A 53 -1.26 -0.41 5.35
C PHE A 53 -0.61 -1.76 5.04
N ILE A 54 0.34 -1.81 4.07
CA ILE A 54 0.85 -3.16 3.63
C ILE A 54 2.36 -3.23 3.77
N GLU A 55 2.79 -4.01 4.74
CA GLU A 55 4.23 -4.19 5.01
C GLU A 55 4.72 -5.55 4.47
N PHE A 56 5.51 -5.54 3.39
CA PHE A 56 6.03 -6.78 2.76
C PHE A 56 7.57 -6.90 2.86
N GLU A 57 8.13 -8.16 2.80
CA GLU A 57 9.63 -8.35 2.58
C GLU A 57 10.13 -7.72 1.26
N ASP A 58 9.30 -7.69 0.20
CA ASP A 58 9.79 -7.15 -1.06
C ASP A 58 9.00 -5.89 -1.42
N ALA A 59 9.67 -4.72 -1.41
CA ALA A 59 9.05 -3.49 -1.94
C ALA A 59 9.01 -3.35 -3.48
N ARG A 60 10.09 -3.72 -4.21
CA ARG A 60 10.16 -3.37 -5.65
C ARG A 60 9.25 -4.24 -6.58
N ASP A 61 9.01 -5.57 -6.30
CA ASP A 61 8.01 -6.37 -7.11
C ASP A 61 6.51 -5.92 -6.90
N ALA A 62 6.09 -5.70 -5.63
CA ALA A 62 4.79 -5.11 -5.20
C ALA A 62 4.34 -3.74 -5.89
N ALA A 63 5.31 -3.03 -6.45
CA ALA A 63 5.08 -1.88 -7.36
C ALA A 63 4.05 -2.20 -8.52
N ASP A 64 4.00 -3.46 -9.09
CA ASP A 64 2.86 -3.95 -9.96
C ASP A 64 1.46 -3.76 -9.31
N ALA A 65 1.31 -4.12 -8.02
CA ALA A 65 0.06 -3.81 -7.29
C ALA A 65 -0.19 -2.32 -7.23
N ILE A 66 0.79 -1.53 -6.75
CA ILE A 66 0.49 -0.09 -6.58
C ILE A 66 0.14 0.64 -7.91
N LYS A 67 0.86 0.36 -9.00
CA LYS A 67 0.42 0.82 -10.35
C LYS A 67 -0.94 0.26 -10.84
N GLU A 68 -1.33 -1.02 -10.53
CA GLU A 68 -2.67 -1.49 -10.96
C GLU A 68 -3.80 -0.71 -10.26
N LYS A 69 -3.59 -0.32 -8.99
CA LYS A 69 -4.59 0.52 -8.37
C LYS A 69 -4.18 2.05 -8.28
N ASP A 70 -3.17 2.51 -9.09
CA ASP A 70 -2.62 3.92 -9.00
C ASP A 70 -3.60 4.97 -9.52
N GLY A 71 -3.38 6.24 -9.17
CA GLY A 71 -4.45 7.19 -9.32
C GLY A 71 -4.88 7.89 -8.04
N CYS A 72 -3.93 8.12 -7.08
CA CYS A 72 -4.25 8.85 -5.86
C CYS A 72 -4.93 10.19 -6.15
N ASP A 73 -6.13 10.37 -5.53
CA ASP A 73 -6.91 11.57 -5.73
C ASP A 73 -7.43 12.13 -4.39
N PHE A 74 -7.58 13.47 -4.35
CA PHE A 74 -7.78 14.28 -3.17
C PHE A 74 -8.65 15.46 -3.58
N GLU A 75 -9.53 15.92 -2.68
CA GLU A 75 -10.42 17.10 -2.91
C GLU A 75 -11.52 16.85 -4.00
N GLY A 76 -12.44 15.93 -3.68
CA GLY A 76 -13.61 15.67 -4.53
C GLY A 76 -13.54 14.45 -5.45
N ASN A 77 -12.37 13.84 -5.62
CA ASN A 77 -12.34 12.41 -6.01
C ASN A 77 -11.62 11.69 -4.89
N LYS A 78 -12.27 10.70 -4.25
CA LYS A 78 -11.66 10.09 -3.05
C LYS A 78 -10.86 8.84 -3.44
N LEU A 79 -9.48 8.89 -3.53
CA LEU A 79 -8.74 7.68 -4.02
C LEU A 79 -7.19 7.76 -3.82
N ARG A 80 -6.63 7.91 -2.60
CA ARG A 80 -5.17 8.18 -2.43
C ARG A 80 -4.39 6.82 -2.29
N VAL A 81 -3.55 6.45 -3.27
CA VAL A 81 -2.69 5.23 -3.10
C VAL A 81 -1.21 5.67 -3.20
N GLU A 82 -0.36 5.41 -2.16
CA GLU A 82 0.96 6.07 -2.09
C GLU A 82 2.00 5.14 -1.43
N VAL A 83 3.19 5.01 -2.05
CA VAL A 83 4.30 4.38 -1.35
C VAL A 83 5.12 5.39 -0.57
N PRO A 84 5.30 5.17 0.76
CA PRO A 84 6.27 5.89 1.55
C PRO A 84 7.66 5.21 1.60
N PHE A 85 7.93 4.27 0.66
CA PHE A 85 9.25 3.64 0.59
C PHE A 85 10.02 4.07 -0.67
N ASN A 86 9.27 4.33 -1.77
CA ASN A 86 9.83 4.70 -3.12
C ASN A 86 10.76 3.56 -3.66
N ALA A 87 10.17 2.40 -4.12
CA ALA A 87 10.93 1.21 -4.63
C ALA A 87 11.89 0.63 -3.53
N ARG A 88 12.96 -0.08 -3.91
CA ARG A 88 13.93 -0.56 -2.88
C ARG A 88 15.31 0.05 -3.16
N GLU A 89 15.47 1.38 -2.92
CA GLU A 89 16.47 2.20 -3.63
C GLU A 89 16.39 3.63 -3.06
N GLY A 1 14.12 3.97 -9.49
CA GLY A 1 14.59 2.57 -9.63
C GLY A 1 16.07 2.43 -9.35
N SER A 2 16.44 1.39 -8.61
CA SER A 2 17.83 1.15 -8.23
C SER A 2 18.23 -0.31 -8.52
N HIS A 3 19.46 -0.68 -8.15
CA HIS A 3 20.02 -1.99 -8.52
C HIS A 3 21.06 -2.46 -7.48
N MET A 4 20.57 -2.98 -6.35
CA MET A 4 21.37 -3.65 -5.31
C MET A 4 20.48 -4.59 -4.51
N VAL A 5 20.98 -5.79 -4.17
CA VAL A 5 20.25 -6.73 -3.28
C VAL A 5 21.21 -7.19 -2.15
N ILE A 6 21.87 -6.22 -1.50
CA ILE A 6 22.77 -6.54 -0.36
C ILE A 6 22.36 -5.69 0.86
N ARG A 7 21.13 -5.93 1.36
CA ARG A 7 20.66 -5.35 2.63
C ARG A 7 19.35 -6.06 3.08
N GLU A 8 18.57 -5.42 3.97
CA GLU A 8 17.41 -6.02 4.65
C GLU A 8 16.60 -4.89 5.31
N SER A 9 15.24 -4.88 5.14
CA SER A 9 14.37 -3.82 5.71
C SER A 9 12.87 -4.25 5.58
N VAL A 10 11.91 -3.31 5.74
CA VAL A 10 10.49 -3.55 5.45
C VAL A 10 9.98 -2.43 4.57
N SER A 11 9.38 -2.82 3.48
CA SER A 11 8.72 -1.90 2.59
C SER A 11 7.30 -1.64 3.14
N ARG A 12 6.88 -0.38 3.28
CA ARG A 12 5.53 -0.12 3.85
C ARG A 12 4.68 0.62 2.81
N ILE A 13 3.33 0.50 2.84
CA ILE A 13 2.49 1.17 1.85
C ILE A 13 1.27 1.77 2.57
N TYR A 14 0.96 3.04 2.21
CA TYR A 14 -0.20 3.77 2.75
C TYR A 14 -1.34 3.86 1.68
N VAL A 15 -2.54 3.23 1.89
CA VAL A 15 -3.62 3.37 0.88
C VAL A 15 -4.88 3.93 1.59
N GLY A 16 -5.19 5.23 1.40
CA GLY A 16 -6.35 5.83 2.07
C GLY A 16 -7.36 6.39 1.09
N ASN A 17 -8.50 6.92 1.62
CA ASN A 17 -9.60 7.50 0.78
C ASN A 17 -10.10 6.57 -0.37
N LEU A 18 -9.91 5.25 -0.24
CA LEU A 18 -10.30 4.27 -1.25
C LEU A 18 -11.81 3.97 -1.16
N PRO A 19 -12.56 4.16 -2.28
CA PRO A 19 -13.96 3.75 -2.33
C PRO A 19 -14.13 2.28 -2.80
N SER A 20 -14.75 1.39 -1.94
CA SER A 20 -15.02 -0.05 -2.25
C SER A 20 -13.90 -0.76 -3.05
N HIS A 21 -12.64 -0.52 -2.66
CA HIS A 21 -11.51 -0.90 -3.51
C HIS A 21 -10.95 -2.28 -3.10
N VAL A 22 -9.95 -2.33 -2.22
CA VAL A 22 -9.40 -3.62 -1.82
C VAL A 22 -9.92 -4.01 -0.36
N SER A 23 -10.67 -5.16 -0.15
CA SER A 23 -11.02 -5.64 1.23
C SER A 23 -9.83 -6.43 1.84
N SER A 24 -9.74 -6.50 3.20
CA SER A 24 -8.59 -7.10 3.93
C SER A 24 -8.15 -8.50 3.44
N ARG A 25 -9.11 -9.43 3.27
CA ARG A 25 -8.81 -10.78 2.73
C ARG A 25 -8.14 -10.76 1.29
N ASP A 26 -8.64 -9.91 0.36
CA ASP A 26 -8.02 -9.71 -0.97
C ASP A 26 -6.65 -9.03 -0.83
N VAL A 27 -6.39 -8.15 0.21
CA VAL A 27 -5.03 -7.66 0.41
C VAL A 27 -4.13 -8.80 0.84
N GLU A 28 -4.53 -9.72 1.77
CA GLU A 28 -3.63 -10.82 2.08
C GLU A 28 -3.35 -11.70 0.82
N ASN A 29 -4.37 -12.25 0.10
CA ASN A 29 -4.03 -13.15 -1.05
C ASN A 29 -3.43 -12.37 -2.30
N GLU A 30 -4.19 -11.39 -2.88
CA GLU A 30 -3.70 -10.72 -4.07
C GLU A 30 -2.51 -9.77 -3.77
N PHE A 31 -2.39 -9.11 -2.56
CA PHE A 31 -1.19 -8.30 -2.34
C PHE A 31 0.01 -9.14 -1.88
N ARG A 32 -0.20 -10.29 -1.15
CA ARG A 32 0.88 -11.31 -1.06
C ARG A 32 1.44 -11.80 -2.43
N LYS A 33 0.63 -11.90 -3.57
CA LYS A 33 1.35 -12.10 -4.90
C LYS A 33 2.40 -11.01 -5.14
N TYR A 34 2.03 -9.76 -4.96
CA TYR A 34 2.88 -8.66 -5.40
C TYR A 34 4.09 -8.46 -4.46
N GLY A 35 3.93 -8.61 -3.13
CA GLY A 35 5.09 -8.68 -2.24
C GLY A 35 4.79 -9.54 -1.03
N ASN A 36 5.83 -10.12 -0.41
CA ASN A 36 5.61 -11.06 0.70
C ASN A 36 5.27 -10.31 1.98
N ILE A 37 3.99 -10.34 2.37
CA ILE A 37 3.52 -9.59 3.57
C ILE A 37 3.95 -10.20 4.92
N LEU A 38 4.46 -9.33 5.80
CA LEU A 38 4.83 -9.70 7.17
C LEU A 38 3.84 -9.10 8.19
N LYS A 39 3.15 -8.00 7.78
CA LYS A 39 2.29 -7.18 8.67
C LYS A 39 1.17 -6.50 7.81
N CYS A 40 -0.12 -6.58 8.23
CA CYS A 40 -1.23 -5.89 7.52
C CYS A 40 -2.14 -5.34 8.57
N ASP A 41 -2.18 -4.03 8.72
CA ASP A 41 -3.13 -3.48 9.70
C ASP A 41 -4.10 -2.51 9.04
N VAL A 42 -5.41 -2.70 9.23
CA VAL A 42 -6.43 -1.85 8.59
C VAL A 42 -7.25 -1.11 9.67
N LYS A 43 -7.06 0.22 9.69
CA LYS A 43 -7.59 1.09 10.75
C LYS A 43 -8.54 2.15 10.14
N LYS A 44 -9.62 2.60 10.85
CA LYS A 44 -10.59 3.50 10.17
C LYS A 44 -10.73 4.79 11.02
N THR A 45 -10.95 5.99 10.43
CA THR A 45 -11.20 7.16 11.26
C THR A 45 -12.71 7.49 11.35
N VAL A 46 -13.08 8.37 12.30
CA VAL A 46 -14.48 8.82 12.52
C VAL A 46 -15.11 9.66 11.36
N SER A 47 -14.35 10.01 10.30
CA SER A 47 -14.81 10.94 9.27
C SER A 47 -15.36 10.16 8.05
N GLY A 48 -15.46 8.83 8.20
CA GLY A 48 -15.86 7.96 7.09
C GLY A 48 -14.74 7.57 6.13
N ALA A 49 -13.54 8.13 6.30
CA ALA A 49 -12.38 7.73 5.48
C ALA A 49 -11.69 6.50 6.12
N ALA A 50 -11.40 5.45 5.33
CA ALA A 50 -10.82 4.20 5.86
C ALA A 50 -9.41 4.02 5.29
N PHE A 51 -8.46 3.42 6.05
CA PHE A 51 -7.09 3.32 5.54
C PHE A 51 -6.57 1.90 5.65
N ALA A 52 -5.66 1.52 4.74
CA ALA A 52 -4.98 0.24 4.89
C ALA A 52 -3.46 0.41 4.82
N PHE A 53 -2.79 -0.46 5.57
CA PHE A 53 -1.40 -0.28 5.91
C PHE A 53 -0.72 -1.62 5.64
N ILE A 54 0.25 -1.63 4.71
CA ILE A 54 0.69 -2.89 4.11
C ILE A 54 2.21 -3.00 4.16
N GLU A 55 2.73 -3.95 4.92
CA GLU A 55 4.19 -4.10 5.04
C GLU A 55 4.70 -5.38 4.33
N PHE A 56 5.41 -5.23 3.18
CA PHE A 56 5.97 -6.39 2.44
C PHE A 56 7.51 -6.49 2.61
N GLU A 57 8.11 -7.70 2.36
CA GLU A 57 9.60 -7.83 2.45
C GLU A 57 10.35 -7.32 1.19
N ASP A 58 9.70 -7.32 0.02
CA ASP A 58 10.33 -6.88 -1.21
C ASP A 58 9.64 -5.62 -1.73
N ALA A 59 10.37 -4.49 -1.85
CA ALA A 59 9.77 -3.29 -2.46
C ALA A 59 9.63 -3.27 -4.01
N ARG A 60 10.55 -3.90 -4.83
CA ARG A 60 10.46 -3.66 -6.29
C ARG A 60 9.35 -4.48 -7.02
N ASP A 61 8.97 -5.72 -6.55
CA ASP A 61 7.78 -6.40 -7.17
C ASP A 61 6.36 -5.82 -6.76
N ALA A 62 6.16 -5.27 -5.51
CA ALA A 62 4.93 -4.52 -5.11
C ALA A 62 4.60 -3.27 -6.03
N ALA A 63 5.66 -2.73 -6.69
CA ALA A 63 5.57 -1.65 -7.70
C ALA A 63 4.50 -1.90 -8.82
N ASP A 64 4.31 -3.19 -9.32
CA ASP A 64 3.17 -3.53 -10.22
C ASP A 64 1.81 -3.14 -9.59
N ALA A 65 1.54 -3.56 -8.35
CA ALA A 65 0.31 -3.13 -7.64
C ALA A 65 0.22 -1.63 -7.46
N ILE A 66 1.33 -0.91 -7.14
CA ILE A 66 1.13 0.53 -6.91
C ILE A 66 0.89 1.32 -8.21
N LYS A 67 1.67 1.11 -9.29
CA LYS A 67 1.28 1.62 -10.63
C LYS A 67 -0.14 1.20 -11.08
N GLU A 68 -0.61 -0.01 -10.74
CA GLU A 68 -1.88 -0.48 -11.24
C GLU A 68 -3.08 0.04 -10.39
N LYS A 69 -2.82 0.43 -9.14
CA LYS A 69 -3.85 1.06 -8.32
C LYS A 69 -3.68 2.62 -8.30
N ASP A 70 -2.84 3.21 -9.23
CA ASP A 70 -2.42 4.64 -9.13
C ASP A 70 -3.50 5.63 -9.57
N GLY A 71 -3.35 6.91 -9.20
CA GLY A 71 -4.49 7.78 -9.18
C GLY A 71 -4.83 8.34 -7.82
N CYS A 72 -3.80 8.52 -6.91
CA CYS A 72 -4.03 9.25 -5.65
C CYS A 72 -4.71 10.59 -5.93
N ASP A 73 -5.84 10.77 -5.24
CA ASP A 73 -6.68 11.94 -5.41
C ASP A 73 -7.14 12.52 -4.06
N PHE A 74 -7.21 13.87 -4.00
CA PHE A 74 -7.31 14.65 -2.78
C PHE A 74 -7.97 15.98 -3.16
N GLU A 75 -8.81 16.57 -2.27
CA GLU A 75 -9.53 17.87 -2.55
C GLU A 75 -10.65 17.69 -3.60
N GLY A 76 -11.67 16.91 -3.24
CA GLY A 76 -12.86 16.76 -4.09
C GLY A 76 -12.92 15.53 -4.97
N ASN A 77 -11.84 14.81 -5.14
CA ASN A 77 -11.93 13.43 -5.63
C ASN A 77 -11.25 12.57 -4.58
N LYS A 78 -11.93 11.56 -4.05
CA LYS A 78 -11.35 10.80 -2.91
C LYS A 78 -10.68 9.49 -3.41
N LEU A 79 -9.30 9.37 -3.46
CA LEU A 79 -8.66 8.09 -3.93
C LEU A 79 -7.11 8.03 -3.68
N ARG A 80 -6.57 7.93 -2.44
CA ARG A 80 -5.10 8.02 -2.20
C ARG A 80 -4.40 6.60 -2.23
N VAL A 81 -3.46 6.36 -3.18
CA VAL A 81 -2.61 5.14 -3.09
C VAL A 81 -1.14 5.60 -3.18
N GLU A 82 -0.30 5.41 -2.11
CA GLU A 82 1.08 5.85 -2.20
C GLU A 82 2.01 4.98 -1.37
N VAL A 83 3.17 4.66 -1.95
CA VAL A 83 4.24 4.02 -1.21
C VAL A 83 5.18 5.07 -0.59
N PRO A 84 5.45 4.96 0.71
CA PRO A 84 6.60 5.64 1.32
C PRO A 84 7.90 4.79 1.25
N PHE A 85 8.04 3.98 0.18
CA PHE A 85 9.28 3.22 -0.05
C PHE A 85 9.92 3.58 -1.39
N ASN A 86 9.06 3.94 -2.36
CA ASN A 86 9.41 4.23 -3.79
C ASN A 86 9.82 2.97 -4.58
N ALA A 87 10.81 2.22 -4.08
CA ALA A 87 11.37 1.03 -4.76
C ALA A 87 12.39 0.39 -3.80
N ARG A 88 13.08 -0.69 -4.21
CA ARG A 88 14.16 -1.25 -3.34
C ARG A 88 15.47 -0.53 -3.67
N GLU A 89 16.44 -0.47 -2.73
CA GLU A 89 17.70 0.21 -2.96
C GLU A 89 18.72 -0.79 -3.51
N GLY A 1 9.73 11.64 -8.77
CA GLY A 1 10.37 11.04 -7.57
C GLY A 1 11.67 10.34 -7.91
N SER A 2 11.85 9.12 -7.35
CA SER A 2 13.02 8.25 -7.56
C SER A 2 14.28 8.84 -6.88
N HIS A 3 15.47 8.26 -7.20
CA HIS A 3 16.78 8.74 -6.72
C HIS A 3 16.91 8.58 -5.18
N MET A 4 16.37 7.46 -4.67
CA MET A 4 16.35 7.17 -3.24
C MET A 4 16.74 5.71 -2.99
N VAL A 5 17.56 5.48 -1.96
CA VAL A 5 18.01 4.13 -1.63
C VAL A 5 18.21 3.97 -0.10
N ILE A 6 17.39 3.11 0.51
CA ILE A 6 17.36 2.93 1.96
C ILE A 6 17.41 1.42 2.28
N ARG A 7 18.42 1.00 3.07
CA ARG A 7 18.53 -0.39 3.51
C ARG A 7 17.97 -0.54 4.93
N GLU A 8 17.61 -1.80 5.31
CA GLU A 8 17.08 -2.16 6.66
C GLU A 8 15.60 -1.65 6.81
N SER A 9 14.88 -2.19 7.82
CA SER A 9 13.49 -1.76 8.18
C SER A 9 12.49 -2.51 7.25
N VAL A 10 11.24 -2.08 7.20
CA VAL A 10 10.22 -2.73 6.37
C VAL A 10 9.48 -1.70 5.55
N SER A 11 9.30 -2.04 4.29
CA SER A 11 8.55 -1.23 3.34
C SER A 11 7.05 -1.46 3.52
N ARG A 12 6.27 -0.39 3.69
CA ARG A 12 4.81 -0.53 3.88
C ARG A 12 4.04 0.32 2.86
N ILE A 13 2.79 -0.02 2.46
CA ILE A 13 2.07 0.84 1.50
C ILE A 13 0.84 1.42 2.19
N TYR A 14 0.49 2.70 1.85
CA TYR A 14 -0.67 3.37 2.46
C TYR A 14 -1.84 3.46 1.43
N VAL A 15 -3.06 2.89 1.70
CA VAL A 15 -4.18 3.02 0.73
C VAL A 15 -5.41 3.64 1.48
N GLY A 16 -5.72 4.93 1.22
CA GLY A 16 -6.88 5.56 1.88
C GLY A 16 -7.97 5.96 0.91
N ASN A 17 -9.19 6.29 1.44
CA ASN A 17 -10.38 6.68 0.61
C ASN A 17 -10.73 5.70 -0.55
N LEU A 18 -10.31 4.45 -0.42
CA LEU A 18 -10.63 3.38 -1.36
C LEU A 18 -12.11 2.99 -1.25
N PRO A 19 -12.79 2.68 -2.37
CA PRO A 19 -14.15 2.14 -2.32
C PRO A 19 -14.16 0.68 -1.84
N SER A 20 -15.19 0.29 -1.01
CA SER A 20 -15.51 -1.11 -0.59
C SER A 20 -14.70 -1.56 0.64
N HIS A 21 -13.44 -1.08 0.75
CA HIS A 21 -12.47 -1.47 1.80
C HIS A 21 -11.97 -2.92 1.60
N VAL A 22 -10.65 -3.04 1.45
CA VAL A 22 -10.00 -4.36 1.32
C VAL A 22 -9.99 -5.03 2.76
N SER A 23 -10.65 -6.22 2.99
CA SER A 23 -10.64 -6.86 4.32
C SER A 23 -9.30 -7.63 4.51
N SER A 24 -8.85 -7.90 5.78
CA SER A 24 -7.52 -8.51 6.05
C SER A 24 -7.17 -9.79 5.24
N ARG A 25 -8.15 -10.67 4.98
CA ARG A 25 -7.90 -11.87 4.13
C ARG A 25 -7.68 -11.56 2.59
N ASP A 26 -8.42 -10.59 1.96
CA ASP A 26 -8.19 -10.21 0.55
C ASP A 26 -6.86 -9.41 0.42
N VAL A 27 -6.44 -8.59 1.47
CA VAL A 27 -5.18 -7.84 1.42
C VAL A 27 -4.02 -8.82 1.66
N GLU A 28 -4.22 -9.85 2.49
CA GLU A 28 -3.24 -10.94 2.57
C GLU A 28 -3.03 -11.70 1.21
N ASN A 29 -4.08 -12.27 0.53
CA ASN A 29 -3.83 -12.96 -0.80
C ASN A 29 -3.35 -11.98 -1.94
N GLU A 30 -4.17 -10.92 -2.29
CA GLU A 30 -3.75 -9.94 -3.33
C GLU A 30 -2.39 -9.27 -3.00
N PHE A 31 -2.16 -8.79 -1.74
CA PHE A 31 -0.91 -8.08 -1.46
C PHE A 31 0.33 -9.03 -1.24
N ARG A 32 0.18 -10.38 -0.95
CA ARG A 32 1.43 -11.27 -0.97
C ARG A 32 2.09 -11.27 -2.34
N LYS A 33 1.32 -11.12 -3.46
CA LYS A 33 2.03 -11.01 -4.79
C LYS A 33 3.02 -9.81 -4.88
N TYR A 34 2.88 -8.79 -4.03
CA TYR A 34 3.55 -7.52 -4.25
C TYR A 34 4.98 -7.58 -3.68
N GLY A 35 5.20 -8.40 -2.64
CA GLY A 35 6.53 -8.60 -2.14
C GLY A 35 6.58 -9.47 -0.91
N ASN A 36 5.65 -10.47 -0.83
CA ASN A 36 5.55 -11.43 0.27
C ASN A 36 5.36 -10.70 1.62
N ILE A 37 4.12 -10.29 1.88
CA ILE A 37 3.77 -9.47 3.08
C ILE A 37 3.91 -10.26 4.44
N LEU A 38 4.42 -9.57 5.52
CA LEU A 38 4.52 -10.18 6.86
C LEU A 38 3.46 -9.58 7.82
N LYS A 39 2.99 -8.34 7.54
CA LYS A 39 2.18 -7.55 8.50
C LYS A 39 1.05 -6.81 7.71
N CYS A 40 -0.23 -6.91 8.17
CA CYS A 40 -1.37 -6.33 7.43
C CYS A 40 -2.34 -5.74 8.41
N ASP A 41 -2.45 -4.43 8.42
CA ASP A 41 -3.36 -3.82 9.43
C ASP A 41 -4.36 -2.83 8.82
N VAL A 42 -5.59 -2.82 9.36
CA VAL A 42 -6.64 -1.88 8.96
C VAL A 42 -6.98 -0.98 10.14
N LYS A 43 -6.69 0.31 10.04
CA LYS A 43 -6.96 1.23 11.13
C LYS A 43 -8.18 2.13 10.78
N LYS A 44 -9.22 2.28 11.67
CA LYS A 44 -10.40 3.03 11.22
C LYS A 44 -10.48 4.41 11.85
N THR A 45 -10.65 5.46 11.01
CA THR A 45 -10.94 6.74 11.56
C THR A 45 -12.47 6.98 11.70
N VAL A 46 -12.85 7.94 12.56
CA VAL A 46 -14.28 8.28 12.80
C VAL A 46 -14.90 9.14 11.65
N SER A 47 -14.05 9.61 10.71
CA SER A 47 -14.50 10.49 9.61
C SER A 47 -15.09 9.65 8.43
N GLY A 48 -15.25 8.33 8.65
CA GLY A 48 -15.79 7.43 7.63
C GLY A 48 -14.79 6.93 6.58
N ALA A 49 -13.55 7.42 6.62
CA ALA A 49 -12.49 6.94 5.71
C ALA A 49 -11.77 5.70 6.31
N ALA A 50 -11.56 4.66 5.49
CA ALA A 50 -10.81 3.45 5.89
C ALA A 50 -9.42 3.54 5.25
N PHE A 51 -8.36 3.06 5.91
CA PHE A 51 -7.04 3.04 5.29
C PHE A 51 -6.41 1.66 5.50
N ALA A 52 -5.56 1.18 4.57
CA ALA A 52 -4.79 -0.03 4.86
C ALA A 52 -3.29 0.25 4.86
N PHE A 53 -2.63 -0.34 5.88
CA PHE A 53 -1.20 -0.29 6.06
C PHE A 53 -0.63 -1.70 5.69
N ILE A 54 0.27 -1.79 4.66
CA ILE A 54 0.72 -3.17 4.22
C ILE A 54 2.25 -3.28 4.23
N GLU A 55 2.74 -4.09 5.14
CA GLU A 55 4.20 -4.22 5.34
C GLU A 55 4.76 -5.49 4.64
N PHE A 56 5.48 -5.31 3.52
CA PHE A 56 6.06 -6.45 2.75
C PHE A 56 7.61 -6.48 2.72
N GLU A 57 8.20 -7.64 2.29
CA GLU A 57 9.68 -7.82 2.21
C GLU A 57 10.35 -7.19 0.96
N ASP A 58 9.66 -7.09 -0.18
CA ASP A 58 10.25 -6.40 -1.34
C ASP A 58 9.45 -5.15 -1.73
N ALA A 59 10.08 -3.96 -1.67
CA ALA A 59 9.43 -2.74 -2.20
C ALA A 59 9.41 -2.57 -3.74
N ARG A 60 10.44 -2.99 -4.53
CA ARG A 60 10.43 -2.58 -5.96
C ARG A 60 9.49 -3.47 -6.84
N ASP A 61 9.28 -4.77 -6.48
CA ASP A 61 8.32 -5.65 -7.25
C ASP A 61 6.83 -5.18 -7.19
N ALA A 62 6.38 -4.66 -6.04
CA ALA A 62 5.05 -4.05 -5.87
C ALA A 62 4.70 -2.92 -6.88
N ALA A 63 5.71 -2.25 -7.50
CA ALA A 63 5.54 -1.11 -8.47
C ALA A 63 4.52 -1.39 -9.64
N ASP A 64 4.57 -2.60 -10.34
CA ASP A 64 3.51 -3.03 -11.34
C ASP A 64 2.09 -2.93 -10.76
N ALA A 65 1.88 -3.51 -9.60
CA ALA A 65 0.55 -3.53 -9.04
C ALA A 65 0.14 -2.14 -8.46
N ILE A 66 1.08 -1.37 -7.94
CA ILE A 66 0.70 -0.09 -7.42
C ILE A 66 0.36 0.93 -8.51
N LYS A 67 1.14 1.03 -9.61
CA LYS A 67 0.65 1.71 -10.83
C LYS A 67 -0.69 1.16 -11.39
N GLU A 68 -0.97 -0.17 -11.29
CA GLU A 68 -2.33 -0.65 -11.69
C GLU A 68 -3.45 -0.06 -10.79
N LYS A 69 -3.20 0.21 -9.48
CA LYS A 69 -4.20 1.05 -8.75
C LYS A 69 -3.76 2.54 -8.48
N ASP A 70 -2.72 3.07 -9.18
CA ASP A 70 -2.18 4.46 -8.96
C ASP A 70 -3.03 5.53 -9.62
N GLY A 71 -2.93 6.79 -9.17
CA GLY A 71 -3.96 7.73 -9.55
C GLY A 71 -4.77 8.23 -8.38
N CYS A 72 -4.12 8.33 -7.18
CA CYS A 72 -4.80 8.69 -5.93
C CYS A 72 -5.64 9.95 -6.10
N ASP A 73 -6.95 9.82 -5.76
CA ASP A 73 -7.88 10.90 -6.00
C ASP A 73 -8.76 11.13 -4.75
N PHE A 74 -9.20 12.39 -4.61
CA PHE A 74 -9.87 12.93 -3.45
C PHE A 74 -10.79 14.04 -4.02
N GLU A 75 -12.01 14.20 -3.47
CA GLU A 75 -13.03 15.17 -3.97
C GLU A 75 -13.69 14.73 -5.31
N GLY A 76 -14.45 13.62 -5.23
CA GLY A 76 -15.32 13.19 -6.34
C GLY A 76 -14.80 12.07 -7.24
N ASN A 77 -13.52 11.76 -7.19
CA ASN A 77 -13.10 10.36 -7.48
C ASN A 77 -12.53 9.83 -6.16
N LYS A 78 -13.10 8.76 -5.61
CA LYS A 78 -12.62 8.32 -4.27
C LYS A 78 -11.58 7.17 -4.47
N LEU A 79 -10.22 7.43 -4.37
CA LEU A 79 -9.24 6.34 -4.68
C LEU A 79 -7.76 6.75 -4.31
N ARG A 80 -7.34 6.86 -3.03
CA ARG A 80 -5.97 7.36 -2.72
C ARG A 80 -5.01 6.15 -2.50
N VAL A 81 -3.99 5.92 -3.38
CA VAL A 81 -3.01 4.85 -3.10
C VAL A 81 -1.57 5.43 -3.23
N GLU A 82 -0.74 5.43 -2.13
CA GLU A 82 0.58 6.04 -2.16
C GLU A 82 1.61 5.10 -1.50
N VAL A 83 2.78 4.95 -2.17
CA VAL A 83 3.96 4.47 -1.48
C VAL A 83 4.52 5.57 -0.53
N PRO A 84 4.67 5.27 0.78
CA PRO A 84 5.41 6.14 1.69
C PRO A 84 6.89 5.76 1.81
N PHE A 85 7.42 5.07 0.78
CA PHE A 85 8.83 4.73 0.76
C PHE A 85 9.52 5.29 -0.49
N ASN A 86 8.99 4.91 -1.67
CA ASN A 86 9.54 5.26 -3.02
C ASN A 86 11.08 4.99 -3.15
N ALA A 87 11.57 3.83 -2.64
CA ALA A 87 13.02 3.58 -2.54
C ALA A 87 13.32 2.07 -2.39
N ARG A 88 14.45 1.58 -3.00
CA ARG A 88 14.87 0.14 -2.99
C ARG A 88 16.00 -0.08 -4.00
N GLU A 89 16.87 -1.05 -3.71
CA GLU A 89 17.83 -1.55 -4.68
C GLU A 89 17.29 -2.91 -5.19
N GLY A 1 13.04 9.53 -8.74
CA GLY A 1 13.54 8.58 -7.72
C GLY A 1 15.00 8.82 -7.34
N SER A 2 15.89 8.00 -7.93
CA SER A 2 17.36 8.17 -7.88
C SER A 2 17.96 8.04 -6.46
N HIS A 3 17.45 7.09 -5.68
CA HIS A 3 18.01 6.79 -4.35
C HIS A 3 17.83 5.31 -4.04
N MET A 4 18.60 4.79 -3.07
CA MET A 4 18.45 3.40 -2.57
C MET A 4 19.11 3.25 -1.19
N VAL A 5 18.31 3.34 -0.12
CA VAL A 5 18.81 3.17 1.26
C VAL A 5 17.63 2.93 2.24
N ILE A 6 17.56 1.71 2.81
CA ILE A 6 16.53 1.36 3.81
C ILE A 6 16.93 0.08 4.61
N ARG A 7 16.97 0.17 5.95
CA ARG A 7 17.15 -1.00 6.82
C ARG A 7 16.26 -0.81 8.04
N GLU A 8 15.53 -1.88 8.49
CA GLU A 8 14.84 -1.90 9.82
C GLU A 8 13.59 -0.99 9.86
N SER A 9 13.20 -0.42 8.72
CA SER A 9 12.15 0.60 8.70
C SER A 9 10.79 0.01 8.26
N VAL A 10 10.85 -1.24 7.73
CA VAL A 10 9.69 -2.05 7.22
C VAL A 10 8.99 -1.43 5.99
N SER A 11 9.04 -2.13 4.85
CA SER A 11 8.46 -1.66 3.59
C SER A 11 6.92 -1.77 3.62
N ARG A 12 6.19 -0.62 3.48
CA ARG A 12 4.71 -0.65 3.56
C ARG A 12 4.00 0.29 2.54
N ILE A 13 2.69 0.07 2.21
CA ILE A 13 1.98 0.96 1.28
C ILE A 13 0.93 1.69 2.10
N TYR A 14 0.83 3.02 1.83
CA TYR A 14 -0.14 3.90 2.47
C TYR A 14 -1.43 3.98 1.57
N VAL A 15 -2.62 3.49 2.02
CA VAL A 15 -3.82 3.57 1.19
C VAL A 15 -4.92 4.31 1.98
N GLY A 16 -5.34 5.49 1.49
CA GLY A 16 -6.47 6.15 2.13
C GLY A 16 -7.64 6.41 1.18
N ASN A 17 -8.81 6.86 1.73
CA ASN A 17 -10.02 7.24 0.94
C ASN A 17 -10.48 6.18 -0.11
N LEU A 18 -10.18 4.89 0.09
CA LEU A 18 -10.41 3.87 -0.96
C LEU A 18 -11.89 3.43 -1.04
N PRO A 19 -12.41 3.21 -2.27
CA PRO A 19 -13.76 2.65 -2.49
C PRO A 19 -13.81 1.13 -2.23
N SER A 20 -14.94 0.61 -1.64
CA SER A 20 -15.25 -0.84 -1.38
C SER A 20 -14.70 -1.31 -0.03
N HIS A 21 -13.55 -0.72 0.39
CA HIS A 21 -12.87 -1.02 1.68
C HIS A 21 -12.28 -2.45 1.66
N VAL A 22 -10.94 -2.51 1.53
CA VAL A 22 -10.25 -3.80 1.44
C VAL A 22 -10.13 -4.44 2.86
N SER A 23 -10.75 -5.64 3.11
CA SER A 23 -10.68 -6.32 4.43
C SER A 23 -9.33 -7.05 4.61
N SER A 24 -8.85 -7.26 5.88
CA SER A 24 -7.55 -7.91 6.16
C SER A 24 -7.28 -9.21 5.39
N ARG A 25 -8.26 -10.15 5.36
CA ARG A 25 -8.11 -11.37 4.51
C ARG A 25 -7.84 -11.07 2.97
N ASP A 26 -8.55 -10.09 2.33
CA ASP A 26 -8.28 -9.73 0.92
C ASP A 26 -6.85 -9.11 0.76
N VAL A 27 -6.36 -8.26 1.76
CA VAL A 27 -5.00 -7.73 1.68
C VAL A 27 -3.97 -8.86 1.80
N GLU A 28 -4.17 -9.83 2.75
CA GLU A 28 -3.28 -10.98 2.87
C GLU A 28 -3.21 -11.76 1.56
N ASN A 29 -4.31 -12.20 0.89
CA ASN A 29 -4.13 -12.98 -0.36
C ASN A 29 -3.77 -12.16 -1.65
N GLU A 30 -4.59 -11.14 -2.03
CA GLU A 30 -4.26 -10.35 -3.22
C GLU A 30 -2.90 -9.65 -3.09
N PHE A 31 -2.49 -9.09 -1.92
CA PHE A 31 -1.12 -8.57 -1.87
C PHE A 31 -0.03 -9.66 -1.59
N ARG A 32 -0.37 -10.88 -0.98
CA ARG A 32 0.62 -12.04 -0.90
C ARG A 32 1.07 -12.52 -2.27
N LYS A 33 0.26 -12.38 -3.35
CA LYS A 33 0.91 -12.68 -4.67
C LYS A 33 1.84 -11.57 -5.16
N TYR A 34 1.50 -10.31 -4.92
CA TYR A 34 2.15 -9.22 -5.63
C TYR A 34 3.57 -8.91 -5.08
N GLY A 35 3.78 -8.87 -3.76
CA GLY A 35 5.07 -9.21 -3.16
C GLY A 35 4.89 -10.17 -1.99
N ASN A 36 5.95 -10.54 -1.25
CA ASN A 36 5.74 -11.45 -0.10
C ASN A 36 5.39 -10.63 1.14
N ILE A 37 4.08 -10.51 1.47
CA ILE A 37 3.65 -9.71 2.66
C ILE A 37 3.92 -10.43 4.02
N LEU A 38 4.36 -9.63 5.03
CA LEU A 38 4.66 -10.16 6.37
C LEU A 38 3.58 -9.69 7.38
N LYS A 39 2.89 -8.55 7.07
CA LYS A 39 1.97 -7.85 8.00
C LYS A 39 0.93 -6.98 7.20
N CYS A 40 -0.38 -6.94 7.61
CA CYS A 40 -1.43 -6.11 6.93
C CYS A 40 -2.29 -5.49 8.00
N ASP A 41 -2.23 -4.18 8.18
CA ASP A 41 -3.17 -3.62 9.19
C ASP A 41 -4.15 -2.62 8.57
N VAL A 42 -5.43 -2.70 8.94
CA VAL A 42 -6.45 -1.81 8.40
C VAL A 42 -7.14 -1.08 9.55
N LYS A 43 -6.91 0.22 9.61
CA LYS A 43 -7.34 1.06 10.72
C LYS A 43 -8.38 2.11 10.20
N LYS A 44 -9.33 2.62 11.03
CA LYS A 44 -10.40 3.49 10.46
C LYS A 44 -10.47 4.81 11.30
N THR A 45 -10.78 6.00 10.69
CA THR A 45 -10.96 7.20 11.51
C THR A 45 -12.47 7.51 11.74
N VAL A 46 -12.78 8.55 12.57
CA VAL A 46 -14.18 8.90 12.94
C VAL A 46 -14.93 9.67 11.83
N SER A 47 -14.20 10.08 10.76
CA SER A 47 -14.76 10.90 9.69
C SER A 47 -15.36 10.00 8.57
N GLY A 48 -15.36 8.68 8.83
CA GLY A 48 -15.86 7.71 7.84
C GLY A 48 -14.85 7.33 6.74
N ALA A 49 -13.69 8.00 6.69
CA ALA A 49 -12.60 7.61 5.80
C ALA A 49 -11.83 6.40 6.40
N ALA A 50 -11.60 5.34 5.60
CA ALA A 50 -11.00 4.09 6.10
C ALA A 50 -9.65 3.88 5.42
N PHE A 51 -8.63 3.28 6.10
CA PHE A 51 -7.30 3.20 5.49
C PHE A 51 -6.75 1.78 5.52
N ALA A 52 -5.94 1.40 4.51
CA ALA A 52 -5.18 0.14 4.58
C ALA A 52 -3.68 0.32 4.43
N PHE A 53 -2.94 -0.53 5.14
CA PHE A 53 -1.54 -0.34 5.38
C PHE A 53 -0.88 -1.69 5.07
N ILE A 54 -0.01 -1.77 4.03
CA ILE A 54 0.45 -3.13 3.57
C ILE A 54 1.95 -3.28 3.68
N GLU A 55 2.40 -4.11 4.63
CA GLU A 55 3.83 -4.23 4.93
C GLU A 55 4.43 -5.57 4.38
N PHE A 56 5.18 -5.45 3.25
CA PHE A 56 5.81 -6.62 2.58
C PHE A 56 7.36 -6.57 2.55
N GLU A 57 8.04 -7.70 2.17
CA GLU A 57 9.51 -7.72 2.01
C GLU A 57 10.01 -7.15 0.65
N ASP A 58 9.27 -7.32 -0.46
CA ASP A 58 9.76 -6.82 -1.76
C ASP A 58 8.84 -5.67 -2.16
N ALA A 59 9.39 -4.43 -2.28
CA ALA A 59 8.53 -3.31 -2.68
C ALA A 59 8.30 -3.19 -4.19
N ARG A 60 9.25 -3.64 -5.05
CA ARG A 60 9.16 -3.35 -6.47
C ARG A 60 8.11 -4.24 -7.24
N ASP A 61 7.96 -5.57 -6.98
CA ASP A 61 6.94 -6.38 -7.74
C ASP A 61 5.43 -6.06 -7.37
N ALA A 62 5.12 -5.67 -6.11
CA ALA A 62 3.80 -5.13 -5.69
C ALA A 62 3.28 -3.84 -6.46
N ALA A 63 4.22 -3.07 -7.05
CA ALA A 63 3.92 -1.92 -7.95
C ALA A 63 2.90 -2.23 -9.09
N ASP A 64 2.78 -3.51 -9.61
CA ASP A 64 1.59 -3.94 -10.42
C ASP A 64 0.25 -3.65 -9.71
N ALA A 65 0.04 -4.10 -8.47
CA ALA A 65 -1.18 -3.71 -7.73
C ALA A 65 -1.27 -2.22 -7.46
N ILE A 66 -0.13 -1.51 -7.24
CA ILE A 66 -0.29 -0.07 -6.96
C ILE A 66 -0.72 0.76 -8.22
N LYS A 67 -0.08 0.57 -9.40
CA LYS A 67 -0.63 1.05 -10.69
C LYS A 67 -2.07 0.55 -11.01
N GLU A 68 -2.46 -0.67 -10.58
CA GLU A 68 -3.79 -1.18 -10.94
C GLU A 68 -4.90 -0.64 -10.01
N LYS A 69 -4.51 -0.14 -8.83
CA LYS A 69 -5.41 0.66 -8.00
C LYS A 69 -5.11 2.21 -8.14
N ASP A 70 -4.33 2.65 -9.18
CA ASP A 70 -3.75 4.03 -9.24
C ASP A 70 -4.71 5.13 -9.66
N GLY A 71 -4.33 6.40 -9.40
CA GLY A 71 -5.28 7.46 -9.59
C GLY A 71 -5.66 8.20 -8.34
N CYS A 72 -4.73 8.32 -7.33
CA CYS A 72 -5.08 8.84 -6.02
C CYS A 72 -5.80 10.19 -6.11
N ASP A 73 -7.02 10.22 -5.52
CA ASP A 73 -7.89 11.37 -5.70
C ASP A 73 -8.52 11.84 -4.37
N PHE A 74 -8.81 13.17 -4.32
CA PHE A 74 -9.11 13.94 -3.13
C PHE A 74 -10.09 15.04 -3.54
N GLU A 75 -11.03 15.42 -2.64
CA GLU A 75 -12.05 16.49 -2.92
C GLU A 75 -13.14 16.07 -3.95
N GLY A 76 -13.95 15.05 -3.59
CA GLY A 76 -15.12 14.67 -4.41
C GLY A 76 -14.94 13.47 -5.33
N ASN A 77 -13.72 13.03 -5.57
CA ASN A 77 -13.50 11.61 -5.94
C ASN A 77 -12.61 11.04 -4.85
N LYS A 78 -13.09 10.00 -4.14
CA LYS A 78 -12.28 9.43 -3.05
C LYS A 78 -11.50 8.20 -3.56
N LEU A 79 -10.14 8.27 -3.77
CA LEU A 79 -9.40 7.07 -4.23
C LEU A 79 -7.86 7.24 -3.99
N ARG A 80 -7.31 7.23 -2.75
CA ARG A 80 -5.89 7.58 -2.57
C ARG A 80 -5.02 6.30 -2.40
N VAL A 81 -4.16 5.93 -3.39
CA VAL A 81 -3.33 4.72 -3.23
C VAL A 81 -1.83 5.14 -3.47
N GLU A 82 -0.89 5.01 -2.46
CA GLU A 82 0.46 5.60 -2.61
C GLU A 82 1.55 4.73 -1.94
N VAL A 83 2.64 4.46 -2.69
CA VAL A 83 3.85 3.93 -2.09
C VAL A 83 4.79 5.03 -1.60
N PRO A 84 5.33 4.88 -0.37
CA PRO A 84 6.52 5.63 0.05
C PRO A 84 7.82 4.94 -0.44
N PHE A 85 7.78 4.40 -1.66
CA PHE A 85 8.92 3.71 -2.27
C PHE A 85 9.21 4.35 -3.61
N ASN A 86 9.34 5.67 -3.61
CA ASN A 86 9.73 6.39 -4.82
C ASN A 86 11.27 6.39 -4.96
N ALA A 87 11.88 5.20 -4.77
CA ALA A 87 13.33 5.00 -4.71
C ALA A 87 13.67 3.50 -4.71
N ARG A 88 12.85 2.69 -5.42
CA ARG A 88 13.11 1.24 -5.52
C ARG A 88 12.71 0.70 -6.91
N GLU A 89 13.07 1.44 -7.97
CA GLU A 89 12.80 0.98 -9.35
C GLU A 89 14.06 0.36 -9.95
N GLY A 1 26.97 15.88 -6.66
CA GLY A 1 25.95 15.30 -5.74
C GLY A 1 26.46 14.04 -5.05
N SER A 2 25.85 13.69 -3.93
CA SER A 2 26.29 12.54 -3.13
C SER A 2 25.18 11.46 -3.08
N HIS A 3 25.43 10.36 -2.36
CA HIS A 3 24.49 9.24 -2.29
C HIS A 3 24.25 8.81 -0.83
N MET A 4 23.07 8.21 -0.58
CA MET A 4 22.67 7.81 0.78
C MET A 4 22.60 6.28 0.89
N VAL A 5 22.99 5.75 2.05
CA VAL A 5 22.99 4.29 2.30
C VAL A 5 22.07 3.95 3.48
N ILE A 6 21.14 3.02 3.27
CA ILE A 6 20.25 2.55 4.35
C ILE A 6 20.54 1.05 4.64
N ARG A 7 20.43 0.63 5.91
CA ARG A 7 20.45 -0.81 6.24
C ARG A 7 19.36 -1.16 7.27
N GLU A 8 18.71 -2.35 7.13
CA GLU A 8 17.77 -2.93 8.16
C GLU A 8 16.46 -2.09 8.24
N SER A 9 15.48 -2.35 7.34
CA SER A 9 14.22 -1.60 7.39
C SER A 9 13.03 -2.50 6.98
N VAL A 10 11.78 -2.05 7.26
CA VAL A 10 10.56 -2.79 6.87
C VAL A 10 9.78 -1.96 5.84
N SER A 11 9.46 -2.55 4.69
CA SER A 11 8.78 -1.83 3.61
C SER A 11 7.27 -1.81 3.87
N ARG A 12 6.59 -0.66 3.64
CA ARG A 12 5.12 -0.55 4.01
C ARG A 12 4.32 0.19 2.94
N ILE A 13 2.97 -0.01 2.91
CA ILE A 13 2.12 0.62 1.89
C ILE A 13 0.90 1.20 2.59
N TYR A 14 0.59 2.47 2.20
CA TYR A 14 -0.54 3.25 2.74
C TYR A 14 -1.67 3.38 1.66
N VAL A 15 -2.89 2.79 1.85
CA VAL A 15 -3.92 2.94 0.78
C VAL A 15 -5.20 3.58 1.40
N GLY A 16 -5.44 4.90 1.13
CA GLY A 16 -6.57 5.60 1.78
C GLY A 16 -7.51 6.33 0.83
N ASN A 17 -8.68 6.82 1.36
CA ASN A 17 -9.74 7.49 0.55
C ASN A 17 -10.15 6.71 -0.74
N LEU A 18 -9.95 5.39 -0.74
CA LEU A 18 -10.10 4.51 -1.89
C LEU A 18 -11.57 4.05 -2.07
N PRO A 19 -12.02 3.78 -3.33
CA PRO A 19 -13.36 3.21 -3.58
C PRO A 19 -13.42 1.72 -3.15
N SER A 20 -14.58 1.25 -2.54
CA SER A 20 -14.87 -0.15 -2.11
C SER A 20 -14.24 -0.45 -0.74
N HIS A 21 -13.05 0.14 -0.48
CA HIS A 21 -12.27 -0.01 0.77
C HIS A 21 -11.81 -1.47 0.94
N VAL A 22 -10.67 -1.79 0.30
CA VAL A 22 -10.11 -3.17 0.28
C VAL A 22 -9.79 -3.65 1.74
N SER A 23 -10.42 -4.77 2.18
CA SER A 23 -10.23 -5.29 3.54
C SER A 23 -8.91 -6.10 3.59
N SER A 24 -8.26 -6.28 4.79
CA SER A 24 -7.00 -7.02 4.94
C SER A 24 -6.97 -8.42 4.29
N ARG A 25 -8.08 -9.19 4.30
CA ARG A 25 -8.13 -10.49 3.54
C ARG A 25 -7.81 -10.34 2.00
N ASP A 26 -8.43 -9.35 1.30
CA ASP A 26 -8.24 -9.12 -0.17
C ASP A 26 -6.78 -8.73 -0.51
N VAL A 27 -6.23 -7.71 0.22
CA VAL A 27 -4.84 -7.32 0.08
C VAL A 27 -3.89 -8.46 0.39
N GLU A 28 -4.08 -9.18 1.48
CA GLU A 28 -3.29 -10.41 1.69
C GLU A 28 -3.35 -11.37 0.46
N ASN A 29 -4.51 -11.79 -0.13
CA ASN A 29 -4.38 -12.73 -1.29
C ASN A 29 -3.81 -12.07 -2.61
N GLU A 30 -4.52 -11.07 -3.23
CA GLU A 30 -4.05 -10.55 -4.52
C GLU A 30 -2.79 -9.68 -4.38
N PHE A 31 -2.58 -8.99 -3.24
CA PHE A 31 -1.37 -8.21 -3.06
C PHE A 31 -0.18 -9.06 -2.53
N ARG A 32 -0.41 -10.14 -1.70
CA ARG A 32 0.70 -11.15 -1.52
C ARG A 32 1.31 -11.69 -2.83
N LYS A 33 0.58 -11.79 -3.99
CA LYS A 33 1.40 -11.99 -5.24
C LYS A 33 2.50 -10.90 -5.43
N TYR A 34 2.16 -9.63 -5.30
CA TYR A 34 3.11 -8.58 -5.69
C TYR A 34 4.19 -8.34 -4.58
N GLY A 35 3.84 -8.34 -3.27
CA GLY A 35 4.87 -8.38 -2.24
C GLY A 35 4.51 -9.32 -1.12
N ASN A 36 5.54 -9.80 -0.40
CA ASN A 36 5.31 -10.88 0.57
C ASN A 36 4.83 -10.26 1.89
N ILE A 37 3.56 -10.48 2.24
CA ILE A 37 2.96 -9.87 3.46
C ILE A 37 3.48 -10.50 4.78
N LEU A 38 4.08 -9.66 5.66
CA LEU A 38 4.44 -10.09 7.04
C LEU A 38 3.41 -9.50 8.04
N LYS A 39 2.68 -8.45 7.59
CA LYS A 39 1.87 -7.58 8.50
C LYS A 39 0.73 -6.92 7.69
N CYS A 40 -0.54 -7.00 8.15
CA CYS A 40 -1.64 -6.28 7.50
C CYS A 40 -2.60 -5.78 8.56
N ASP A 41 -2.62 -4.47 8.80
CA ASP A 41 -3.57 -3.95 9.80
C ASP A 41 -4.60 -2.98 9.18
N VAL A 42 -5.83 -2.98 9.72
CA VAL A 42 -6.88 -2.07 9.23
C VAL A 42 -7.12 -0.99 10.30
N LYS A 43 -6.94 0.29 9.96
CA LYS A 43 -7.08 1.36 10.95
C LYS A 43 -8.19 2.33 10.51
N LYS A 44 -9.17 2.70 11.41
CA LYS A 44 -10.38 3.34 10.87
C LYS A 44 -10.59 4.71 11.50
N THR A 45 -10.79 5.79 10.69
CA THR A 45 -11.04 7.06 11.33
C THR A 45 -12.55 7.43 11.34
N VAL A 46 -12.92 8.35 12.26
CA VAL A 46 -14.32 8.82 12.44
C VAL A 46 -14.76 9.78 11.29
N SER A 47 -13.83 10.19 10.41
CA SER A 47 -14.13 11.09 9.30
C SER A 47 -14.67 10.30 8.08
N GLY A 48 -14.91 8.99 8.26
CA GLY A 48 -15.43 8.14 7.20
C GLY A 48 -14.37 7.60 6.23
N ALA A 49 -13.12 8.05 6.34
CA ALA A 49 -12.05 7.56 5.48
C ALA A 49 -11.42 6.26 6.05
N ALA A 50 -11.24 5.23 5.20
CA ALA A 50 -10.62 3.95 5.60
C ALA A 50 -9.22 3.92 5.04
N PHE A 51 -8.22 3.38 5.76
CA PHE A 51 -6.88 3.24 5.17
C PHE A 51 -6.43 1.82 5.42
N ALA A 52 -5.67 1.21 4.51
CA ALA A 52 -5.11 -0.10 4.81
C ALA A 52 -3.58 -0.03 4.80
N PHE A 53 -2.98 -0.72 5.80
CA PHE A 53 -1.58 -0.62 6.11
C PHE A 53 -0.92 -2.00 5.89
N ILE A 54 0.07 -2.07 4.98
CA ILE A 54 0.57 -3.39 4.48
C ILE A 54 2.10 -3.44 4.51
N GLU A 55 2.69 -4.26 5.37
CA GLU A 55 4.18 -4.32 5.45
C GLU A 55 4.76 -5.57 4.72
N PHE A 56 5.51 -5.34 3.61
CA PHE A 56 6.06 -6.45 2.77
C PHE A 56 7.59 -6.59 2.91
N GLU A 57 8.16 -7.75 2.46
CA GLU A 57 9.67 -7.90 2.45
C GLU A 57 10.35 -7.20 1.27
N ASP A 58 9.75 -7.25 0.06
CA ASP A 58 10.40 -6.66 -1.07
C ASP A 58 9.59 -5.46 -1.55
N ALA A 59 10.20 -4.26 -1.50
CA ALA A 59 9.55 -3.07 -2.02
C ALA A 59 9.55 -2.95 -3.57
N ARG A 60 10.51 -3.55 -4.34
CA ARG A 60 10.47 -3.32 -5.80
C ARG A 60 9.42 -4.19 -6.57
N ASP A 61 9.03 -5.42 -6.12
CA ASP A 61 7.93 -6.16 -6.84
C ASP A 61 6.45 -5.65 -6.51
N ALA A 62 6.14 -5.12 -5.28
CA ALA A 62 4.88 -4.37 -4.97
C ALA A 62 4.59 -3.12 -5.93
N ALA A 63 5.68 -2.58 -6.53
CA ALA A 63 5.64 -1.50 -7.56
C ALA A 63 4.60 -1.77 -8.72
N ASP A 64 4.44 -3.04 -9.23
CA ASP A 64 3.32 -3.37 -10.17
C ASP A 64 1.94 -2.99 -9.61
N ALA A 65 1.61 -3.40 -8.37
CA ALA A 65 0.34 -2.98 -7.72
C ALA A 65 0.23 -1.47 -7.58
N ILE A 66 1.30 -0.78 -7.14
CA ILE A 66 1.11 0.67 -6.92
C ILE A 66 0.93 1.46 -8.22
N LYS A 67 1.80 1.29 -9.24
CA LYS A 67 1.47 1.84 -10.58
C LYS A 67 0.13 1.33 -11.20
N GLU A 68 -0.41 0.13 -10.86
CA GLU A 68 -1.69 -0.27 -11.47
C GLU A 68 -2.88 0.36 -10.72
N LYS A 69 -2.67 0.79 -9.46
CA LYS A 69 -3.72 1.48 -8.69
C LYS A 69 -3.35 3.00 -8.48
N ASP A 70 -2.39 3.55 -9.30
CA ASP A 70 -1.90 4.95 -9.16
C ASP A 70 -2.84 5.97 -9.75
N GLY A 71 -2.69 7.24 -9.36
CA GLY A 71 -3.78 8.16 -9.54
C GLY A 71 -4.35 8.67 -8.25
N CYS A 72 -3.53 8.70 -7.15
CA CYS A 72 -4.00 9.11 -5.84
C CYS A 72 -4.62 10.51 -5.91
N ASP A 73 -5.90 10.61 -5.49
CA ASP A 73 -6.66 11.82 -5.71
C ASP A 73 -7.40 12.29 -4.45
N PHE A 74 -7.61 13.63 -4.37
CA PHE A 74 -7.99 14.37 -3.19
C PHE A 74 -8.83 15.56 -3.66
N GLU A 75 -9.86 15.97 -2.90
CA GLU A 75 -10.73 17.13 -3.27
C GLU A 75 -11.67 16.85 -4.48
N GLY A 76 -12.60 15.90 -4.30
CA GLY A 76 -13.66 15.65 -5.28
C GLY A 76 -13.45 14.48 -6.24
N ASN A 77 -12.25 13.93 -6.35
CA ASN A 77 -12.15 12.50 -6.77
C ASN A 77 -11.48 11.77 -5.63
N LYS A 78 -12.14 10.77 -5.03
CA LYS A 78 -11.58 10.17 -3.80
C LYS A 78 -10.76 8.91 -4.20
N LEU A 79 -9.39 8.96 -4.26
CA LEU A 79 -8.63 7.74 -4.71
C LEU A 79 -7.13 7.70 -4.29
N ARG A 80 -6.69 7.62 -3.00
CA ARG A 80 -5.24 7.76 -2.68
C ARG A 80 -4.53 6.36 -2.52
N VAL A 81 -3.56 6.00 -3.40
CA VAL A 81 -2.68 4.87 -3.09
C VAL A 81 -1.25 5.39 -3.07
N GLU A 82 -0.52 5.35 -1.91
CA GLU A 82 0.91 5.62 -2.02
C GLU A 82 1.71 4.75 -1.05
N VAL A 83 2.86 4.31 -1.53
CA VAL A 83 3.85 3.66 -0.70
C VAL A 83 4.72 4.70 0.03
N PRO A 84 4.84 4.59 1.36
CA PRO A 84 5.88 5.31 2.09
C PRO A 84 7.21 4.53 2.11
N PHE A 85 7.44 3.65 1.12
CA PHE A 85 8.73 2.97 1.01
C PHE A 85 9.57 3.56 -0.14
N ASN A 86 8.86 4.02 -1.18
CA ASN A 86 9.44 4.58 -2.43
C ASN A 86 10.52 3.67 -3.08
N ALA A 87 10.09 2.50 -3.64
CA ALA A 87 10.98 1.53 -4.34
C ALA A 87 11.99 0.87 -3.37
N ARG A 88 13.12 0.34 -3.86
CA ARG A 88 14.03 -0.45 -2.97
C ARG A 88 15.15 0.45 -2.41
N GLU A 89 16.23 0.64 -3.19
CA GLU A 89 17.34 1.50 -2.80
C GLU A 89 17.47 2.66 -3.80
N GLY A 1 15.41 11.24 -9.17
CA GLY A 1 16.38 10.16 -9.51
C GLY A 1 17.57 10.14 -8.58
N SER A 2 17.52 9.24 -7.59
CA SER A 2 18.58 9.10 -6.60
C SER A 2 18.71 7.63 -6.21
N HIS A 3 19.86 7.22 -5.65
CA HIS A 3 20.07 5.84 -5.18
C HIS A 3 20.96 5.83 -3.94
N MET A 4 20.46 5.29 -2.82
CA MET A 4 21.22 5.22 -1.57
C MET A 4 21.08 3.84 -0.89
N VAL A 5 21.84 3.63 0.19
CA VAL A 5 21.86 2.34 0.88
C VAL A 5 20.94 2.34 2.11
N ILE A 6 20.28 1.20 2.35
CA ILE A 6 19.36 1.04 3.50
C ILE A 6 19.75 -0.21 4.32
N ARG A 7 19.84 -0.11 5.66
CA ARG A 7 20.04 -1.27 6.50
C ARG A 7 19.05 -1.22 7.66
N GLU A 8 18.22 -2.29 7.83
CA GLU A 8 17.36 -2.48 9.04
C GLU A 8 16.12 -1.54 8.95
N SER A 9 15.16 -1.86 8.06
CA SER A 9 14.00 -0.98 7.89
C SER A 9 12.72 -1.82 7.69
N VAL A 10 11.55 -1.18 7.79
CA VAL A 10 10.25 -1.84 7.58
C VAL A 10 9.51 -1.18 6.42
N SER A 11 9.40 -1.92 5.33
CA SER A 11 8.72 -1.44 4.12
C SER A 11 7.20 -1.65 4.27
N ARG A 12 6.43 -0.56 4.12
CA ARG A 12 4.95 -0.64 4.30
C ARG A 12 4.18 0.22 3.26
N ILE A 13 2.87 -0.08 2.96
CA ILE A 13 2.09 0.68 1.95
C ILE A 13 0.90 1.35 2.63
N TYR A 14 0.68 2.65 2.29
CA TYR A 14 -0.38 3.47 2.89
C TYR A 14 -1.56 3.67 1.88
N VAL A 15 -2.82 3.21 2.19
CA VAL A 15 -3.92 3.33 1.20
C VAL A 15 -5.10 4.09 1.85
N GLY A 16 -5.35 5.36 1.47
CA GLY A 16 -6.46 6.08 2.09
C GLY A 16 -7.50 6.52 1.09
N ASN A 17 -8.72 6.90 1.59
CA ASN A 17 -9.84 7.42 0.75
C ASN A 17 -10.20 6.53 -0.51
N LEU A 18 -9.91 5.22 -0.41
CA LEU A 18 -10.10 4.22 -1.47
C LEU A 18 -11.59 3.87 -1.64
N PRO A 19 -12.04 3.50 -2.88
CA PRO A 19 -13.42 3.06 -3.10
C PRO A 19 -13.62 1.59 -2.68
N SER A 20 -14.66 1.28 -1.83
CA SER A 20 -14.88 -0.04 -1.20
C SER A 20 -13.67 -0.50 -0.35
N HIS A 21 -13.81 -0.37 0.98
CA HIS A 21 -12.75 -0.71 1.94
C HIS A 21 -12.30 -2.17 1.78
N VAL A 22 -11.00 -2.33 1.59
CA VAL A 22 -10.40 -3.65 1.35
C VAL A 22 -10.28 -4.39 2.71
N SER A 23 -10.95 -5.58 2.86
CA SER A 23 -10.90 -6.35 4.10
C SER A 23 -9.57 -7.14 4.15
N SER A 24 -9.05 -7.55 5.36
CA SER A 24 -7.81 -8.32 5.49
C SER A 24 -7.67 -9.56 4.56
N ARG A 25 -8.76 -10.31 4.32
CA ARG A 25 -8.75 -11.43 3.30
C ARG A 25 -8.32 -10.98 1.84
N ASP A 26 -8.78 -9.80 1.36
CA ASP A 26 -8.42 -9.30 -0.01
C ASP A 26 -6.95 -8.86 -0.06
N VAL A 27 -6.47 -8.08 0.96
CA VAL A 27 -5.05 -7.72 1.05
C VAL A 27 -4.15 -8.95 1.18
N GLU A 28 -4.44 -9.85 2.10
CA GLU A 28 -3.72 -11.12 2.15
C GLU A 28 -3.68 -11.85 0.77
N ASN A 29 -4.79 -12.12 0.03
CA ASN A 29 -4.63 -12.85 -1.28
C ASN A 29 -4.01 -11.99 -2.45
N GLU A 30 -4.71 -10.89 -2.88
CA GLU A 30 -4.22 -10.15 -4.03
C GLU A 30 -2.97 -9.35 -3.68
N PHE A 31 -2.82 -8.87 -2.42
CA PHE A 31 -1.63 -8.08 -2.10
C PHE A 31 -0.43 -8.99 -1.70
N ARG A 32 -0.65 -10.29 -1.22
CA ARG A 32 0.51 -11.24 -1.17
C ARG A 32 1.12 -11.49 -2.56
N LYS A 33 0.35 -11.31 -3.68
CA LYS A 33 1.06 -11.22 -4.99
C LYS A 33 2.19 -10.13 -5.02
N TYR A 34 2.11 -9.00 -4.29
CA TYR A 34 2.89 -7.83 -4.71
C TYR A 34 4.33 -7.86 -4.16
N GLY A 35 4.58 -8.10 -2.85
CA GLY A 35 5.97 -8.29 -2.45
C GLY A 35 6.14 -8.99 -1.13
N ASN A 36 5.29 -10.02 -0.88
CA ASN A 36 5.38 -10.90 0.30
C ASN A 36 5.02 -10.15 1.61
N ILE A 37 3.74 -10.24 2.00
CA ILE A 37 3.24 -9.59 3.24
C ILE A 37 3.69 -10.32 4.53
N LEU A 38 4.25 -9.55 5.49
CA LEU A 38 4.61 -10.12 6.82
C LEU A 38 3.63 -9.58 7.90
N LYS A 39 2.99 -8.43 7.59
CA LYS A 39 2.13 -7.70 8.55
C LYS A 39 1.01 -6.97 7.74
N CYS A 40 -0.29 -7.07 8.12
CA CYS A 40 -1.37 -6.34 7.43
C CYS A 40 -2.35 -5.79 8.44
N ASP A 41 -2.37 -4.46 8.60
CA ASP A 41 -3.36 -3.90 9.56
C ASP A 41 -4.35 -2.96 8.85
N VAL A 42 -5.60 -2.95 9.32
CA VAL A 42 -6.59 -1.98 8.82
C VAL A 42 -6.95 -1.08 9.98
N LYS A 43 -6.57 0.18 9.84
CA LYS A 43 -6.88 1.19 10.84
C LYS A 43 -7.82 2.24 10.21
N LYS A 44 -8.98 2.61 10.85
CA LYS A 44 -9.95 3.48 10.13
C LYS A 44 -10.34 4.66 11.05
N THR A 45 -10.58 5.90 10.53
CA THR A 45 -10.92 7.00 11.41
C THR A 45 -12.46 7.25 11.45
N VAL A 46 -12.91 8.14 12.38
CA VAL A 46 -14.34 8.47 12.58
C VAL A 46 -14.92 9.38 11.45
N SER A 47 -14.05 9.85 10.54
CA SER A 47 -14.47 10.74 9.46
C SER A 47 -14.98 9.94 8.24
N GLY A 48 -15.15 8.61 8.41
CA GLY A 48 -15.60 7.73 7.33
C GLY A 48 -14.51 7.27 6.36
N ALA A 49 -13.29 7.79 6.51
CA ALA A 49 -12.16 7.36 5.67
C ALA A 49 -11.47 6.11 6.30
N ALA A 50 -11.22 5.07 5.48
CA ALA A 50 -10.56 3.83 5.97
C ALA A 50 -9.12 3.83 5.45
N PHE A 51 -8.16 3.25 6.19
CA PHE A 51 -6.81 3.21 5.66
C PHE A 51 -6.30 1.78 5.68
N ALA A 52 -5.46 1.41 4.71
CA ALA A 52 -4.86 0.09 4.69
C ALA A 52 -3.34 0.21 4.81
N PHE A 53 -2.74 -0.68 5.61
CA PHE A 53 -1.34 -0.60 5.88
C PHE A 53 -0.76 -1.98 5.60
N ILE A 54 0.12 -2.11 4.56
CA ILE A 54 0.53 -3.49 4.14
C ILE A 54 2.05 -3.56 4.06
N GLU A 55 2.62 -4.35 4.94
CA GLU A 55 4.09 -4.44 5.14
C GLU A 55 4.75 -5.55 4.27
N PHE A 56 5.62 -5.13 3.31
CA PHE A 56 6.28 -6.07 2.36
C PHE A 56 7.78 -6.29 2.62
N GLU A 57 8.37 -7.41 2.11
CA GLU A 57 9.86 -7.58 2.17
C GLU A 57 10.59 -6.83 1.04
N ASP A 58 10.09 -6.90 -0.20
CA ASP A 58 10.80 -6.31 -1.31
C ASP A 58 9.98 -5.18 -1.95
N ALA A 59 10.61 -3.98 -2.08
CA ALA A 59 9.94 -2.88 -2.77
C ALA A 59 9.94 -2.97 -4.32
N ARG A 60 10.86 -3.73 -5.01
CA ARG A 60 10.87 -3.63 -6.51
C ARG A 60 9.70 -4.43 -7.19
N ASP A 61 9.34 -5.67 -6.73
CA ASP A 61 8.20 -6.43 -7.33
C ASP A 61 6.82 -5.73 -7.19
N ALA A 62 6.48 -5.27 -5.97
CA ALA A 62 5.22 -4.54 -5.67
C ALA A 62 4.96 -3.26 -6.55
N ALA A 63 6.05 -2.64 -7.08
CA ALA A 63 6.00 -1.50 -8.06
C ALA A 63 4.99 -1.72 -9.25
N ASP A 64 4.94 -2.94 -9.89
CA ASP A 64 3.92 -3.29 -10.95
C ASP A 64 2.48 -3.03 -10.49
N ALA A 65 2.10 -3.57 -9.35
CA ALA A 65 0.74 -3.37 -8.91
C ALA A 65 0.52 -1.97 -8.34
N ILE A 66 1.53 -1.33 -7.74
CA ILE A 66 1.27 0.02 -7.21
C ILE A 66 1.05 1.02 -8.32
N LYS A 67 1.87 1.05 -9.36
CA LYS A 67 1.47 1.78 -10.57
C LYS A 67 0.11 1.32 -11.21
N GLU A 68 -0.29 0.01 -11.13
CA GLU A 68 -1.66 -0.37 -11.61
C GLU A 68 -2.81 0.28 -10.78
N LYS A 69 -2.60 0.59 -9.48
CA LYS A 69 -3.56 1.51 -8.80
C LYS A 69 -3.04 2.96 -8.49
N ASP A 70 -1.92 3.42 -9.09
CA ASP A 70 -1.40 4.79 -8.83
C ASP A 70 -2.19 5.82 -9.61
N GLY A 71 -2.19 7.09 -9.18
CA GLY A 71 -3.34 7.88 -9.47
C GLY A 71 -4.08 8.36 -8.24
N CYS A 72 -3.33 8.58 -7.10
CA CYS A 72 -3.95 9.19 -5.89
C CYS A 72 -4.73 10.45 -6.26
N ASP A 73 -5.96 10.50 -5.73
CA ASP A 73 -6.91 11.52 -6.14
C ASP A 73 -7.53 12.27 -4.95
N PHE A 74 -7.82 13.58 -5.22
CA PHE A 74 -7.96 14.65 -4.26
C PHE A 74 -8.92 15.69 -4.83
N GLU A 75 -9.75 16.33 -3.98
CA GLU A 75 -10.64 17.46 -4.43
C GLU A 75 -11.82 16.98 -5.31
N GLY A 76 -12.69 16.13 -4.75
CA GLY A 76 -13.91 15.71 -5.44
C GLY A 76 -13.86 14.38 -6.20
N ASN A 77 -12.67 13.84 -6.44
CA ASN A 77 -12.54 12.41 -6.72
C ASN A 77 -11.59 11.90 -5.68
N LYS A 78 -12.00 10.96 -4.85
CA LYS A 78 -11.06 10.52 -3.81
C LYS A 78 -10.47 9.16 -4.14
N LEU A 79 -9.12 9.00 -4.05
CA LEU A 79 -8.49 7.71 -4.40
C LEU A 79 -7.00 7.72 -4.00
N ARG A 80 -6.60 7.68 -2.71
CA ARG A 80 -5.17 7.85 -2.34
C ARG A 80 -4.45 6.46 -2.23
N VAL A 81 -3.45 6.18 -3.11
CA VAL A 81 -2.49 5.08 -2.84
C VAL A 81 -1.08 5.68 -2.81
N GLU A 82 -0.36 5.65 -1.65
CA GLU A 82 1.02 6.11 -1.64
C GLU A 82 1.90 5.13 -0.89
N VAL A 83 3.09 4.88 -1.43
CA VAL A 83 4.07 4.12 -0.70
C VAL A 83 4.96 5.06 0.13
N PRO A 84 5.01 4.85 1.46
CA PRO A 84 6.00 5.49 2.31
C PRO A 84 7.30 4.68 2.45
N PHE A 85 7.58 3.79 1.49
CA PHE A 85 8.84 3.07 1.51
C PHE A 85 9.75 3.45 0.35
N ASN A 86 9.17 4.09 -0.69
CA ASN A 86 9.83 4.38 -1.99
C ASN A 86 10.02 3.07 -2.80
N ALA A 87 9.50 2.97 -4.05
CA ALA A 87 9.53 1.71 -4.82
C ALA A 87 10.91 1.40 -5.45
N ARG A 88 11.96 1.28 -4.58
CA ARG A 88 13.36 0.97 -4.95
C ARG A 88 13.97 2.09 -5.80
N GLU A 89 13.64 3.35 -5.43
CA GLU A 89 14.25 4.57 -5.99
C GLU A 89 14.10 4.68 -7.52
N GLY A 1 10.62 5.71 -7.05
CA GLY A 1 11.77 5.21 -6.26
C GLY A 1 12.81 6.31 -6.02
N SER A 2 13.22 6.46 -4.76
CA SER A 2 14.21 7.47 -4.36
C SER A 2 15.27 6.90 -3.41
N HIS A 3 15.05 5.67 -2.92
CA HIS A 3 16.00 5.00 -2.02
C HIS A 3 16.07 3.50 -2.32
N MET A 4 16.99 2.79 -1.63
CA MET A 4 17.11 1.34 -1.74
C MET A 4 17.96 0.80 -0.58
N VAL A 5 17.27 0.52 0.56
CA VAL A 5 17.87 -0.02 1.83
C VAL A 5 18.76 1.04 2.55
N ILE A 6 18.63 1.13 3.88
CA ILE A 6 19.52 1.99 4.65
C ILE A 6 20.13 1.27 5.89
N ARG A 7 19.33 0.54 6.70
CA ARG A 7 19.81 -0.05 7.96
C ARG A 7 18.73 -0.98 8.55
N GLU A 8 18.26 -1.95 7.72
CA GLU A 8 17.25 -2.98 8.11
C GLU A 8 15.86 -2.34 8.33
N SER A 9 14.98 -2.29 7.31
CA SER A 9 13.68 -1.67 7.48
C SER A 9 12.54 -2.67 7.17
N VAL A 10 11.29 -2.18 7.03
CA VAL A 10 10.12 -2.98 6.65
C VAL A 10 9.27 -2.11 5.73
N SER A 11 9.14 -2.52 4.48
CA SER A 11 8.47 -1.69 3.46
C SER A 11 6.94 -1.81 3.50
N ARG A 12 6.21 -0.68 3.69
CA ARG A 12 4.72 -0.73 3.83
C ARG A 12 3.99 0.21 2.84
N ILE A 13 2.71 -0.07 2.47
CA ILE A 13 1.97 0.81 1.54
C ILE A 13 0.76 1.37 2.28
N TYR A 14 0.49 2.68 2.00
CA TYR A 14 -0.66 3.38 2.57
C TYR A 14 -1.83 3.47 1.50
N VAL A 15 -3.03 2.85 1.76
CA VAL A 15 -4.15 2.91 0.79
C VAL A 15 -5.40 3.41 1.51
N GLY A 16 -5.79 4.66 1.27
CA GLY A 16 -7.01 5.17 1.88
C GLY A 16 -8.11 5.47 0.86
N ASN A 17 -9.26 6.03 1.31
CA ASN A 17 -10.35 6.57 0.41
C ASN A 17 -10.90 5.56 -0.66
N LEU A 18 -10.86 4.26 -0.37
CA LEU A 18 -11.32 3.22 -1.28
C LEU A 18 -12.81 2.93 -1.07
N PRO A 19 -13.55 2.48 -2.15
CA PRO A 19 -14.94 2.02 -2.04
C PRO A 19 -15.12 0.82 -1.07
N SER A 20 -16.12 0.90 -0.12
CA SER A 20 -16.63 -0.20 0.74
C SER A 20 -15.66 -0.65 1.86
N HIS A 21 -14.42 -0.08 1.87
CA HIS A 21 -13.32 -0.47 2.78
C HIS A 21 -12.74 -1.84 2.35
N VAL A 22 -11.43 -1.91 2.22
CA VAL A 22 -10.76 -3.15 1.83
C VAL A 22 -10.37 -3.93 3.17
N SER A 23 -10.88 -5.18 3.41
CA SER A 23 -10.63 -5.90 4.68
C SER A 23 -9.23 -6.59 4.63
N SER A 24 -8.58 -6.91 5.80
CA SER A 24 -7.20 -7.45 5.78
C SER A 24 -7.01 -8.76 5.01
N ARG A 25 -7.99 -9.69 4.97
CA ARG A 25 -7.85 -10.88 4.09
C ARG A 25 -7.75 -10.56 2.54
N ASP A 26 -8.50 -9.56 2.00
CA ASP A 26 -8.40 -9.19 0.57
C ASP A 26 -7.00 -8.61 0.23
N VAL A 27 -6.54 -7.60 1.05
CA VAL A 27 -5.21 -6.99 0.86
C VAL A 27 -4.09 -8.01 1.06
N GLU A 28 -4.18 -8.85 2.09
CA GLU A 28 -3.29 -10.01 2.26
C GLU A 28 -3.25 -10.98 1.05
N ASN A 29 -4.37 -11.49 0.46
CA ASN A 29 -4.26 -12.42 -0.71
C ASN A 29 -3.72 -11.76 -1.99
N GLU A 30 -4.39 -10.69 -2.47
CA GLU A 30 -3.91 -10.02 -3.68
C GLU A 30 -2.49 -9.46 -3.50
N PHE A 31 -2.14 -8.78 -2.37
CA PHE A 31 -0.76 -8.30 -2.21
C PHE A 31 0.26 -9.40 -1.87
N ARG A 32 -0.10 -10.53 -1.20
CA ARG A 32 0.82 -11.73 -1.20
C ARG A 32 1.16 -12.27 -2.59
N LYS A 33 0.23 -12.28 -3.61
CA LYS A 33 0.76 -12.57 -4.99
C LYS A 33 1.84 -11.55 -5.36
N TYR A 34 1.54 -10.28 -5.13
CA TYR A 34 2.32 -9.19 -5.67
C TYR A 34 3.71 -9.03 -4.96
N GLY A 35 3.80 -9.20 -3.63
CA GLY A 35 5.08 -9.45 -2.97
C GLY A 35 4.89 -10.29 -1.71
N ASN A 36 5.95 -10.69 -0.99
CA ASN A 36 5.74 -11.56 0.17
C ASN A 36 5.38 -10.74 1.42
N ILE A 37 4.09 -10.69 1.78
CA ILE A 37 3.64 -9.90 2.96
C ILE A 37 4.10 -10.55 4.29
N LEU A 38 4.64 -9.71 5.21
CA LEU A 38 4.96 -10.15 6.59
C LEU A 38 3.90 -9.66 7.60
N LYS A 39 3.18 -8.56 7.28
CA LYS A 39 2.24 -7.90 8.23
C LYS A 39 1.19 -7.09 7.41
N CYS A 40 -0.11 -7.14 7.79
CA CYS A 40 -1.16 -6.39 7.10
C CYS A 40 -2.13 -5.82 8.12
N ASP A 41 -2.11 -4.50 8.34
CA ASP A 41 -3.09 -3.94 9.31
C ASP A 41 -4.02 -2.89 8.68
N VAL A 42 -5.28 -2.86 9.11
CA VAL A 42 -6.27 -1.91 8.58
C VAL A 42 -6.95 -1.14 9.74
N LYS A 43 -6.67 0.16 9.80
CA LYS A 43 -7.13 1.05 10.89
C LYS A 43 -8.15 2.07 10.32
N LYS A 44 -9.13 2.62 11.10
CA LYS A 44 -10.15 3.49 10.45
C LYS A 44 -10.22 4.85 11.21
N THR A 45 -10.50 6.01 10.55
CA THR A 45 -10.66 7.24 11.32
C THR A 45 -12.16 7.57 11.55
N VAL A 46 -12.46 8.65 12.33
CA VAL A 46 -13.84 9.05 12.68
C VAL A 46 -14.56 9.79 11.50
N SER A 47 -13.80 10.13 10.43
CA SER A 47 -14.34 10.88 9.28
C SER A 47 -14.98 9.92 8.26
N GLY A 48 -14.94 8.61 8.55
CA GLY A 48 -15.47 7.60 7.64
C GLY A 48 -14.52 7.17 6.51
N ALA A 49 -13.38 7.85 6.38
CA ALA A 49 -12.31 7.40 5.48
C ALA A 49 -11.52 6.24 6.18
N ALA A 50 -11.28 5.15 5.47
CA ALA A 50 -10.71 3.92 6.07
C ALA A 50 -9.35 3.63 5.42
N PHE A 51 -8.35 3.09 6.17
CA PHE A 51 -6.99 3.00 5.60
C PHE A 51 -6.42 1.59 5.68
N ALA A 52 -5.52 1.23 4.74
CA ALA A 52 -4.84 -0.08 4.78
C ALA A 52 -3.34 0.07 4.69
N PHE A 53 -2.66 -0.84 5.37
CA PHE A 53 -1.26 -0.72 5.68
C PHE A 53 -0.64 -2.07 5.32
N ILE A 54 0.24 -2.12 4.29
CA ILE A 54 0.68 -3.47 3.79
C ILE A 54 2.17 -3.53 3.80
N GLU A 55 2.70 -4.30 4.74
CA GLU A 55 4.13 -4.39 4.98
C GLU A 55 4.69 -5.72 4.44
N PHE A 56 5.42 -5.67 3.31
CA PHE A 56 5.99 -6.87 2.66
C PHE A 56 7.54 -6.89 2.70
N GLU A 57 8.18 -8.11 2.81
CA GLU A 57 9.65 -8.26 2.55
C GLU A 57 10.11 -7.80 1.16
N ASP A 58 9.23 -7.79 0.14
CA ASP A 58 9.69 -7.40 -1.20
C ASP A 58 9.00 -6.09 -1.58
N ALA A 59 9.77 -5.00 -1.70
CA ALA A 59 9.22 -3.75 -2.23
C ALA A 59 9.03 -3.71 -3.78
N ARG A 60 10.01 -4.18 -4.62
CA ARG A 60 9.92 -3.86 -6.07
C ARG A 60 8.88 -4.73 -6.87
N ASP A 61 8.59 -6.01 -6.48
CA ASP A 61 7.54 -6.79 -7.21
C ASP A 61 6.04 -6.37 -6.96
N ALA A 62 5.67 -5.84 -5.75
CA ALA A 62 4.30 -5.41 -5.42
C ALA A 62 3.91 -4.05 -6.15
N ALA A 63 4.97 -3.34 -6.60
CA ALA A 63 4.90 -2.16 -7.47
C ALA A 63 3.98 -2.34 -8.75
N ASP A 64 3.82 -3.60 -9.33
CA ASP A 64 2.70 -3.89 -10.30
C ASP A 64 1.34 -3.47 -9.72
N ALA A 65 0.97 -3.95 -8.52
CA ALA A 65 -0.29 -3.49 -7.89
C ALA A 65 -0.29 -2.03 -7.52
N ILE A 66 0.83 -1.42 -7.12
CA ILE A 66 0.72 0.00 -6.77
C ILE A 66 0.54 0.95 -8.00
N LYS A 67 1.19 0.67 -9.17
CA LYS A 67 0.78 1.30 -10.45
C LYS A 67 -0.64 0.92 -10.90
N GLU A 68 -1.11 -0.30 -10.60
CA GLU A 68 -2.38 -0.76 -11.14
C GLU A 68 -3.59 -0.29 -10.31
N LYS A 69 -3.37 0.10 -9.06
CA LYS A 69 -4.42 0.70 -8.25
C LYS A 69 -4.29 2.26 -8.24
N ASP A 70 -3.45 2.85 -9.15
CA ASP A 70 -3.02 4.28 -9.04
C ASP A 70 -4.12 5.24 -9.50
N GLY A 71 -4.04 6.52 -9.12
CA GLY A 71 -5.22 7.32 -9.05
C GLY A 71 -5.53 7.89 -7.69
N CYS A 72 -4.45 8.11 -6.86
CA CYS A 72 -4.53 8.66 -5.51
C CYS A 72 -5.42 9.90 -5.51
N ASP A 73 -6.38 9.96 -4.52
CA ASP A 73 -7.57 10.86 -4.61
C ASP A 73 -7.20 12.31 -4.80
N PHE A 74 -7.32 12.75 -6.07
CA PHE A 74 -7.00 14.08 -6.51
C PHE A 74 -7.86 14.36 -7.75
N GLU A 75 -8.40 15.59 -7.88
CA GLU A 75 -9.12 16.05 -9.12
C GLU A 75 -10.44 15.29 -9.34
N GLY A 76 -11.33 15.27 -8.32
CA GLY A 76 -12.63 14.62 -8.48
C GLY A 76 -12.69 13.09 -8.39
N ASN A 77 -11.55 12.40 -8.37
CA ASN A 77 -11.60 10.93 -8.41
C ASN A 77 -11.04 10.40 -7.09
N LYS A 78 -11.87 9.67 -6.35
CA LYS A 78 -11.53 9.33 -4.94
C LYS A 78 -10.86 7.94 -4.84
N LEU A 79 -9.50 7.86 -4.71
CA LEU A 79 -8.84 6.55 -4.39
C LEU A 79 -7.44 6.85 -3.88
N ARG A 80 -7.10 6.78 -2.60
CA ARG A 80 -5.77 7.30 -2.19
C ARG A 80 -4.79 6.11 -2.23
N VAL A 81 -3.82 6.06 -3.17
CA VAL A 81 -2.91 4.92 -3.20
C VAL A 81 -1.43 5.45 -3.22
N GLU A 82 -0.57 5.17 -2.18
CA GLU A 82 0.78 5.78 -2.13
C GLU A 82 1.76 4.83 -1.40
N VAL A 83 2.98 4.66 -1.97
CA VAL A 83 4.09 4.14 -1.18
C VAL A 83 4.69 5.23 -0.28
N PRO A 84 4.71 5.02 1.05
CA PRO A 84 5.51 5.83 1.96
C PRO A 84 6.92 5.27 2.19
N PHE A 85 7.35 4.32 1.35
CA PHE A 85 8.73 3.88 1.38
C PHE A 85 9.47 4.51 0.22
N ASN A 86 8.84 4.46 -0.97
CA ASN A 86 9.41 4.97 -2.24
C ASN A 86 10.83 4.41 -2.47
N ALA A 87 10.99 3.08 -2.47
CA ALA A 87 12.31 2.47 -2.31
C ALA A 87 12.24 0.99 -2.71
N ARG A 88 13.39 0.31 -2.69
CA ARG A 88 13.41 -1.15 -2.90
C ARG A 88 14.04 -1.82 -1.65
N GLU A 89 13.61 -3.04 -1.28
CA GLU A 89 14.34 -3.82 -0.30
C GLU A 89 15.00 -4.98 -1.04
N GLY A 1 15.95 6.35 -9.73
CA GLY A 1 17.27 5.71 -9.47
C GLY A 1 17.27 4.96 -8.17
N SER A 2 17.74 3.70 -8.19
CA SER A 2 17.72 2.85 -7.01
C SER A 2 18.83 1.78 -7.03
N HIS A 3 19.50 1.59 -5.87
CA HIS A 3 20.49 0.53 -5.67
C HIS A 3 20.20 -0.25 -4.37
N MET A 4 20.75 0.23 -3.23
CA MET A 4 20.60 -0.44 -1.91
C MET A 4 21.10 0.46 -0.77
N VAL A 5 20.19 0.93 0.11
CA VAL A 5 20.57 1.61 1.36
C VAL A 5 19.82 1.02 2.56
N ILE A 6 18.50 0.83 2.40
CA ILE A 6 17.59 0.50 3.51
C ILE A 6 17.92 -0.86 4.20
N ARG A 7 18.48 -0.77 5.42
CA ARG A 7 18.61 -1.93 6.29
C ARG A 7 17.93 -1.66 7.64
N GLU A 8 17.45 -2.73 8.33
CA GLU A 8 16.85 -2.63 9.69
C GLU A 8 15.56 -1.79 9.68
N SER A 9 14.69 -2.07 8.71
CA SER A 9 13.45 -1.31 8.57
C SER A 9 12.38 -2.18 7.86
N VAL A 10 11.10 -1.77 7.93
CA VAL A 10 9.99 -2.54 7.34
C VAL A 10 9.36 -1.75 6.18
N SER A 11 9.25 -2.38 5.01
CA SER A 11 8.69 -1.68 3.83
C SER A 11 7.15 -1.77 3.80
N ARG A 12 6.49 -0.61 3.74
CA ARG A 12 5.00 -0.57 3.81
C ARG A 12 4.36 0.47 2.86
N ILE A 13 3.07 0.28 2.43
CA ILE A 13 2.41 1.21 1.51
C ILE A 13 1.21 1.84 2.24
N TYR A 14 0.99 3.16 1.98
CA TYR A 14 -0.11 3.93 2.60
C TYR A 14 -1.30 4.08 1.59
N VAL A 15 -2.52 3.55 1.89
CA VAL A 15 -3.67 3.72 0.99
C VAL A 15 -4.86 4.34 1.74
N GLY A 16 -5.15 5.62 1.51
CA GLY A 16 -6.34 6.22 2.10
C GLY A 16 -7.41 6.53 1.05
N ASN A 17 -8.56 7.14 1.47
CA ASN A 17 -9.64 7.65 0.55
C ASN A 17 -10.15 6.67 -0.56
N LEU A 18 -10.00 5.36 -0.33
CA LEU A 18 -10.44 4.34 -1.28
C LEU A 18 -11.90 3.93 -1.02
N PRO A 19 -12.79 4.03 -2.04
CA PRO A 19 -14.17 3.57 -1.91
C PRO A 19 -14.32 2.03 -2.19
N SER A 20 -14.95 1.27 -1.22
CA SER A 20 -15.29 -0.19 -1.35
C SER A 20 -14.28 -1.00 -2.18
N HIS A 21 -13.05 -1.02 -1.71
CA HIS A 21 -11.96 -1.54 -2.51
C HIS A 21 -11.47 -2.87 -1.93
N VAL A 22 -10.17 -3.02 -1.68
CA VAL A 22 -9.63 -4.30 -1.25
C VAL A 22 -9.78 -4.47 0.31
N SER A 23 -10.50 -5.54 0.78
CA SER A 23 -10.63 -5.84 2.21
C SER A 23 -9.35 -6.58 2.72
N SER A 24 -9.10 -6.69 4.06
CA SER A 24 -7.84 -7.25 4.61
C SER A 24 -7.35 -8.58 3.98
N ARG A 25 -8.27 -9.56 3.83
CA ARG A 25 -7.89 -10.84 3.20
C ARG A 25 -7.47 -10.73 1.68
N ASP A 26 -8.16 -9.93 0.84
CA ASP A 26 -7.68 -9.68 -0.53
C ASP A 26 -6.36 -8.86 -0.58
N VAL A 27 -6.03 -7.97 0.46
CA VAL A 27 -4.75 -7.26 0.45
C VAL A 27 -3.65 -8.30 0.77
N GLU A 28 -3.96 -9.23 1.70
CA GLU A 28 -3.03 -10.28 2.09
C GLU A 28 -2.74 -11.26 0.93
N ASN A 29 -3.73 -11.95 0.29
CA ASN A 29 -3.43 -12.83 -0.85
C ASN A 29 -2.90 -12.10 -2.14
N GLU A 30 -3.67 -11.09 -2.68
CA GLU A 30 -3.21 -10.38 -3.89
C GLU A 30 -1.85 -9.70 -3.69
N PHE A 31 -1.56 -9.10 -2.50
CA PHE A 31 -0.26 -8.52 -2.37
C PHE A 31 0.86 -9.52 -1.96
N ARG A 32 0.58 -10.74 -1.32
CA ARG A 32 1.68 -11.78 -1.17
C ARG A 32 2.15 -12.21 -2.55
N LYS A 33 1.24 -12.31 -3.57
CA LYS A 33 1.79 -12.60 -4.96
C LYS A 33 2.76 -11.51 -5.42
N TYR A 34 2.41 -10.25 -5.23
CA TYR A 34 3.14 -9.16 -5.82
C TYR A 34 4.53 -8.94 -5.15
N GLY A 35 4.61 -9.05 -3.82
CA GLY A 35 5.87 -9.35 -3.14
C GLY A 35 5.57 -10.08 -1.84
N ASN A 36 6.52 -10.76 -1.19
CA ASN A 36 6.15 -11.64 -0.05
C ASN A 36 5.76 -10.81 1.17
N ILE A 37 4.43 -10.67 1.43
CA ILE A 37 3.98 -9.80 2.52
C ILE A 37 4.23 -10.41 3.91
N LEU A 38 4.60 -9.55 4.87
CA LEU A 38 4.76 -9.99 6.26
C LEU A 38 3.49 -9.68 7.12
N LYS A 39 2.92 -8.45 7.02
CA LYS A 39 1.63 -8.12 7.66
C LYS A 39 0.85 -7.09 6.80
N CYS A 40 -0.50 -7.08 6.90
CA CYS A 40 -1.33 -6.09 6.19
C CYS A 40 -2.41 -5.65 7.17
N ASP A 41 -2.31 -4.43 7.69
CA ASP A 41 -3.30 -4.02 8.74
C ASP A 41 -4.17 -2.85 8.25
N VAL A 42 -5.45 -2.85 8.63
CA VAL A 42 -6.41 -1.86 8.11
C VAL A 42 -7.06 -1.10 9.29
N LYS A 43 -6.76 0.21 9.38
CA LYS A 43 -7.18 1.06 10.51
C LYS A 43 -8.12 2.19 10.00
N LYS A 44 -9.15 2.66 10.78
CA LYS A 44 -10.15 3.59 10.17
C LYS A 44 -10.24 4.87 11.05
N THR A 45 -10.48 6.09 10.47
CA THR A 45 -10.67 7.27 11.32
C THR A 45 -12.18 7.60 11.51
N VAL A 46 -12.49 8.51 12.47
CA VAL A 46 -13.88 8.94 12.78
C VAL A 46 -14.60 9.76 11.66
N SER A 47 -13.91 10.12 10.54
CA SER A 47 -14.50 11.03 9.54
C SER A 47 -15.07 10.22 8.36
N GLY A 48 -15.04 8.88 8.47
CA GLY A 48 -15.49 7.99 7.39
C GLY A 48 -14.42 7.69 6.31
N ALA A 49 -13.25 8.35 6.38
CA ALA A 49 -12.10 7.98 5.51
C ALA A 49 -11.37 6.75 6.13
N ALA A 50 -11.09 5.72 5.31
CA ALA A 50 -10.57 4.43 5.82
C ALA A 50 -9.18 4.18 5.22
N PHE A 51 -8.24 3.51 5.96
CA PHE A 51 -6.86 3.39 5.45
C PHE A 51 -6.37 1.93 5.48
N ALA A 52 -5.45 1.59 4.57
CA ALA A 52 -4.83 0.26 4.55
C ALA A 52 -3.33 0.34 4.37
N PHE A 53 -2.64 -0.57 5.05
CA PHE A 53 -1.25 -0.44 5.39
C PHE A 53 -0.61 -1.77 4.99
N ILE A 54 0.30 -1.74 4.00
CA ILE A 54 0.72 -3.02 3.36
C ILE A 54 2.20 -3.21 3.53
N GLU A 55 2.58 -4.15 4.38
CA GLU A 55 3.98 -4.25 4.80
C GLU A 55 4.60 -5.57 4.31
N PHE A 56 5.44 -5.48 3.26
CA PHE A 56 6.06 -6.68 2.65
C PHE A 56 7.59 -6.75 2.83
N GLU A 57 8.18 -7.97 2.66
CA GLU A 57 9.66 -8.10 2.55
C GLU A 57 10.19 -7.61 1.19
N ASP A 58 9.41 -7.67 0.09
CA ASP A 58 9.92 -7.12 -1.18
C ASP A 58 9.07 -5.90 -1.58
N ALA A 59 9.69 -4.71 -1.54
CA ALA A 59 9.07 -3.50 -2.09
C ALA A 59 9.08 -3.37 -3.64
N ARG A 60 10.23 -3.66 -4.30
CA ARG A 60 10.39 -3.35 -5.76
C ARG A 60 9.49 -4.23 -6.69
N ASP A 61 9.23 -5.52 -6.39
CA ASP A 61 8.31 -6.31 -7.25
C ASP A 61 6.76 -6.00 -7.06
N ALA A 62 6.27 -5.63 -5.84
CA ALA A 62 4.88 -5.19 -5.57
C ALA A 62 4.47 -3.81 -6.27
N ALA A 63 5.50 -3.03 -6.65
CA ALA A 63 5.37 -1.81 -7.47
C ALA A 63 4.49 -1.96 -8.77
N ASP A 64 4.45 -3.16 -9.44
CA ASP A 64 3.40 -3.49 -10.47
C ASP A 64 1.97 -3.23 -9.93
N ALA A 65 1.63 -3.79 -8.77
CA ALA A 65 0.31 -3.49 -8.15
C ALA A 65 0.16 -2.07 -7.68
N ILE A 66 1.23 -1.36 -7.25
CA ILE A 66 0.95 0.04 -6.87
C ILE A 66 0.71 0.97 -8.09
N LYS A 67 1.49 0.89 -9.19
CA LYS A 67 1.08 1.54 -10.46
C LYS A 67 -0.28 1.02 -11.00
N GLU A 68 -0.67 -0.22 -10.69
CA GLU A 68 -1.95 -0.74 -11.14
C GLU A 68 -3.14 -0.21 -10.30
N LYS A 69 -2.92 0.12 -9.04
CA LYS A 69 -3.94 0.78 -8.23
C LYS A 69 -3.77 2.35 -8.18
N ASP A 70 -2.92 2.96 -9.06
CA ASP A 70 -2.54 4.42 -8.96
C ASP A 70 -3.66 5.33 -9.47
N GLY A 71 -3.61 6.64 -9.16
CA GLY A 71 -4.84 7.38 -9.09
C GLY A 71 -5.08 8.07 -7.75
N CYS A 72 -3.98 8.50 -7.03
CA CYS A 72 -4.06 9.34 -5.80
C CYS A 72 -5.05 10.48 -5.96
N ASP A 73 -5.83 10.73 -4.87
CA ASP A 73 -7.02 11.64 -4.91
C ASP A 73 -6.61 13.04 -5.37
N PHE A 74 -6.87 13.30 -6.68
CA PHE A 74 -6.48 14.51 -7.38
C PHE A 74 -7.42 14.72 -8.58
N GLU A 75 -7.84 15.97 -8.85
CA GLU A 75 -8.54 16.35 -10.13
C GLU A 75 -9.93 15.67 -10.25
N GLY A 76 -10.79 15.78 -9.22
CA GLY A 76 -12.11 15.14 -9.25
C GLY A 76 -12.19 13.63 -8.94
N ASN A 77 -11.06 12.92 -8.87
CA ASN A 77 -11.12 11.46 -8.62
C ASN A 77 -10.48 11.16 -7.28
N LYS A 78 -11.26 10.59 -6.34
CA LYS A 78 -10.73 10.34 -4.97
C LYS A 78 -10.21 8.90 -4.78
N LEU A 79 -8.87 8.71 -4.69
CA LEU A 79 -8.31 7.43 -4.19
C LEU A 79 -6.89 7.71 -3.73
N ARG A 80 -6.54 7.70 -2.46
CA ARG A 80 -5.16 8.08 -2.14
C ARG A 80 -4.30 6.79 -2.12
N VAL A 81 -3.42 6.55 -3.13
CA VAL A 81 -2.63 5.33 -3.12
C VAL A 81 -1.12 5.70 -3.28
N GLU A 82 -0.25 5.51 -2.24
CA GLU A 82 1.07 6.14 -2.29
C GLU A 82 2.11 5.28 -1.53
N VAL A 83 3.31 5.08 -2.16
CA VAL A 83 4.47 4.57 -1.42
C VAL A 83 5.08 5.65 -0.50
N PRO A 84 5.24 5.34 0.79
CA PRO A 84 6.09 6.09 1.70
C PRO A 84 7.50 5.49 1.89
N PHE A 85 7.92 4.60 0.98
CA PHE A 85 9.29 4.05 1.05
C PHE A 85 10.14 4.49 -0.15
N ASN A 86 9.47 4.78 -1.27
CA ASN A 86 10.10 5.13 -2.57
C ASN A 86 11.13 4.07 -3.07
N ALA A 87 10.60 2.90 -3.57
CA ALA A 87 11.39 1.79 -4.14
C ALA A 87 12.16 0.98 -3.06
N ARG A 88 13.46 1.23 -2.87
CA ARG A 88 14.31 0.46 -1.90
C ARG A 88 15.65 1.19 -1.71
N GLU A 89 15.61 2.53 -1.91
CA GLU A 89 16.81 3.43 -1.97
C GLU A 89 17.90 2.86 -2.89
N GLY A 1 12.21 9.18 -5.06
CA GLY A 1 13.65 8.87 -5.19
C GLY A 1 13.91 7.39 -5.16
N SER A 2 15.17 7.00 -5.03
CA SER A 2 15.54 5.58 -4.92
C SER A 2 16.85 5.42 -4.15
N HIS A 3 16.96 4.31 -3.40
CA HIS A 3 18.17 3.98 -2.64
C HIS A 3 18.49 2.49 -2.84
N MET A 4 19.75 2.10 -2.60
CA MET A 4 20.14 0.69 -2.60
C MET A 4 20.94 0.34 -1.35
N VAL A 5 20.93 1.25 -0.38
CA VAL A 5 21.64 1.09 0.88
C VAL A 5 20.66 1.15 2.05
N ILE A 6 21.20 1.03 3.28
CA ILE A 6 20.42 1.08 4.55
C ILE A 6 19.56 -0.19 4.72
N ARG A 7 20.05 -1.10 5.56
CA ARG A 7 19.39 -2.40 5.75
C ARG A 7 18.70 -2.46 7.11
N GLU A 8 17.55 -1.80 7.17
CA GLU A 8 16.72 -1.70 8.38
C GLU A 8 15.33 -1.15 7.98
N SER A 9 14.56 -0.68 8.99
CA SER A 9 13.20 -0.14 8.80
C SER A 9 12.23 -1.23 8.30
N VAL A 10 11.11 -0.83 7.69
CA VAL A 10 10.16 -1.78 7.16
C VAL A 10 9.40 -1.17 5.96
N SER A 11 9.24 -1.98 4.91
CA SER A 11 8.53 -1.60 3.71
C SER A 11 7.00 -1.76 3.91
N ARG A 12 6.24 -0.67 3.71
CA ARG A 12 4.79 -0.69 3.95
C ARG A 12 4.00 0.13 2.90
N ILE A 13 2.69 -0.14 2.77
CA ILE A 13 1.80 0.60 1.87
C ILE A 13 0.79 1.38 2.70
N TYR A 14 0.56 2.65 2.28
CA TYR A 14 -0.50 3.47 2.86
C TYR A 14 -1.59 3.69 1.82
N VAL A 15 -2.78 3.14 2.05
CA VAL A 15 -3.90 3.38 1.14
C VAL A 15 -5.13 3.95 1.89
N GLY A 16 -5.42 5.23 1.62
CA GLY A 16 -6.53 5.90 2.28
C GLY A 16 -7.60 6.35 1.31
N ASN A 17 -8.83 6.58 1.82
CA ASN A 17 -9.98 7.10 1.05
C ASN A 17 -10.37 6.17 -0.10
N LEU A 18 -10.11 4.88 0.09
CA LEU A 18 -10.28 3.88 -0.97
C LEU A 18 -11.72 3.38 -1.05
N PRO A 19 -12.26 3.23 -2.29
CA PRO A 19 -13.60 2.65 -2.50
C PRO A 19 -13.63 1.16 -2.18
N SER A 20 -14.59 0.78 -1.31
CA SER A 20 -14.73 -0.58 -0.74
C SER A 20 -13.41 -1.08 -0.11
N HIS A 21 -13.27 -0.83 1.20
CA HIS A 21 -12.04 -1.20 1.94
C HIS A 21 -11.78 -2.72 1.85
N VAL A 22 -10.53 -3.05 1.52
CA VAL A 22 -10.13 -4.44 1.32
C VAL A 22 -10.05 -5.20 2.64
N SER A 23 -10.63 -6.40 2.64
CA SER A 23 -10.67 -7.27 3.81
C SER A 23 -9.38 -8.05 3.95
N SER A 24 -9.07 -8.51 5.17
CA SER A 24 -7.74 -9.04 5.55
C SER A 24 -7.28 -10.28 4.75
N ARG A 25 -8.22 -11.12 4.30
CA ARG A 25 -7.92 -12.30 3.45
C ARG A 25 -7.45 -11.85 2.05
N ASP A 26 -8.22 -10.92 1.51
CA ASP A 26 -7.99 -10.35 0.17
C ASP A 26 -6.70 -9.55 0.16
N VAL A 27 -6.46 -8.80 1.25
CA VAL A 27 -5.19 -8.12 1.47
C VAL A 27 -4.07 -9.14 1.52
N GLU A 28 -4.27 -10.23 2.28
CA GLU A 28 -3.24 -11.23 2.47
C GLU A 28 -2.78 -11.83 1.14
N ASN A 29 -3.69 -12.36 0.32
CA ASN A 29 -3.24 -12.99 -0.94
C ASN A 29 -2.95 -12.00 -2.08
N GLU A 30 -3.89 -11.09 -2.33
CA GLU A 30 -3.77 -10.19 -3.48
C GLU A 30 -2.63 -9.20 -3.25
N PHE A 31 -2.43 -8.78 -2.00
CA PHE A 31 -1.26 -7.96 -1.67
C PHE A 31 0.01 -8.79 -1.35
N ARG A 32 -0.09 -10.12 -1.03
CA ARG A 32 1.14 -10.98 -1.01
C ARG A 32 1.75 -11.10 -2.41
N LYS A 33 0.91 -10.93 -3.46
CA LYS A 33 1.45 -10.77 -4.85
C LYS A 33 2.49 -9.61 -4.95
N TYR A 34 2.32 -8.57 -4.12
CA TYR A 34 3.15 -7.35 -4.15
C TYR A 34 4.55 -7.61 -3.55
N GLY A 35 4.70 -8.68 -2.78
CA GLY A 35 6.02 -9.02 -2.29
C GLY A 35 6.03 -9.53 -0.87
N ASN A 36 5.26 -10.61 -0.64
CA ASN A 36 5.20 -11.37 0.63
C ASN A 36 4.86 -10.49 1.85
N ILE A 37 3.58 -10.53 2.21
CA ILE A 37 3.05 -9.72 3.30
C ILE A 37 3.41 -10.34 4.67
N LEU A 38 4.04 -9.52 5.51
CA LEU A 38 4.36 -9.93 6.86
C LEU A 38 3.22 -9.54 7.80
N LYS A 39 2.69 -8.34 7.61
CA LYS A 39 1.62 -7.80 8.45
C LYS A 39 0.64 -6.96 7.62
N CYS A 40 -0.66 -7.11 7.91
CA CYS A 40 -1.70 -6.26 7.33
C CYS A 40 -2.59 -5.70 8.43
N ASP A 41 -2.70 -4.37 8.50
CA ASP A 41 -3.58 -3.74 9.49
C ASP A 41 -4.48 -2.71 8.81
N VAL A 42 -5.78 -2.79 9.03
CA VAL A 42 -6.74 -1.85 8.43
C VAL A 42 -7.31 -0.92 9.52
N LYS A 43 -7.04 0.38 9.38
CA LYS A 43 -7.48 1.39 10.36
C LYS A 43 -8.61 2.25 9.78
N LYS A 44 -9.41 2.87 10.64
CA LYS A 44 -10.43 3.82 10.21
C LYS A 44 -10.33 5.12 11.03
N THR A 45 -10.66 6.25 10.40
CA THR A 45 -10.78 7.50 11.13
C THR A 45 -12.27 7.82 11.39
N VAL A 46 -12.51 8.76 12.29
CA VAL A 46 -13.87 9.21 12.65
C VAL A 46 -14.47 10.11 11.54
N SER A 47 -13.60 10.57 10.63
CA SER A 47 -14.00 11.43 9.50
C SER A 47 -14.70 10.61 8.39
N GLY A 48 -14.66 9.28 8.49
CA GLY A 48 -15.37 8.42 7.56
C GLY A 48 -14.45 7.77 6.53
N ALA A 49 -13.16 8.13 6.56
CA ALA A 49 -12.18 7.55 5.65
C ALA A 49 -11.55 6.28 6.21
N ALA A 50 -11.33 5.31 5.35
CA ALA A 50 -10.67 4.07 5.73
C ALA A 50 -9.25 4.06 5.18
N PHE A 51 -8.35 3.38 5.89
CA PHE A 51 -6.95 3.26 5.47
C PHE A 51 -6.50 1.82 5.67
N ALA A 52 -5.55 1.39 4.86
CA ALA A 52 -4.87 0.14 5.10
C ALA A 52 -3.37 0.36 5.09
N PHE A 53 -2.72 -0.32 6.02
CA PHE A 53 -1.30 -0.22 6.26
C PHE A 53 -0.71 -1.61 6.07
N ILE A 54 0.15 -1.79 5.05
CA ILE A 54 0.50 -3.17 4.62
C ILE A 54 2.00 -3.39 4.42
N GLU A 55 2.59 -4.21 5.28
CA GLU A 55 4.05 -4.43 5.32
C GLU A 55 4.51 -5.58 4.42
N PHE A 56 5.28 -5.25 3.38
CA PHE A 56 5.87 -6.26 2.46
C PHE A 56 7.37 -6.34 2.64
N GLU A 57 7.99 -7.44 2.18
CA GLU A 57 9.45 -7.56 2.18
C GLU A 57 10.11 -6.86 0.98
N ASP A 58 9.41 -6.81 -0.17
CA ASP A 58 9.99 -6.24 -1.37
C ASP A 58 9.21 -5.04 -1.88
N ALA A 59 9.96 -3.95 -2.05
CA ALA A 59 9.42 -2.69 -2.55
C ALA A 59 9.21 -2.68 -4.06
N ARG A 60 10.20 -3.17 -4.81
CA ARG A 60 10.24 -3.00 -6.27
C ARG A 60 9.27 -3.95 -7.00
N ASP A 61 8.93 -5.06 -6.37
CA ASP A 61 7.96 -6.02 -6.91
C ASP A 61 6.53 -5.43 -6.82
N ALA A 62 6.32 -4.68 -5.74
CA ALA A 62 5.05 -4.02 -5.45
C ALA A 62 4.80 -2.82 -6.34
N ALA A 63 5.89 -2.19 -6.82
CA ALA A 63 5.85 -0.94 -7.61
C ALA A 63 4.98 -1.03 -8.89
N ASP A 64 4.93 -2.22 -9.52
CA ASP A 64 4.11 -2.45 -10.72
C ASP A 64 2.60 -2.47 -10.40
N ALA A 65 2.25 -3.04 -9.27
CA ALA A 65 0.88 -3.09 -8.84
C ALA A 65 0.43 -1.71 -8.31
N ILE A 66 1.34 -1.03 -7.64
CA ILE A 66 1.06 0.31 -7.19
C ILE A 66 0.95 1.25 -8.39
N LYS A 67 1.68 1.02 -9.51
CA LYS A 67 1.46 1.82 -10.71
C LYS A 67 0.19 1.37 -11.46
N GLU A 68 -0.28 0.12 -11.22
CA GLU A 68 -1.59 -0.26 -11.76
C GLU A 68 -2.76 0.45 -10.99
N LYS A 69 -2.59 0.84 -9.69
CA LYS A 69 -3.62 1.77 -9.10
C LYS A 69 -3.13 3.22 -8.73
N ASP A 70 -1.95 3.63 -9.20
CA ASP A 70 -1.39 5.01 -9.02
C ASP A 70 -2.10 6.04 -9.86
N GLY A 71 -2.01 7.33 -9.47
CA GLY A 71 -2.99 8.28 -9.92
C GLY A 71 -3.84 8.81 -8.78
N CYS A 72 -3.28 8.71 -7.57
CA CYS A 72 -3.97 9.04 -6.32
C CYS A 72 -4.51 10.47 -6.29
N ASP A 73 -5.76 10.57 -5.84
CA ASP A 73 -6.51 11.80 -5.92
C ASP A 73 -7.18 12.16 -4.61
N PHE A 74 -7.29 13.49 -4.43
CA PHE A 74 -7.73 14.18 -3.22
C PHE A 74 -8.56 15.43 -3.57
N GLU A 75 -9.58 15.75 -2.73
CA GLU A 75 -10.45 16.95 -2.91
C GLU A 75 -11.46 16.82 -4.07
N GLY A 76 -12.40 15.91 -3.87
CA GLY A 76 -13.51 15.67 -4.80
C GLY A 76 -13.31 14.44 -5.68
N ASN A 77 -12.12 13.88 -5.66
CA ASN A 77 -11.92 12.49 -6.06
C ASN A 77 -11.31 11.76 -4.88
N LYS A 78 -11.95 10.68 -4.43
CA LYS A 78 -11.42 9.89 -3.32
C LYS A 78 -10.60 8.71 -3.82
N LEU A 79 -9.26 8.80 -3.76
CA LEU A 79 -8.43 7.67 -4.20
C LEU A 79 -6.97 7.80 -3.73
N ARG A 80 -6.67 7.64 -2.45
CA ARG A 80 -5.26 7.78 -2.05
C ARG A 80 -4.62 6.40 -1.97
N VAL A 81 -3.71 6.12 -2.89
CA VAL A 81 -2.87 4.93 -2.79
C VAL A 81 -1.43 5.37 -2.96
N GLU A 82 -0.59 5.13 -1.96
CA GLU A 82 0.82 5.46 -2.10
C GLU A 82 1.70 4.50 -1.32
N VAL A 83 2.84 4.17 -1.92
CA VAL A 83 3.90 3.52 -1.22
C VAL A 83 4.85 4.57 -0.60
N PRO A 84 5.04 4.53 0.73
CA PRO A 84 6.15 5.23 1.37
C PRO A 84 7.42 4.36 1.45
N PHE A 85 7.51 3.35 0.59
CA PHE A 85 8.68 2.48 0.58
C PHE A 85 9.47 2.53 -0.72
N ASN A 86 9.19 3.53 -1.58
CA ASN A 86 9.75 3.57 -2.94
C ASN A 86 11.21 4.03 -2.91
N ALA A 87 12.09 3.08 -2.55
CA ALA A 87 13.52 3.28 -2.40
C ALA A 87 14.22 1.94 -2.12
N ARG A 88 13.55 0.83 -2.55
CA ARG A 88 14.03 -0.58 -2.39
C ARG A 88 13.88 -1.10 -0.93
N GLU A 89 14.47 -0.39 0.03
CA GLU A 89 14.38 -0.73 1.45
C GLU A 89 14.53 0.55 2.27
N GLY A 1 9.51 1.77 -11.82
CA GLY A 1 10.68 2.02 -10.95
C GLY A 1 11.34 0.74 -10.48
N SER A 2 12.68 0.71 -10.52
CA SER A 2 13.45 -0.48 -10.15
C SER A 2 14.72 -0.10 -9.39
N HIS A 3 14.90 -0.71 -8.21
CA HIS A 3 16.10 -0.52 -7.38
C HIS A 3 16.37 -1.76 -6.53
N MET A 4 17.65 -1.99 -6.18
CA MET A 4 18.04 -3.08 -5.27
C MET A 4 19.36 -2.74 -4.52
N VAL A 5 19.24 -2.09 -3.36
CA VAL A 5 20.40 -1.81 -2.49
C VAL A 5 20.12 -2.34 -1.07
N ILE A 6 21.17 -2.80 -0.37
CA ILE A 6 21.06 -3.31 1.00
C ILE A 6 20.69 -2.19 2.00
N ARG A 7 19.48 -2.31 2.56
CA ARG A 7 18.99 -1.42 3.61
C ARG A 7 17.98 -2.15 4.48
N GLU A 8 18.12 -2.03 5.80
CA GLU A 8 17.23 -2.72 6.74
C GLU A 8 16.04 -1.83 7.14
N SER A 9 14.90 -2.11 6.50
CA SER A 9 13.68 -1.34 6.70
C SER A 9 12.47 -2.18 6.28
N VAL A 10 11.30 -1.90 6.85
CA VAL A 10 10.09 -2.65 6.51
C VAL A 10 9.19 -1.78 5.62
N SER A 11 8.96 -2.25 4.40
CA SER A 11 8.21 -1.49 3.40
C SER A 11 6.68 -1.64 3.56
N ARG A 12 5.99 -0.49 3.63
CA ARG A 12 4.57 -0.45 3.96
C ARG A 12 3.76 0.43 2.99
N ILE A 13 2.48 0.10 2.78
CA ILE A 13 1.59 0.84 1.87
C ILE A 13 0.42 1.42 2.64
N TYR A 14 0.01 2.66 2.26
CA TYR A 14 -1.15 3.32 2.82
C TYR A 14 -2.26 3.43 1.77
N VAL A 15 -3.38 2.73 2.00
CA VAL A 15 -4.54 2.86 1.09
C VAL A 15 -5.81 3.31 1.83
N GLY A 16 -6.20 4.56 1.58
CA GLY A 16 -7.33 5.16 2.25
C GLY A 16 -8.45 5.58 1.30
N ASN A 17 -9.64 5.82 1.91
CA ASN A 17 -10.82 6.42 1.23
C ASN A 17 -11.30 5.62 0.01
N LEU A 18 -11.01 4.33 -0.02
CA LEU A 18 -11.32 3.51 -1.16
C LEU A 18 -12.73 2.87 -1.04
N PRO A 19 -13.43 2.60 -2.18
CA PRO A 19 -14.79 2.03 -2.17
C PRO A 19 -14.81 0.53 -1.84
N SER A 20 -15.94 0.11 -1.23
CA SER A 20 -16.24 -1.27 -0.74
C SER A 20 -15.58 -1.58 0.62
N HIS A 21 -14.51 -0.82 0.96
CA HIS A 21 -13.63 -1.08 2.11
C HIS A 21 -12.86 -2.39 1.93
N VAL A 22 -11.57 -2.26 1.66
CA VAL A 22 -10.71 -3.42 1.56
C VAL A 22 -10.26 -3.84 2.96
N SER A 23 -10.45 -5.12 3.26
CA SER A 23 -10.09 -5.66 4.55
C SER A 23 -8.66 -6.20 4.49
N SER A 24 -8.08 -6.50 5.66
CA SER A 24 -6.69 -6.93 5.78
C SER A 24 -6.37 -8.18 4.94
N ARG A 25 -7.31 -9.14 4.91
CA ARG A 25 -7.18 -10.39 4.13
C ARG A 25 -7.05 -10.15 2.61
N ASP A 26 -7.80 -9.18 2.11
CA ASP A 26 -7.92 -8.95 0.67
C ASP A 26 -6.67 -8.29 0.10
N VAL A 27 -6.20 -7.23 0.79
CA VAL A 27 -4.93 -6.60 0.45
C VAL A 27 -3.75 -7.53 0.73
N GLU A 28 -3.87 -8.37 1.78
CA GLU A 28 -2.88 -9.42 2.05
C GLU A 28 -2.74 -10.36 0.87
N ASN A 29 -3.87 -10.81 0.28
CA ASN A 29 -3.82 -11.77 -0.84
C ASN A 29 -3.27 -11.12 -2.13
N GLU A 30 -3.85 -9.94 -2.44
CA GLU A 30 -3.53 -9.19 -3.66
C GLU A 30 -2.06 -8.79 -3.69
N PHE A 31 -1.55 -8.32 -2.54
CA PHE A 31 -0.15 -7.94 -2.46
C PHE A 31 0.78 -9.14 -2.23
N ARG A 32 0.28 -10.25 -1.61
CA ARG A 32 1.15 -11.44 -1.34
C ARG A 32 1.50 -12.16 -2.63
N LYS A 33 0.59 -12.17 -3.63
CA LYS A 33 0.89 -12.90 -4.87
C LYS A 33 2.05 -12.25 -5.64
N TYR A 34 2.24 -10.95 -5.45
CA TYR A 34 3.32 -10.24 -6.11
C TYR A 34 4.58 -10.19 -5.22
N GLY A 35 4.40 -9.97 -3.91
CA GLY A 35 5.52 -9.88 -2.98
C GLY A 35 5.11 -10.29 -1.57
N ASN A 36 5.92 -11.13 -0.93
CA ASN A 36 5.54 -11.81 0.33
C ASN A 36 5.34 -10.84 1.51
N ILE A 37 4.10 -10.84 2.02
CA ILE A 37 3.65 -9.91 3.07
C ILE A 37 3.92 -10.48 4.47
N LEU A 38 4.35 -9.59 5.37
CA LEU A 38 4.73 -9.97 6.73
C LEU A 38 3.63 -9.60 7.73
N LYS A 39 3.07 -8.39 7.58
CA LYS A 39 2.01 -7.90 8.46
C LYS A 39 1.06 -7.03 7.64
N CYS A 40 -0.25 -7.23 7.79
CA CYS A 40 -1.23 -6.38 7.12
C CYS A 40 -2.36 -6.05 8.07
N ASP A 41 -2.55 -4.77 8.36
CA ASP A 41 -3.59 -4.37 9.31
C ASP A 41 -4.46 -3.25 8.73
N VAL A 42 -5.73 -3.21 9.09
CA VAL A 42 -6.63 -2.17 8.59
C VAL A 42 -7.17 -1.28 9.74
N LYS A 43 -6.95 0.04 9.60
CA LYS A 43 -7.37 1.03 10.61
C LYS A 43 -8.56 1.84 10.09
N LYS A 44 -9.28 2.54 10.98
CA LYS A 44 -10.32 3.49 10.56
C LYS A 44 -10.18 4.83 11.30
N THR A 45 -10.60 5.92 10.66
CA THR A 45 -10.65 7.23 11.33
C THR A 45 -12.10 7.53 11.79
N VAL A 46 -12.25 8.57 12.61
CA VAL A 46 -13.56 9.02 13.12
C VAL A 46 -14.37 9.76 12.03
N SER A 47 -13.68 10.21 10.96
CA SER A 47 -14.31 10.90 9.84
C SER A 47 -15.08 9.93 8.91
N GLY A 48 -14.85 8.62 9.09
CA GLY A 48 -15.59 7.62 8.33
C GLY A 48 -14.79 6.98 7.22
N ALA A 49 -13.57 7.45 7.01
CA ALA A 49 -12.68 6.87 6.01
C ALA A 49 -11.89 5.72 6.61
N ALA A 50 -11.64 4.70 5.80
CA ALA A 50 -10.90 3.53 6.24
C ALA A 50 -9.60 3.40 5.46
N PHE A 51 -8.57 2.86 6.11
CA PHE A 51 -7.24 2.78 5.51
C PHE A 51 -6.65 1.42 5.80
N ALA A 52 -5.85 0.91 4.88
CA ALA A 52 -5.17 -0.34 5.08
C ALA A 52 -3.67 -0.14 4.97
N PHE A 53 -2.98 -0.82 5.85
CA PHE A 53 -1.55 -0.74 5.98
C PHE A 53 -0.96 -2.09 5.58
N ILE A 54 -0.13 -2.08 4.52
CA ILE A 54 0.39 -3.35 3.98
C ILE A 54 1.92 -3.40 4.08
N GLU A 55 2.42 -4.25 4.97
CA GLU A 55 3.85 -4.27 5.31
C GLU A 55 4.51 -5.60 4.88
N PHE A 56 5.28 -5.53 3.80
CA PHE A 56 5.96 -6.71 3.21
C PHE A 56 7.49 -6.65 3.30
N GLU A 57 8.09 -7.79 2.92
CA GLU A 57 9.55 -7.90 2.77
C GLU A 57 10.03 -7.21 1.48
N ASP A 58 9.33 -7.41 0.34
CA ASP A 58 9.82 -6.86 -0.92
C ASP A 58 8.86 -5.85 -1.51
N ALA A 59 9.42 -4.66 -1.69
CA ALA A 59 8.68 -3.49 -2.16
C ALA A 59 8.42 -3.47 -3.66
N ARG A 60 9.45 -3.83 -4.44
CA ARG A 60 9.44 -3.65 -5.90
C ARG A 60 8.54 -4.65 -6.63
N ASP A 61 8.32 -5.81 -6.04
CA ASP A 61 7.49 -6.86 -6.63
C ASP A 61 5.99 -6.59 -6.39
N ALA A 62 5.66 -6.22 -5.15
CA ALA A 62 4.30 -5.84 -4.74
C ALA A 62 3.85 -4.52 -5.38
N ALA A 63 4.84 -3.71 -5.75
CA ALA A 63 4.67 -2.47 -6.52
C ALA A 63 3.88 -2.65 -7.83
N ASP A 64 3.84 -3.88 -8.40
CA ASP A 64 2.95 -4.18 -9.55
C ASP A 64 1.47 -4.06 -9.17
N ALA A 65 1.10 -4.64 -8.02
CA ALA A 65 -0.26 -4.53 -7.48
C ALA A 65 -0.53 -3.07 -7.09
N ILE A 66 0.48 -2.40 -6.51
CA ILE A 66 0.32 -0.99 -6.14
C ILE A 66 0.18 -0.09 -7.40
N LYS A 67 0.80 -0.46 -8.53
CA LYS A 67 0.64 0.31 -9.77
C LYS A 67 -0.66 -0.01 -10.51
N GLU A 68 -1.25 -1.20 -10.29
CA GLU A 68 -2.59 -1.45 -10.84
C GLU A 68 -3.68 -0.84 -9.95
N LYS A 69 -3.38 -0.54 -8.66
CA LYS A 69 -4.32 0.24 -7.82
C LYS A 69 -3.99 1.78 -7.89
N ASP A 70 -2.87 2.11 -8.55
CA ASP A 70 -2.37 3.50 -8.78
C ASP A 70 -3.31 4.34 -9.65
N GLY A 71 -3.27 5.67 -9.48
CA GLY A 71 -4.35 6.49 -9.98
C GLY A 71 -5.16 7.17 -8.90
N CYS A 72 -4.53 7.34 -7.73
CA CYS A 72 -5.21 7.77 -6.50
C CYS A 72 -5.92 9.12 -6.64
N ASP A 73 -7.18 9.12 -6.16
CA ASP A 73 -8.08 10.24 -6.38
C ASP A 73 -8.85 10.65 -5.11
N PHE A 74 -9.16 11.95 -5.07
CA PHE A 74 -9.77 12.66 -3.94
C PHE A 74 -10.76 13.76 -4.43
N GLU A 75 -11.86 13.99 -3.67
CA GLU A 75 -12.91 15.00 -4.00
C GLU A 75 -13.83 14.62 -5.16
N GLY A 76 -14.64 13.60 -4.91
CA GLY A 76 -15.66 13.14 -5.87
C GLY A 76 -15.24 11.92 -6.65
N ASN A 77 -13.98 11.55 -6.55
CA ASN A 77 -13.56 10.18 -6.77
C ASN A 77 -12.91 9.69 -5.50
N LYS A 78 -13.43 8.62 -4.96
CA LYS A 78 -12.88 8.02 -3.75
C LYS A 78 -11.91 6.90 -4.10
N LEU A 79 -10.58 7.14 -4.03
CA LEU A 79 -9.60 6.08 -4.36
C LEU A 79 -8.16 6.42 -3.96
N ARG A 80 -7.80 6.50 -2.67
CA ARG A 80 -6.44 6.92 -2.34
C ARG A 80 -5.55 5.68 -2.10
N VAL A 81 -4.61 5.42 -3.00
CA VAL A 81 -3.64 4.33 -2.83
C VAL A 81 -2.22 4.90 -3.06
N GLU A 82 -1.34 4.86 -2.05
CA GLU A 82 0.04 5.32 -2.28
C GLU A 82 1.05 4.58 -1.39
N VAL A 83 2.26 4.41 -1.93
CA VAL A 83 3.41 3.95 -1.16
C VAL A 83 4.17 5.13 -0.53
N PRO A 84 4.36 5.10 0.81
CA PRO A 84 5.29 6.02 1.47
C PRO A 84 6.73 5.50 1.54
N PHE A 85 7.06 4.44 0.79
CA PHE A 85 8.44 3.93 0.76
C PHE A 85 9.20 4.35 -0.49
N ASN A 86 8.46 4.60 -1.60
CA ASN A 86 9.01 4.94 -2.93
C ASN A 86 10.01 3.89 -3.46
N ALA A 87 9.45 2.71 -3.83
CA ALA A 87 10.19 1.52 -4.32
C ALA A 87 11.17 0.95 -3.28
N ARG A 88 11.99 -0.03 -3.67
CA ARG A 88 12.98 -0.60 -2.77
C ARG A 88 14.35 -0.01 -3.06
N GLU A 89 14.54 1.25 -2.63
CA GLU A 89 15.76 2.00 -2.88
C GLU A 89 16.91 1.43 -2.05
N GLY A 1 19.84 7.58 -10.01
CA GLY A 1 20.50 6.86 -8.90
C GLY A 1 19.56 5.90 -8.20
N SER A 2 20.12 4.88 -7.55
CA SER A 2 19.30 3.87 -6.87
C SER A 2 19.44 3.97 -5.35
N HIS A 3 20.55 3.39 -4.81
CA HIS A 3 20.85 3.34 -3.35
C HIS A 3 19.86 2.46 -2.60
N MET A 4 20.18 1.17 -2.50
CA MET A 4 19.28 0.19 -1.87
C MET A 4 19.77 -0.17 -0.47
N VAL A 5 18.84 -0.72 0.36
CA VAL A 5 19.10 -1.20 1.76
C VAL A 5 19.23 -0.02 2.75
N ILE A 6 20.25 0.83 2.55
CA ILE A 6 20.51 2.06 3.32
C ILE A 6 20.98 1.73 4.77
N ARG A 7 20.05 1.54 5.73
CA ARG A 7 20.40 1.23 7.11
C ARG A 7 19.19 0.60 7.86
N GLU A 8 18.63 -0.46 7.23
CA GLU A 8 17.51 -1.30 7.75
C GLU A 8 16.15 -0.56 7.68
N SER A 9 15.18 -1.14 6.96
CA SER A 9 13.88 -0.50 6.76
C SER A 9 12.76 -1.54 6.55
N VAL A 10 11.52 -1.10 6.70
CA VAL A 10 10.33 -1.94 6.46
C VAL A 10 9.53 -1.43 5.26
N SER A 11 9.24 -2.33 4.32
CA SER A 11 8.49 -1.96 3.12
C SER A 11 6.97 -2.02 3.38
N ARG A 12 6.31 -0.86 3.24
CA ARG A 12 4.89 -0.73 3.54
C ARG A 12 4.18 0.21 2.56
N ILE A 13 2.88 -0.01 2.35
CA ILE A 13 2.06 0.84 1.47
C ILE A 13 0.97 1.52 2.27
N TYR A 14 0.80 2.85 2.00
CA TYR A 14 -0.21 3.67 2.65
C TYR A 14 -1.39 3.89 1.71
N VAL A 15 -2.51 3.35 2.11
CA VAL A 15 -3.76 3.55 1.40
C VAL A 15 -4.71 4.32 2.31
N GLY A 16 -5.35 5.36 1.79
CA GLY A 16 -6.37 6.08 2.52
C GLY A 16 -7.54 6.48 1.62
N ASN A 17 -8.70 6.77 2.24
CA ASN A 17 -9.93 7.19 1.52
C ASN A 17 -10.43 6.12 0.54
N LEU A 18 -10.13 4.86 0.83
CA LEU A 18 -10.43 3.76 -0.07
C LEU A 18 -11.87 3.27 0.08
N PRO A 19 -12.65 3.23 -1.04
CA PRO A 19 -13.92 2.51 -1.06
C PRO A 19 -13.69 1.00 -1.15
N SER A 20 -14.65 0.23 -0.59
CA SER A 20 -14.50 -1.22 -0.21
C SER A 20 -13.40 -1.99 -0.97
N HIS A 21 -13.70 -2.49 -2.21
CA HIS A 21 -12.75 -3.23 -3.08
C HIS A 21 -12.08 -4.42 -2.33
N VAL A 22 -10.93 -4.17 -1.73
CA VAL A 22 -10.23 -5.17 -0.93
C VAL A 22 -10.48 -4.95 0.56
N SER A 23 -11.05 -5.96 1.22
CA SER A 23 -11.18 -6.00 2.68
C SER A 23 -9.91 -6.63 3.26
N SER A 24 -9.74 -6.74 4.58
CA SER A 24 -8.45 -7.13 5.21
C SER A 24 -7.79 -8.40 4.61
N ARG A 25 -8.60 -9.48 4.49
CA ARG A 25 -8.19 -10.76 3.89
C ARG A 25 -7.83 -10.60 2.40
N ASP A 26 -8.61 -9.78 1.71
CA ASP A 26 -8.47 -9.54 0.28
C ASP A 26 -7.29 -8.62 -0.02
N VAL A 27 -7.01 -7.66 0.89
CA VAL A 27 -5.80 -6.83 0.84
C VAL A 27 -4.59 -7.74 0.97
N GLU A 28 -4.66 -8.63 1.98
CA GLU A 28 -3.62 -9.63 2.24
C GLU A 28 -3.31 -10.48 0.99
N ASN A 29 -4.34 -11.07 0.37
CA ASN A 29 -4.16 -12.00 -0.75
C ASN A 29 -3.74 -11.29 -2.06
N GLU A 30 -4.43 -10.15 -2.35
CA GLU A 30 -4.15 -9.30 -3.53
C GLU A 30 -2.72 -8.83 -3.50
N PHE A 31 -2.26 -8.37 -2.35
CA PHE A 31 -0.90 -7.91 -2.24
C PHE A 31 0.10 -9.06 -2.10
N ARG A 32 -0.34 -10.24 -1.58
CA ARG A 32 0.58 -11.39 -1.42
C ARG A 32 0.94 -12.03 -2.75
N LYS A 33 0.05 -11.97 -3.75
CA LYS A 33 0.43 -12.54 -5.07
C LYS A 33 1.56 -11.72 -5.73
N TYR A 34 1.60 -10.40 -5.47
CA TYR A 34 2.63 -9.56 -6.06
C TYR A 34 3.90 -9.53 -5.19
N GLY A 35 3.73 -9.53 -3.87
CA GLY A 35 4.86 -9.52 -2.96
C GLY A 35 4.51 -10.19 -1.64
N ASN A 36 5.49 -10.85 -1.00
CA ASN A 36 5.22 -11.65 0.20
C ASN A 36 4.97 -10.80 1.45
N ILE A 37 3.70 -10.73 1.84
CA ILE A 37 3.24 -9.89 2.95
C ILE A 37 3.57 -10.51 4.31
N LEU A 38 4.16 -9.69 5.17
CA LEU A 38 4.52 -10.08 6.53
C LEU A 38 3.40 -9.69 7.53
N LYS A 39 2.90 -8.44 7.44
CA LYS A 39 1.75 -8.02 8.24
C LYS A 39 0.87 -7.06 7.42
N CYS A 40 -0.44 -7.16 7.63
CA CYS A 40 -1.39 -6.29 6.95
C CYS A 40 -2.38 -5.74 7.97
N ASP A 41 -2.43 -4.43 8.10
CA ASP A 41 -3.26 -3.82 9.14
C ASP A 41 -4.16 -2.73 8.57
N VAL A 42 -5.47 -2.85 8.81
CA VAL A 42 -6.47 -1.92 8.27
C VAL A 42 -7.01 -1.02 9.40
N LYS A 43 -6.85 0.30 9.24
CA LYS A 43 -7.30 1.28 10.25
C LYS A 43 -8.52 2.06 9.73
N LYS A 44 -9.31 2.62 10.65
CA LYS A 44 -10.41 3.51 10.27
C LYS A 44 -10.37 4.82 11.09
N THR A 45 -10.80 5.92 10.48
CA THR A 45 -10.94 7.19 11.20
C THR A 45 -12.42 7.44 11.55
N VAL A 46 -12.64 8.41 12.44
CA VAL A 46 -13.99 8.82 12.87
C VAL A 46 -14.72 9.67 11.80
N SER A 47 -13.98 10.09 10.76
CA SER A 47 -14.56 10.84 9.63
C SER A 47 -15.25 9.89 8.63
N GLY A 48 -15.03 8.58 8.79
CA GLY A 48 -15.70 7.59 7.94
C GLY A 48 -14.81 7.01 6.86
N ALA A 49 -13.56 7.48 6.77
CA ALA A 49 -12.61 6.99 5.78
C ALA A 49 -11.83 5.78 6.29
N ALA A 50 -11.58 4.85 5.39
CA ALA A 50 -10.81 3.65 5.70
C ALA A 50 -9.41 3.74 5.11
N PHE A 51 -8.46 3.08 5.79
CA PHE A 51 -7.06 3.11 5.40
C PHE A 51 -6.51 1.71 5.44
N ALA A 52 -5.53 1.42 4.61
CA ALA A 52 -4.85 0.13 4.66
C ALA A 52 -3.35 0.32 4.71
N PHE A 53 -2.70 -0.46 5.57
CA PHE A 53 -1.26 -0.48 5.67
C PHE A 53 -0.77 -1.86 5.29
N ILE A 54 0.06 -1.93 4.25
CA ILE A 54 0.47 -3.25 3.76
C ILE A 54 1.99 -3.42 3.83
N GLU A 55 2.46 -4.30 4.73
CA GLU A 55 3.89 -4.42 4.99
C GLU A 55 4.44 -5.77 4.53
N PHE A 56 5.21 -5.73 3.44
CA PHE A 56 5.82 -6.93 2.83
C PHE A 56 7.34 -6.90 2.93
N GLU A 57 7.98 -8.03 2.58
CA GLU A 57 9.44 -8.12 2.53
C GLU A 57 10.04 -7.49 1.25
N ASP A 58 9.32 -7.53 0.13
CA ASP A 58 9.83 -6.95 -1.11
C ASP A 58 8.93 -5.85 -1.66
N ALA A 59 9.56 -4.69 -1.87
CA ALA A 59 8.90 -3.47 -2.31
C ALA A 59 8.55 -3.45 -3.79
N ARG A 60 9.53 -3.84 -4.60
CA ARG A 60 9.52 -3.62 -6.05
C ARG A 60 8.59 -4.56 -6.81
N ASP A 61 8.32 -5.73 -6.24
CA ASP A 61 7.39 -6.69 -6.86
C ASP A 61 5.92 -6.32 -6.59
N ALA A 62 5.69 -5.79 -5.40
CA ALA A 62 4.37 -5.31 -4.93
C ALA A 62 3.97 -3.97 -5.57
N ALA A 63 4.98 -3.28 -6.10
CA ALA A 63 4.78 -2.08 -6.91
C ALA A 63 3.82 -2.31 -8.11
N ASP A 64 3.71 -3.56 -8.58
CA ASP A 64 2.73 -3.96 -9.60
C ASP A 64 1.29 -3.93 -9.05
N ALA A 65 1.13 -4.29 -7.77
CA ALA A 65 -0.15 -4.13 -7.07
C ALA A 65 -0.50 -2.66 -6.92
N ILE A 66 0.47 -1.87 -6.44
CA ILE A 66 0.22 -0.43 -6.26
C ILE A 66 -0.07 0.26 -7.62
N LYS A 67 0.51 -0.22 -8.73
CA LYS A 67 0.13 0.30 -10.04
C LYS A 67 -1.19 -0.31 -10.55
N GLU A 68 -1.63 -1.48 -10.04
CA GLU A 68 -2.97 -1.98 -10.37
C GLU A 68 -4.06 -1.10 -9.69
N LYS A 69 -3.85 -0.60 -8.45
CA LYS A 69 -4.86 0.34 -7.89
C LYS A 69 -4.47 1.84 -8.00
N ASP A 70 -3.42 2.12 -8.81
CA ASP A 70 -2.95 3.49 -9.25
C ASP A 70 -4.07 4.38 -9.84
N GLY A 71 -3.90 5.72 -9.73
CA GLY A 71 -5.03 6.59 -9.98
C GLY A 71 -5.49 7.38 -8.75
N CYS A 72 -4.55 7.61 -7.79
CA CYS A 72 -4.87 8.23 -6.49
C CYS A 72 -5.49 9.62 -6.60
N ASP A 73 -6.57 9.81 -5.84
CA ASP A 73 -7.42 10.98 -5.94
C ASP A 73 -7.80 11.58 -4.58
N PHE A 74 -7.88 12.93 -4.61
CA PHE A 74 -8.06 13.80 -3.44
C PHE A 74 -8.96 15.01 -3.81
N GLU A 75 -9.77 15.51 -2.81
CA GLU A 75 -10.61 16.73 -2.95
C GLU A 75 -11.87 16.51 -3.82
N GLY A 76 -12.76 15.67 -3.29
CA GLY A 76 -14.03 15.38 -3.95
C GLY A 76 -14.01 14.08 -4.73
N ASN A 77 -12.83 13.51 -4.90
CA ASN A 77 -12.69 12.12 -5.27
C ASN A 77 -11.92 11.44 -4.17
N LYS A 78 -12.50 10.41 -3.59
CA LYS A 78 -11.85 9.65 -2.51
C LYS A 78 -11.14 8.42 -3.06
N LEU A 79 -9.80 8.46 -3.22
CA LEU A 79 -9.09 7.28 -3.77
C LEU A 79 -7.57 7.34 -3.55
N ARG A 80 -7.07 7.42 -2.32
CA ARG A 80 -5.63 7.67 -2.13
C ARG A 80 -4.85 6.34 -1.98
N VAL A 81 -3.97 6.12 -2.93
CA VAL A 81 -3.05 4.97 -2.91
C VAL A 81 -1.62 5.48 -3.12
N GLU A 82 -0.72 5.21 -2.17
CA GLU A 82 0.65 5.71 -2.30
C GLU A 82 1.66 4.79 -1.64
N VAL A 83 2.84 4.69 -2.26
CA VAL A 83 3.98 4.09 -1.61
C VAL A 83 4.77 5.15 -0.81
N PRO A 84 4.96 4.93 0.50
CA PRO A 84 5.92 5.69 1.29
C PRO A 84 7.34 5.07 1.30
N PHE A 85 7.54 3.99 0.53
CA PHE A 85 8.86 3.39 0.43
C PHE A 85 9.63 3.90 -0.80
N ASN A 86 8.89 4.22 -1.89
CA ASN A 86 9.44 4.61 -3.21
C ASN A 86 10.45 3.55 -3.74
N ALA A 87 9.89 2.44 -4.28
CA ALA A 87 10.64 1.25 -4.77
C ALA A 87 11.45 0.57 -3.65
N ARG A 88 12.38 -0.33 -4.00
CA ARG A 88 13.31 -0.85 -3.00
C ARG A 88 14.62 -0.05 -3.04
N GLU A 89 14.58 1.07 -3.80
CA GLU A 89 15.73 1.90 -4.07
C GLU A 89 15.45 3.34 -3.63
N GLY A 1 14.14 4.23 -9.55
CA GLY A 1 14.61 2.82 -9.69
C GLY A 1 16.09 2.69 -9.39
N SER A 2 16.46 1.60 -8.72
CA SER A 2 17.84 1.35 -8.32
C SER A 2 18.21 -0.13 -8.49
N HIS A 3 19.47 -0.48 -8.19
CA HIS A 3 20.01 -1.80 -8.53
C HIS A 3 21.02 -2.28 -7.47
N MET A 4 20.49 -2.70 -6.32
CA MET A 4 21.24 -3.42 -5.26
C MET A 4 20.29 -4.36 -4.53
N VAL A 5 20.80 -5.52 -4.11
CA VAL A 5 19.99 -6.51 -3.36
C VAL A 5 20.69 -6.80 -1.99
N ILE A 6 21.74 -6.06 -1.67
CA ILE A 6 22.52 -6.33 -0.44
C ILE A 6 22.12 -5.37 0.70
N ARG A 7 21.07 -5.78 1.46
CA ARG A 7 20.63 -5.15 2.73
C ARG A 7 19.33 -5.83 3.23
N GLU A 8 18.90 -5.48 4.45
CA GLU A 8 17.64 -5.95 5.02
C GLU A 8 16.79 -4.76 5.48
N SER A 9 15.52 -4.71 5.05
CA SER A 9 14.59 -3.63 5.43
C SER A 9 13.14 -4.04 5.15
N VAL A 10 12.18 -3.35 5.78
CA VAL A 10 10.75 -3.65 5.58
C VAL A 10 10.09 -2.51 4.77
N SER A 11 9.49 -2.86 3.64
CA SER A 11 8.80 -1.90 2.78
C SER A 11 7.35 -1.68 3.25
N ARG A 12 6.86 -0.43 3.20
CA ARG A 12 5.49 -0.10 3.69
C ARG A 12 4.67 0.63 2.62
N ILE A 13 3.35 0.43 2.65
CA ILE A 13 2.40 1.01 1.69
C ILE A 13 1.23 1.65 2.44
N TYR A 14 0.85 2.87 2.04
CA TYR A 14 -0.28 3.57 2.63
C TYR A 14 -1.38 3.76 1.57
N VAL A 15 -2.53 3.14 1.79
CA VAL A 15 -3.68 3.38 0.92
C VAL A 15 -4.87 3.95 1.74
N GLY A 16 -5.19 5.21 1.50
CA GLY A 16 -6.23 5.88 2.27
C GLY A 16 -7.34 6.45 1.42
N ASN A 17 -8.52 6.68 2.05
CA ASN A 17 -9.70 7.33 1.41
C ASN A 17 -10.23 6.49 0.23
N LEU A 18 -10.01 5.17 0.26
CA LEU A 18 -10.27 4.31 -0.87
C LEU A 18 -11.76 3.91 -0.94
N PRO A 19 -12.44 4.15 -2.09
CA PRO A 19 -13.83 3.72 -2.28
C PRO A 19 -13.93 2.29 -2.83
N SER A 20 -14.71 1.44 -2.09
CA SER A 20 -15.00 0.00 -2.40
C SER A 20 -13.91 -0.71 -3.22
N HIS A 21 -12.72 -0.80 -2.65
CA HIS A 21 -11.57 -1.29 -3.37
C HIS A 21 -11.16 -2.66 -2.82
N VAL A 22 -9.87 -2.88 -2.57
CA VAL A 22 -9.39 -4.10 -1.93
C VAL A 22 -9.80 -4.18 -0.44
N SER A 23 -10.46 -5.29 -0.08
CA SER A 23 -10.80 -5.59 1.32
C SER A 23 -9.59 -6.24 1.99
N SER A 24 -9.62 -6.47 3.31
CA SER A 24 -8.44 -6.97 4.05
C SER A 24 -7.95 -8.36 3.54
N ARG A 25 -8.91 -9.23 3.15
CA ARG A 25 -8.61 -10.55 2.57
C ARG A 25 -7.94 -10.41 1.19
N ASP A 26 -8.51 -9.51 0.39
CA ASP A 26 -8.03 -9.23 -0.97
C ASP A 26 -6.66 -8.55 -0.92
N VAL A 27 -6.45 -7.70 0.10
CA VAL A 27 -5.15 -7.13 0.38
C VAL A 27 -4.16 -8.26 0.66
N GLU A 28 -4.51 -9.17 1.59
CA GLU A 28 -3.59 -10.25 1.95
C GLU A 28 -3.20 -11.09 0.72
N ASN A 29 -4.17 -11.61 -0.05
CA ASN A 29 -3.84 -12.54 -1.14
C ASN A 29 -3.27 -11.81 -2.37
N GLU A 30 -3.97 -10.79 -2.85
CA GLU A 30 -3.60 -10.14 -4.11
C GLU A 30 -2.33 -9.30 -3.91
N PHE A 31 -2.22 -8.62 -2.76
CA PHE A 31 -1.01 -7.85 -2.48
C PHE A 31 0.15 -8.75 -2.04
N ARG A 32 -0.11 -9.98 -1.49
CA ARG A 32 1.01 -10.92 -1.25
C ARG A 32 1.53 -11.50 -2.58
N LYS A 33 0.68 -11.54 -3.63
CA LYS A 33 1.15 -11.98 -4.94
C LYS A 33 2.15 -10.96 -5.57
N TYR A 34 2.06 -9.68 -5.17
CA TYR A 34 3.03 -8.66 -5.60
C TYR A 34 4.23 -8.57 -4.65
N GLY A 35 4.01 -8.75 -3.35
CA GLY A 35 5.10 -8.73 -2.39
C GLY A 35 4.75 -9.49 -1.13
N ASN A 36 5.71 -10.27 -0.62
CA ASN A 36 5.49 -11.14 0.55
C ASN A 36 5.14 -10.35 1.81
N ILE A 37 3.92 -10.55 2.29
CA ILE A 37 3.39 -9.76 3.40
C ILE A 37 3.86 -10.28 4.76
N LEU A 38 4.46 -9.37 5.51
CA LEU A 38 4.89 -9.63 6.86
C LEU A 38 3.85 -9.11 7.87
N LYS A 39 3.22 -7.96 7.55
CA LYS A 39 2.22 -7.35 8.45
C LYS A 39 1.10 -6.67 7.63
N CYS A 40 -0.16 -6.95 7.99
CA CYS A 40 -1.32 -6.30 7.39
C CYS A 40 -2.15 -5.62 8.46
N ASP A 41 -2.33 -4.30 8.35
CA ASP A 41 -3.15 -3.58 9.33
C ASP A 41 -4.17 -2.69 8.60
N VAL A 42 -5.45 -2.85 8.93
CA VAL A 42 -6.47 -1.98 8.36
C VAL A 42 -7.19 -1.16 9.46
N LYS A 43 -7.08 0.17 9.34
CA LYS A 43 -7.64 1.11 10.33
C LYS A 43 -8.71 1.99 9.67
N LYS A 44 -9.61 2.55 10.47
CA LYS A 44 -10.58 3.53 9.93
C LYS A 44 -10.60 4.79 10.80
N THR A 45 -10.93 5.92 10.21
CA THR A 45 -11.14 7.16 10.95
C THR A 45 -12.65 7.42 11.12
N VAL A 46 -12.99 8.32 12.05
CA VAL A 46 -14.37 8.72 12.34
C VAL A 46 -14.96 9.66 11.27
N SER A 47 -14.10 10.15 10.36
CA SER A 47 -14.52 11.02 9.26
C SER A 47 -15.15 10.19 8.12
N GLY A 48 -15.05 8.85 8.21
CA GLY A 48 -15.67 7.98 7.23
C GLY A 48 -14.70 7.37 6.24
N ALA A 49 -13.43 7.77 6.32
CA ALA A 49 -12.40 7.23 5.43
C ALA A 49 -11.75 5.99 6.03
N ALA A 50 -11.43 5.04 5.17
CA ALA A 50 -10.71 3.82 5.56
C ALA A 50 -9.28 3.88 5.04
N PHE A 51 -8.36 3.25 5.76
CA PHE A 51 -6.96 3.19 5.34
C PHE A 51 -6.43 1.78 5.56
N ALA A 52 -5.49 1.37 4.75
CA ALA A 52 -4.75 0.16 4.97
C ALA A 52 -3.27 0.45 4.93
N PHE A 53 -2.58 -0.18 5.87
CA PHE A 53 -1.14 -0.09 6.00
C PHE A 53 -0.57 -1.49 5.76
N ILE A 54 0.29 -1.59 4.76
CA ILE A 54 0.75 -2.90 4.31
C ILE A 54 2.28 -3.00 4.34
N GLU A 55 2.80 -4.02 5.01
CA GLU A 55 4.25 -4.18 5.15
C GLU A 55 4.74 -5.45 4.43
N PHE A 56 5.55 -5.28 3.38
CA PHE A 56 6.16 -6.43 2.66
C PHE A 56 7.67 -6.49 2.92
N GLU A 57 8.30 -7.59 2.51
CA GLU A 57 9.76 -7.67 2.51
C GLU A 57 10.38 -7.00 1.26
N ASP A 58 9.66 -7.03 0.12
CA ASP A 58 10.24 -6.57 -1.14
C ASP A 58 9.48 -5.40 -1.75
N ALA A 59 10.23 -4.35 -2.02
CA ALA A 59 9.70 -3.10 -2.54
C ALA A 59 9.44 -3.07 -4.07
N ARG A 60 10.38 -3.57 -4.90
CA ARG A 60 10.33 -3.34 -6.35
C ARG A 60 9.26 -4.20 -7.08
N ASP A 61 8.90 -5.34 -6.50
CA ASP A 61 7.82 -6.19 -7.05
C ASP A 61 6.43 -5.63 -6.66
N ALA A 62 6.39 -4.94 -5.52
CA ALA A 62 5.20 -4.24 -5.03
C ALA A 62 4.88 -2.98 -5.86
N ALA A 63 5.92 -2.44 -6.49
CA ALA A 63 5.83 -1.28 -7.37
C ALA A 63 4.85 -1.49 -8.54
N ASP A 64 4.65 -2.74 -8.97
CA ASP A 64 3.65 -3.09 -9.99
C ASP A 64 2.23 -2.89 -9.46
N ALA A 65 2.01 -3.30 -8.21
CA ALA A 65 0.73 -3.10 -7.53
C ALA A 65 0.43 -1.62 -7.33
N ILE A 66 1.44 -0.85 -6.89
CA ILE A 66 1.23 0.58 -6.71
C ILE A 66 1.07 1.30 -8.07
N LYS A 67 1.69 0.82 -9.15
CA LYS A 67 1.49 1.47 -10.46
C LYS A 67 0.13 1.09 -11.08
N GLU A 68 -0.44 -0.07 -10.76
CA GLU A 68 -1.80 -0.35 -11.25
C GLU A 68 -2.89 0.22 -10.33
N LYS A 69 -2.55 0.55 -9.07
CA LYS A 69 -3.52 1.25 -8.19
C LYS A 69 -3.20 2.78 -8.13
N ASP A 70 -2.26 3.21 -8.98
CA ASP A 70 -1.87 4.62 -9.23
C ASP A 70 -3.06 5.44 -9.76
N GLY A 71 -3.08 6.76 -9.51
CA GLY A 71 -4.33 7.50 -9.60
C GLY A 71 -4.77 8.09 -8.28
N CYS A 72 -3.81 8.32 -7.38
CA CYS A 72 -4.06 8.92 -6.07
C CYS A 72 -4.71 10.30 -6.21
N ASP A 73 -5.78 10.50 -5.42
CA ASP A 73 -6.64 11.68 -5.51
C ASP A 73 -7.00 12.24 -4.14
N PHE A 74 -6.88 13.58 -4.09
CA PHE A 74 -7.07 14.40 -2.89
C PHE A 74 -7.76 15.73 -3.28
N GLU A 75 -8.60 16.30 -2.36
CA GLU A 75 -9.37 17.57 -2.58
C GLU A 75 -10.59 17.42 -3.49
N GLY A 76 -11.54 16.65 -2.98
CA GLY A 76 -12.86 16.51 -3.60
C GLY A 76 -13.02 15.25 -4.44
N ASN A 77 -11.94 14.55 -4.70
CA ASN A 77 -12.02 13.18 -5.14
C ASN A 77 -11.24 12.33 -4.14
N LYS A 78 -11.88 11.34 -3.56
CA LYS A 78 -11.26 10.50 -2.54
C LYS A 78 -10.64 9.25 -3.15
N LEU A 79 -9.29 9.18 -3.28
CA LEU A 79 -8.66 7.97 -3.83
C LEU A 79 -7.14 7.91 -3.61
N ARG A 80 -6.66 7.85 -2.37
CA ARG A 80 -5.21 7.94 -2.14
C ARG A 80 -4.59 6.53 -2.09
N VAL A 81 -3.72 6.23 -3.05
CA VAL A 81 -2.88 5.03 -2.99
C VAL A 81 -1.43 5.46 -3.20
N GLU A 82 -0.55 5.25 -2.21
CA GLU A 82 0.83 5.69 -2.35
C GLU A 82 1.80 4.83 -1.54
N VAL A 83 2.97 4.57 -2.13
CA VAL A 83 4.07 3.98 -1.40
C VAL A 83 4.99 5.05 -0.79
N PRO A 84 5.23 5.00 0.54
CA PRO A 84 6.31 5.75 1.17
C PRO A 84 7.68 5.03 1.13
N PHE A 85 7.83 3.97 0.31
CA PHE A 85 9.13 3.30 0.17
C PHE A 85 9.85 3.71 -1.13
N ASN A 86 9.07 4.22 -2.10
CA ASN A 86 9.52 4.49 -3.51
C ASN A 86 9.86 3.19 -4.28
N ALA A 87 11.05 2.60 -4.04
CA ALA A 87 11.44 1.33 -4.67
C ALA A 87 12.49 0.62 -3.80
N ARG A 88 13.01 -0.53 -4.29
CA ARG A 88 14.07 -1.26 -3.58
C ARG A 88 15.42 -0.66 -3.94
N GLU A 89 16.15 -0.21 -2.91
CA GLU A 89 17.47 0.40 -3.06
C GLU A 89 18.50 -0.63 -3.56
N GLY A 1 16.22 1.91 -10.88
CA GLY A 1 17.01 2.11 -9.64
C GLY A 1 16.57 1.19 -8.53
N SER A 2 17.48 0.32 -8.09
CA SER A 2 17.21 -0.59 -6.99
C SER A 2 18.52 -1.05 -6.34
N HIS A 3 18.80 -0.49 -5.18
CA HIS A 3 20.01 -0.82 -4.42
C HIS A 3 19.71 -0.64 -2.92
N MET A 4 20.75 -0.78 -2.05
CA MET A 4 20.68 -0.48 -0.58
C MET A 4 19.85 -1.51 0.22
N VAL A 5 20.27 -1.74 1.47
CA VAL A 5 19.55 -2.63 2.40
C VAL A 5 19.37 -1.99 3.77
N ILE A 6 18.42 -2.50 4.54
CA ILE A 6 18.20 -2.05 5.91
C ILE A 6 17.64 -3.23 6.74
N ARG A 7 18.05 -3.32 8.01
CA ARG A 7 17.60 -4.43 8.88
C ARG A 7 16.97 -3.93 10.18
N GLU A 8 16.72 -2.62 10.29
CA GLU A 8 16.18 -2.05 11.52
C GLU A 8 14.97 -1.15 11.25
N SER A 9 14.31 -1.35 10.10
CA SER A 9 13.19 -0.51 9.73
C SER A 9 11.99 -1.36 9.32
N VAL A 10 10.81 -0.75 9.43
CA VAL A 10 9.55 -1.41 9.12
C VAL A 10 8.96 -0.81 7.84
N SER A 11 9.07 -1.53 6.73
CA SER A 11 8.56 -1.05 5.45
C SER A 11 7.07 -1.38 5.22
N ARG A 12 6.25 -0.32 5.01
CA ARG A 12 4.77 -0.45 4.92
C ARG A 12 4.20 0.37 3.76
N ILE A 13 2.99 0.03 3.32
CA ILE A 13 2.30 0.69 2.20
C ILE A 13 1.01 1.33 2.73
N TYR A 14 0.65 2.51 2.20
CA TYR A 14 -0.53 3.24 2.68
C TYR A 14 -1.61 3.26 1.60
N VAL A 15 -2.71 2.54 1.82
CA VAL A 15 -3.85 2.59 0.88
C VAL A 15 -5.16 3.01 1.60
N GLY A 16 -5.61 4.23 1.34
CA GLY A 16 -6.78 4.76 2.02
C GLY A 16 -7.79 5.44 1.11
N ASN A 17 -8.97 5.71 1.68
CA ASN A 17 -10.09 6.45 1.02
C ASN A 17 -10.55 5.74 -0.28
N LEU A 18 -10.28 4.44 -0.41
CA LEU A 18 -10.44 3.77 -1.70
C LEU A 18 -11.85 3.16 -1.87
N PRO A 19 -12.35 3.07 -3.15
CA PRO A 19 -13.65 2.43 -3.45
C PRO A 19 -13.66 0.94 -3.16
N SER A 20 -14.79 0.50 -2.55
CA SER A 20 -15.04 -0.88 -2.02
C SER A 20 -14.26 -1.12 -0.71
N HIS A 21 -12.98 -0.67 -0.65
CA HIS A 21 -12.05 -0.83 0.48
C HIS A 21 -11.63 -2.30 0.64
N VAL A 22 -10.34 -2.54 0.47
CA VAL A 22 -9.75 -3.87 0.63
C VAL A 22 -9.76 -4.29 2.10
N SER A 23 -10.29 -5.48 2.32
CA SER A 23 -10.34 -6.07 3.65
C SER A 23 -9.01 -6.74 3.94
N SER A 24 -8.77 -7.15 5.19
CA SER A 24 -7.52 -7.82 5.58
C SER A 24 -7.24 -9.09 4.75
N ARG A 25 -8.28 -9.90 4.50
CA ARG A 25 -8.17 -11.14 3.71
C ARG A 25 -7.80 -10.83 2.24
N ASP A 26 -8.53 -9.88 1.68
CA ASP A 26 -8.42 -9.52 0.26
C ASP A 26 -7.06 -8.88 -0.03
N VAL A 27 -6.62 -7.97 0.85
CA VAL A 27 -5.33 -7.34 0.68
C VAL A 27 -4.21 -8.35 0.97
N GLU A 28 -4.42 -9.26 1.92
CA GLU A 28 -3.42 -10.29 2.22
C GLU A 28 -3.16 -11.15 0.98
N ASN A 29 -4.20 -11.72 0.37
CA ASN A 29 -4.03 -12.66 -0.74
C ASN A 29 -3.60 -11.93 -2.04
N GLU A 30 -4.36 -10.88 -2.40
CA GLU A 30 -4.15 -10.18 -3.67
C GLU A 30 -2.84 -9.42 -3.65
N PHE A 31 -2.53 -8.73 -2.55
CA PHE A 31 -1.28 -7.99 -2.47
C PHE A 31 -0.08 -8.93 -2.20
N ARG A 32 -0.30 -10.12 -1.57
CA ARG A 32 0.82 -11.08 -1.42
C ARG A 32 1.19 -11.75 -2.73
N LYS A 33 0.26 -11.79 -3.71
CA LYS A 33 0.64 -12.24 -5.06
C LYS A 33 1.71 -11.29 -5.69
N TYR A 34 1.69 -10.01 -5.32
CA TYR A 34 2.65 -9.03 -5.88
C TYR A 34 3.95 -8.96 -5.06
N GLY A 35 3.86 -9.07 -3.74
CA GLY A 35 5.04 -8.99 -2.90
C GLY A 35 4.88 -9.72 -1.59
N ASN A 36 5.97 -9.84 -0.84
CA ASN A 36 5.96 -10.60 0.41
C ASN A 36 5.41 -9.78 1.59
N ILE A 37 4.24 -10.21 2.08
CA ILE A 37 3.56 -9.56 3.18
C ILE A 37 4.00 -10.17 4.52
N LEU A 38 4.44 -9.30 5.42
CA LEU A 38 4.87 -9.66 6.75
C LEU A 38 3.71 -9.49 7.73
N LYS A 39 2.96 -8.37 7.60
CA LYS A 39 1.69 -8.17 8.34
C LYS A 39 0.75 -7.24 7.55
N CYS A 40 -0.55 -7.39 7.77
CA CYS A 40 -1.55 -6.50 7.20
C CYS A 40 -2.45 -5.95 8.30
N ASP A 41 -2.54 -4.63 8.39
CA ASP A 41 -3.30 -3.97 9.46
C ASP A 41 -4.25 -2.93 8.88
N VAL A 42 -5.53 -3.04 9.20
CA VAL A 42 -6.56 -2.18 8.62
C VAL A 42 -7.15 -1.21 9.67
N LYS A 43 -7.07 0.10 9.39
CA LYS A 43 -7.48 1.13 10.34
C LYS A 43 -8.58 2.02 9.74
N LYS A 44 -9.31 2.75 10.58
CA LYS A 44 -10.28 3.74 10.10
C LYS A 44 -10.14 5.07 10.86
N THR A 45 -10.49 6.19 10.23
CA THR A 45 -10.61 7.47 10.94
C THR A 45 -12.09 7.78 11.24
N VAL A 46 -12.33 8.80 12.06
CA VAL A 46 -13.68 9.23 12.45
C VAL A 46 -14.38 10.01 11.31
N SER A 47 -13.58 10.43 10.31
CA SER A 47 -14.08 11.21 9.17
C SER A 47 -14.83 10.32 8.15
N GLY A 48 -14.78 9.00 8.35
CA GLY A 48 -15.50 8.07 7.49
C GLY A 48 -14.61 7.37 6.47
N ALA A 49 -13.35 7.77 6.43
CA ALA A 49 -12.37 7.18 5.53
C ALA A 49 -11.70 5.98 6.17
N ALA A 50 -11.53 4.93 5.38
CA ALA A 50 -10.90 3.71 5.84
C ALA A 50 -9.57 3.48 5.13
N PHE A 51 -8.61 2.87 5.82
CA PHE A 51 -7.23 2.74 5.34
C PHE A 51 -6.72 1.34 5.58
N ALA A 52 -5.61 1.02 4.93
CA ALA A 52 -4.89 -0.20 5.17
C ALA A 52 -3.40 0.06 5.12
N PHE A 53 -2.70 -0.59 6.04
CA PHE A 53 -1.27 -0.50 6.20
C PHE A 53 -0.70 -1.86 5.87
N ILE A 54 0.15 -1.94 4.86
CA ILE A 54 0.58 -3.26 4.37
C ILE A 54 2.09 -3.40 4.43
N GLU A 55 2.58 -4.27 5.30
CA GLU A 55 4.02 -4.34 5.60
C GLU A 55 4.71 -5.29 4.64
N PHE A 56 5.48 -4.71 3.70
CA PHE A 56 6.15 -5.47 2.63
C PHE A 56 7.66 -5.43 2.75
N GLU A 57 8.32 -6.53 2.41
CA GLU A 57 9.78 -6.52 2.34
C GLU A 57 10.28 -5.98 0.99
N ASP A 58 9.49 -6.13 -0.08
CA ASP A 58 9.92 -5.66 -1.40
C ASP A 58 8.94 -4.64 -2.00
N ALA A 59 9.50 -3.49 -2.40
CA ALA A 59 8.77 -2.38 -3.02
C ALA A 59 8.48 -2.57 -4.51
N ARG A 60 9.50 -3.00 -5.26
CA ARG A 60 9.48 -2.98 -6.73
C ARG A 60 8.61 -4.09 -7.33
N ASP A 61 8.43 -5.16 -6.58
CA ASP A 61 7.55 -6.26 -6.97
C ASP A 61 6.08 -5.89 -6.66
N ALA A 62 5.91 -5.15 -5.56
CA ALA A 62 4.62 -4.55 -5.14
C ALA A 62 4.16 -3.43 -6.09
N ALA A 63 5.14 -2.84 -6.79
CA ALA A 63 4.94 -1.68 -7.68
C ALA A 63 3.93 -1.90 -8.80
N ASP A 64 3.69 -3.15 -9.23
CA ASP A 64 2.63 -3.45 -10.21
C ASP A 64 1.24 -3.20 -9.62
N ALA A 65 1.04 -3.68 -8.38
CA ALA A 65 -0.18 -3.42 -7.62
C ALA A 65 -0.35 -1.92 -7.36
N ILE A 66 0.75 -1.26 -6.98
CA ILE A 66 0.69 0.16 -6.71
C ILE A 66 0.43 0.98 -7.99
N LYS A 67 0.91 0.53 -9.17
CA LYS A 67 0.64 1.27 -10.42
C LYS A 67 -0.77 0.98 -10.96
N GLU A 68 -1.34 -0.20 -10.66
CA GLU A 68 -2.72 -0.47 -11.08
C GLU A 68 -3.74 0.16 -10.12
N LYS A 69 -3.32 0.45 -8.89
CA LYS A 69 -4.19 1.21 -7.98
C LYS A 69 -3.81 2.73 -7.94
N ASP A 70 -2.77 3.09 -8.72
CA ASP A 70 -2.26 4.49 -8.90
C ASP A 70 -3.25 5.36 -9.70
N GLY A 71 -3.22 6.69 -9.52
CA GLY A 71 -4.37 7.49 -9.87
C GLY A 71 -5.02 8.11 -8.67
N CYS A 72 -4.22 8.30 -7.60
CA CYS A 72 -4.71 8.72 -6.29
C CYS A 72 -5.45 10.04 -6.37
N ASP A 73 -6.63 10.03 -5.73
CA ASP A 73 -7.57 11.13 -5.86
C ASP A 73 -8.21 11.54 -4.53
N PHE A 74 -8.47 12.86 -4.44
CA PHE A 74 -8.95 13.56 -3.25
C PHE A 74 -9.94 14.67 -3.68
N GLU A 75 -10.95 14.97 -2.81
CA GLU A 75 -11.91 16.10 -3.01
C GLU A 75 -12.99 15.83 -4.08
N GLY A 76 -13.85 14.85 -3.75
CA GLY A 76 -14.98 14.46 -4.59
C GLY A 76 -14.69 13.23 -5.45
N ASN A 77 -13.42 12.85 -5.50
CA ASN A 77 -13.03 11.53 -5.96
C ASN A 77 -12.32 10.85 -4.81
N LYS A 78 -12.81 9.71 -4.38
CA LYS A 78 -12.20 8.95 -3.29
C LYS A 78 -11.24 7.89 -3.84
N LEU A 79 -9.90 8.08 -3.76
CA LEU A 79 -8.96 7.03 -4.27
C LEU A 79 -7.48 7.20 -3.83
N ARG A 80 -7.11 7.08 -2.54
CA ARG A 80 -5.70 7.33 -2.17
C ARG A 80 -4.89 6.01 -2.11
N VAL A 81 -3.93 5.86 -3.00
CA VAL A 81 -3.02 4.71 -2.97
C VAL A 81 -1.58 5.21 -3.11
N GLU A 82 -0.70 4.92 -2.13
CA GLU A 82 0.72 5.25 -2.28
C GLU A 82 1.65 4.29 -1.53
N VAL A 83 2.77 4.00 -2.19
CA VAL A 83 3.94 3.48 -1.51
C VAL A 83 4.82 4.65 -1.04
N PRO A 84 5.19 4.70 0.27
CA PRO A 84 6.19 5.65 0.78
C PRO A 84 7.63 5.14 0.59
N PHE A 85 7.77 4.14 -0.27
CA PHE A 85 9.07 3.56 -0.61
C PHE A 85 9.73 4.35 -1.73
N ASN A 86 8.89 4.93 -2.60
CA ASN A 86 9.31 5.64 -3.84
C ASN A 86 9.95 4.65 -4.82
N ALA A 87 9.33 3.44 -4.92
CA ALA A 87 9.76 2.30 -5.78
C ALA A 87 11.08 1.64 -5.28
N ARG A 88 11.50 2.04 -4.05
CA ARG A 88 12.73 1.59 -3.36
C ARG A 88 13.99 2.18 -4.03
N GLU A 89 14.61 3.12 -3.31
CA GLU A 89 15.92 3.66 -3.66
C GLU A 89 17.00 2.59 -3.50
N GLY A 1 9.66 11.66 -8.83
CA GLY A 1 10.29 11.03 -7.64
C GLY A 1 11.60 10.34 -7.99
N SER A 2 11.79 9.13 -7.43
CA SER A 2 12.96 8.25 -7.64
C SER A 2 14.23 8.86 -6.97
N HIS A 3 15.42 8.28 -7.29
CA HIS A 3 16.74 8.77 -6.81
C HIS A 3 16.85 8.61 -5.27
N MET A 4 16.31 7.49 -4.76
CA MET A 4 16.28 7.21 -3.32
C MET A 4 16.66 5.75 -3.06
N VAL A 5 17.48 5.53 -2.03
CA VAL A 5 17.89 4.18 -1.64
C VAL A 5 18.09 4.08 -0.10
N ILE A 6 17.25 3.26 0.54
CA ILE A 6 17.30 3.04 1.98
C ILE A 6 17.37 1.53 2.28
N ARG A 7 18.36 1.11 3.08
CA ARG A 7 18.46 -0.29 3.51
C ARG A 7 17.83 -0.45 4.90
N GLU A 8 17.58 -1.72 5.28
CA GLU A 8 16.94 -2.11 6.57
C GLU A 8 15.46 -1.64 6.60
N SER A 9 14.82 -1.76 7.79
CA SER A 9 13.38 -1.41 8.02
C SER A 9 12.45 -2.32 7.18
N VAL A 10 11.14 -2.02 7.18
CA VAL A 10 10.19 -2.79 6.40
C VAL A 10 9.35 -1.83 5.54
N SER A 11 9.18 -2.18 4.26
CA SER A 11 8.43 -1.37 3.31
C SER A 11 6.92 -1.63 3.40
N ARG A 12 6.14 -0.56 3.33
CA ARG A 12 4.68 -0.63 3.48
C ARG A 12 3.96 0.26 2.48
N ILE A 13 2.69 -0.05 2.21
CA ILE A 13 1.85 0.78 1.35
C ILE A 13 0.67 1.32 2.16
N TYR A 14 0.31 2.59 1.86
CA TYR A 14 -0.83 3.25 2.50
C TYR A 14 -1.96 3.39 1.49
N VAL A 15 -3.10 2.78 1.80
CA VAL A 15 -4.28 2.97 0.95
C VAL A 15 -5.48 3.51 1.76
N GLY A 16 -5.81 4.76 1.48
CA GLY A 16 -6.95 5.41 2.12
C GLY A 16 -8.06 5.77 1.14
N ASN A 17 -9.25 6.10 1.70
CA ASN A 17 -10.43 6.58 0.94
C ASN A 17 -10.87 5.62 -0.16
N LEU A 18 -10.64 4.33 0.06
CA LEU A 18 -10.86 3.32 -0.97
C LEU A 18 -12.30 2.78 -0.93
N PRO A 19 -12.91 2.55 -2.12
CA PRO A 19 -14.22 1.92 -2.22
C PRO A 19 -14.19 0.43 -1.88
N SER A 20 -15.26 -0.01 -1.19
CA SER A 20 -15.51 -1.40 -0.71
C SER A 20 -14.72 -1.76 0.57
N HIS A 21 -13.49 -1.19 0.71
CA HIS A 21 -12.53 -1.50 1.79
C HIS A 21 -11.97 -2.93 1.62
N VAL A 22 -10.65 -3.02 1.48
CA VAL A 22 -9.98 -4.32 1.45
C VAL A 22 -9.94 -4.90 2.86
N SER A 23 -10.43 -6.12 2.98
CA SER A 23 -10.41 -6.83 4.25
C SER A 23 -9.03 -7.46 4.40
N SER A 24 -8.66 -7.83 5.63
CA SER A 24 -7.28 -8.22 5.96
C SER A 24 -6.80 -9.46 5.17
N ARG A 25 -7.72 -10.38 4.88
CA ARG A 25 -7.43 -11.62 4.15
C ARG A 25 -7.26 -11.37 2.64
N ASP A 26 -8.10 -10.46 2.13
CA ASP A 26 -8.11 -10.08 0.72
C ASP A 26 -6.83 -9.36 0.35
N VAL A 27 -6.50 -8.37 1.18
CA VAL A 27 -5.28 -7.59 1.05
C VAL A 27 -4.03 -8.45 1.38
N GLU A 28 -4.19 -9.46 2.27
CA GLU A 28 -3.16 -10.47 2.52
C GLU A 28 -2.79 -11.21 1.23
N ASN A 29 -3.77 -11.78 0.50
CA ASN A 29 -3.44 -12.52 -0.74
C ASN A 29 -2.91 -11.59 -1.86
N GLU A 30 -3.65 -10.48 -2.04
CA GLU A 30 -3.38 -9.53 -3.11
C GLU A 30 -1.96 -8.98 -2.96
N PHE A 31 -1.61 -8.57 -1.75
CA PHE A 31 -0.29 -8.00 -1.45
C PHE A 31 0.79 -9.06 -1.22
N ARG A 32 0.40 -10.34 -0.99
CA ARG A 32 1.35 -11.46 -1.10
C ARG A 32 1.91 -11.55 -2.50
N LYS A 33 1.08 -11.23 -3.53
CA LYS A 33 1.64 -11.04 -4.91
C LYS A 33 2.68 -9.86 -5.00
N TYR A 34 2.53 -8.81 -4.16
CA TYR A 34 3.35 -7.57 -4.30
C TYR A 34 4.78 -7.71 -3.75
N GLY A 35 5.05 -8.79 -3.03
CA GLY A 35 6.36 -8.98 -2.48
C GLY A 35 6.35 -9.58 -1.10
N ASN A 36 5.41 -10.52 -0.88
CA ASN A 36 5.28 -11.32 0.36
C ASN A 36 5.03 -10.45 1.61
N ILE A 37 3.75 -10.31 1.97
CA ILE A 37 3.35 -9.50 3.13
C ILE A 37 3.64 -10.26 4.44
N LEU A 38 4.26 -9.55 5.39
CA LEU A 38 4.50 -10.08 6.74
C LEU A 38 3.44 -9.54 7.71
N LYS A 39 2.93 -8.34 7.42
CA LYS A 39 2.04 -7.64 8.34
C LYS A 39 0.96 -6.88 7.56
N CYS A 40 -0.31 -7.10 7.95
CA CYS A 40 -1.45 -6.38 7.37
C CYS A 40 -2.27 -5.76 8.49
N ASP A 41 -2.30 -4.44 8.55
CA ASP A 41 -3.05 -3.77 9.61
C ASP A 41 -3.99 -2.73 9.02
N VAL A 42 -5.27 -2.86 9.35
CA VAL A 42 -6.29 -1.97 8.82
C VAL A 42 -6.64 -0.88 9.84
N LYS A 43 -6.62 0.37 9.38
CA LYS A 43 -6.89 1.53 10.23
C LYS A 43 -8.26 2.11 9.89
N LYS A 44 -9.04 2.47 10.91
CA LYS A 44 -10.35 3.05 10.68
C LYS A 44 -10.52 4.32 11.50
N THR A 45 -10.88 5.42 10.84
CA THR A 45 -11.12 6.69 11.53
C THR A 45 -12.63 6.95 11.71
N VAL A 46 -12.96 7.91 12.59
CA VAL A 46 -14.34 8.34 12.87
C VAL A 46 -14.89 9.22 11.72
N SER A 47 -14.00 9.69 10.83
CA SER A 47 -14.35 10.56 9.71
C SER A 47 -15.03 9.78 8.56
N GLY A 48 -14.99 8.43 8.62
CA GLY A 48 -15.67 7.61 7.63
C GLY A 48 -14.75 7.05 6.56
N ALA A 49 -13.47 7.42 6.62
CA ALA A 49 -12.49 6.93 5.66
C ALA A 49 -11.86 5.63 6.14
N ALA A 50 -11.60 4.75 5.19
CA ALA A 50 -10.95 3.49 5.46
C ALA A 50 -9.51 3.54 5.02
N PHE A 51 -8.62 2.92 5.77
CA PHE A 51 -7.21 2.89 5.41
C PHE A 51 -6.67 1.49 5.64
N ALA A 52 -5.63 1.13 4.89
CA ALA A 52 -4.90 -0.10 5.15
C ALA A 52 -3.41 0.17 5.02
N PHE A 53 -2.68 -0.45 5.94
CA PHE A 53 -1.24 -0.34 6.04
C PHE A 53 -0.66 -1.72 5.78
N ILE A 54 0.14 -1.87 4.71
CA ILE A 54 0.55 -3.22 4.28
C ILE A 54 2.06 -3.34 4.14
N GLU A 55 2.66 -4.14 5.02
CA GLU A 55 4.11 -4.22 5.15
C GLU A 55 4.66 -5.55 4.58
N PHE A 56 5.32 -5.43 3.42
CA PHE A 56 5.90 -6.57 2.67
C PHE A 56 7.44 -6.56 2.65
N GLU A 57 8.05 -7.69 2.23
CA GLU A 57 9.51 -7.82 2.19
C GLU A 57 10.14 -7.20 0.91
N ASP A 58 9.41 -7.09 -0.21
CA ASP A 58 9.97 -6.45 -1.42
C ASP A 58 9.17 -5.23 -1.85
N ALA A 59 9.89 -4.11 -1.91
CA ALA A 59 9.31 -2.81 -2.26
C ALA A 59 9.15 -2.57 -3.76
N ARG A 60 10.19 -2.89 -4.56
CA ARG A 60 10.22 -2.54 -5.99
C ARG A 60 9.33 -3.46 -6.84
N ASP A 61 9.07 -4.67 -6.36
CA ASP A 61 8.22 -5.64 -7.05
C ASP A 61 6.74 -5.24 -6.91
N ALA A 62 6.46 -4.53 -5.81
CA ALA A 62 5.13 -3.97 -5.52
C ALA A 62 4.73 -2.85 -6.49
N ALA A 63 5.74 -2.17 -7.05
CA ALA A 63 5.57 -0.96 -7.86
C ALA A 63 4.68 -1.13 -9.12
N ASP A 64 4.68 -2.33 -9.70
CA ASP A 64 3.83 -2.67 -10.87
C ASP A 64 2.34 -2.71 -10.52
N ALA A 65 2.04 -3.32 -9.40
CA ALA A 65 0.68 -3.41 -8.94
C ALA A 65 0.20 -2.07 -8.32
N ILE A 66 1.13 -1.35 -7.73
CA ILE A 66 0.83 -0.03 -7.22
C ILE A 66 0.61 0.94 -8.40
N LYS A 67 1.27 0.74 -9.56
CA LYS A 67 0.91 1.51 -10.77
C LYS A 67 -0.37 0.98 -11.43
N GLU A 68 -0.75 -0.28 -11.15
CA GLU A 68 -2.07 -0.76 -11.57
C GLU A 68 -3.22 -0.11 -10.73
N LYS A 69 -3.00 0.33 -9.46
CA LYS A 69 -4.04 1.24 -8.85
C LYS A 69 -3.62 2.72 -8.56
N ASP A 70 -2.48 3.16 -9.12
CA ASP A 70 -2.01 4.58 -9.02
C ASP A 70 -2.83 5.54 -9.91
N GLY A 71 -2.81 6.84 -9.59
CA GLY A 71 -3.85 7.72 -10.08
C GLY A 71 -4.72 8.22 -8.96
N CYS A 72 -4.13 8.24 -7.75
CA CYS A 72 -4.84 8.45 -6.50
C CYS A 72 -5.60 9.78 -6.48
N ASP A 73 -6.87 9.67 -6.06
CA ASP A 73 -7.82 10.74 -6.23
C ASP A 73 -8.63 11.00 -4.96
N PHE A 74 -9.00 12.28 -4.84
CA PHE A 74 -9.70 12.86 -3.71
C PHE A 74 -10.71 13.95 -4.21
N GLU A 75 -11.87 14.09 -3.52
CA GLU A 75 -12.95 15.07 -3.86
C GLU A 75 -13.80 14.69 -5.08
N GLY A 76 -14.54 13.60 -4.88
CA GLY A 76 -15.53 13.12 -5.84
C GLY A 76 -15.04 11.95 -6.69
N ASN A 77 -13.75 11.69 -6.63
CA ASN A 77 -13.22 10.38 -6.96
C ASN A 77 -12.55 9.87 -5.69
N LYS A 78 -13.01 8.76 -5.18
CA LYS A 78 -12.44 8.18 -3.97
C LYS A 78 -11.47 7.05 -4.30
N LEU A 79 -10.14 7.31 -4.21
CA LEU A 79 -9.14 6.25 -4.52
C LEU A 79 -7.73 6.67 -4.08
N ARG A 80 -7.41 6.70 -2.78
CA ARG A 80 -6.09 7.20 -2.40
C ARG A 80 -5.14 6.00 -2.17
N VAL A 81 -4.19 5.79 -3.05
CA VAL A 81 -3.19 4.71 -2.87
C VAL A 81 -1.79 5.26 -3.13
N GLU A 82 -0.86 5.10 -2.18
CA GLU A 82 0.54 5.40 -2.50
C GLU A 82 1.52 4.56 -1.70
N VAL A 83 2.76 4.58 -2.23
CA VAL A 83 3.92 4.13 -1.50
C VAL A 83 4.48 5.31 -0.66
N PRO A 84 4.60 5.15 0.67
CA PRO A 84 5.37 6.10 1.48
C PRO A 84 6.88 5.81 1.54
N PHE A 85 7.37 4.89 0.69
CA PHE A 85 8.81 4.63 0.60
C PHE A 85 9.45 5.28 -0.65
N ASN A 86 8.96 4.87 -1.85
CA ASN A 86 9.51 5.25 -3.17
C ASN A 86 11.03 4.97 -3.31
N ALA A 87 11.52 3.93 -2.60
CA ALA A 87 12.95 3.61 -2.55
C ALA A 87 13.21 2.13 -2.33
N ARG A 88 14.03 1.53 -3.22
CA ARG A 88 14.49 0.14 -3.10
C ARG A 88 15.57 -0.17 -4.14
N GLU A 89 16.54 -0.98 -3.72
CA GLU A 89 17.50 -1.59 -4.61
C GLU A 89 16.92 -2.94 -5.09
N GLY A 1 13.25 9.69 -8.40
CA GLY A 1 13.75 8.71 -7.40
C GLY A 1 15.19 8.98 -7.01
N SER A 2 16.11 8.17 -7.58
CA SER A 2 17.58 8.36 -7.49
C SER A 2 18.16 8.20 -6.06
N HIS A 3 17.62 7.25 -5.29
CA HIS A 3 18.16 6.92 -3.96
C HIS A 3 17.98 5.42 -3.68
N MET A 4 18.77 4.90 -2.72
CA MET A 4 18.60 3.53 -2.22
C MET A 4 19.23 3.37 -0.81
N VAL A 5 18.39 3.41 0.23
CA VAL A 5 18.84 3.20 1.63
C VAL A 5 17.62 2.95 2.57
N ILE A 6 17.56 1.75 3.18
CA ILE A 6 16.55 1.43 4.19
C ILE A 6 16.97 0.20 5.04
N ARG A 7 16.88 0.35 6.38
CA ARG A 7 17.09 -0.75 7.34
C ARG A 7 16.16 -0.58 8.52
N GLU A 8 15.52 -1.70 8.95
CA GLU A 8 14.72 -1.80 10.19
C GLU A 8 13.49 -0.85 10.23
N SER A 9 13.06 -0.38 9.06
CA SER A 9 12.01 0.64 8.98
C SER A 9 10.73 0.07 8.34
N VAL A 10 10.86 -1.17 7.84
CA VAL A 10 9.80 -2.02 7.18
C VAL A 10 9.16 -1.40 5.91
N SER A 11 8.97 -2.23 4.91
CA SER A 11 8.32 -1.80 3.69
C SER A 11 6.79 -1.91 3.84
N ARG A 12 6.12 -0.77 3.70
CA ARG A 12 4.67 -0.70 3.84
C ARG A 12 4.04 0.25 2.80
N ILE A 13 2.75 0.04 2.50
CA ILE A 13 2.00 0.91 1.57
C ILE A 13 0.92 1.64 2.35
N TYR A 14 0.78 2.95 2.03
CA TYR A 14 -0.20 3.83 2.65
C TYR A 14 -1.41 3.95 1.72
N VAL A 15 -2.53 3.41 2.16
CA VAL A 15 -3.77 3.54 1.41
C VAL A 15 -4.78 4.26 2.29
N GLY A 16 -5.45 5.25 1.74
CA GLY A 16 -6.52 5.92 2.46
C GLY A 16 -7.71 6.26 1.58
N ASN A 17 -8.86 6.47 2.23
CA ASN A 17 -10.10 7.00 1.58
C ASN A 17 -10.63 6.06 0.47
N LEU A 18 -10.33 4.77 0.52
CA LEU A 18 -10.49 3.92 -0.66
C LEU A 18 -11.93 3.37 -0.82
N PRO A 19 -12.38 3.20 -2.09
CA PRO A 19 -13.68 2.57 -2.42
C PRO A 19 -13.68 1.05 -2.22
N SER A 20 -14.87 0.52 -1.91
CA SER A 20 -15.19 -0.91 -1.60
C SER A 20 -14.72 -1.35 -0.21
N HIS A 21 -13.60 -0.74 0.30
CA HIS A 21 -12.95 -1.07 1.57
C HIS A 21 -12.32 -2.47 1.52
N VAL A 22 -11.00 -2.49 1.43
CA VAL A 22 -10.27 -3.76 1.46
C VAL A 22 -10.06 -4.22 2.91
N SER A 23 -10.39 -5.48 3.16
CA SER A 23 -10.26 -6.09 4.48
C SER A 23 -8.87 -6.70 4.63
N SER A 24 -8.42 -6.95 5.87
CA SER A 24 -7.05 -7.44 6.18
C SER A 24 -6.66 -8.70 5.38
N ARG A 25 -7.60 -9.64 5.30
CA ARG A 25 -7.44 -10.93 4.60
C ARG A 25 -7.33 -10.76 3.07
N ASP A 26 -8.17 -9.88 2.53
CA ASP A 26 -8.25 -9.59 1.10
C ASP A 26 -6.96 -8.94 0.62
N VAL A 27 -6.48 -7.97 1.43
CA VAL A 27 -5.20 -7.31 1.20
C VAL A 27 -4.05 -8.32 1.34
N GLU A 28 -4.17 -9.23 2.32
CA GLU A 28 -3.15 -10.25 2.57
C GLU A 28 -2.94 -11.14 1.34
N ASN A 29 -4.02 -11.68 0.74
CA ASN A 29 -3.85 -12.57 -0.43
C ASN A 29 -3.55 -11.82 -1.75
N GLU A 30 -4.33 -10.73 -2.02
CA GLU A 30 -4.16 -9.94 -3.25
C GLU A 30 -2.75 -9.36 -3.32
N PHE A 31 -2.28 -8.83 -2.21
CA PHE A 31 -0.93 -8.32 -2.13
C PHE A 31 0.13 -9.43 -1.92
N ARG A 32 -0.26 -10.64 -1.40
CA ARG A 32 0.71 -11.77 -1.34
C ARG A 32 1.10 -12.26 -2.72
N LYS A 33 0.20 -12.15 -3.74
CA LYS A 33 0.67 -12.50 -5.10
C LYS A 33 1.70 -11.48 -5.65
N TYR A 34 1.59 -10.20 -5.26
CA TYR A 34 2.47 -9.17 -5.81
C TYR A 34 3.79 -9.04 -5.02
N GLY A 35 3.72 -9.19 -3.70
CA GLY A 35 4.92 -9.21 -2.86
C GLY A 35 4.78 -10.19 -1.71
N ASN A 36 5.88 -10.53 -1.07
CA ASN A 36 5.84 -11.44 0.08
C ASN A 36 5.40 -10.70 1.35
N ILE A 37 4.12 -10.82 1.71
CA ILE A 37 3.54 -10.02 2.79
C ILE A 37 3.82 -10.65 4.17
N LEU A 38 4.25 -9.77 5.09
CA LEU A 38 4.60 -10.16 6.45
C LEU A 38 3.50 -9.75 7.44
N LYS A 39 2.89 -8.57 7.22
CA LYS A 39 1.84 -8.04 8.10
C LYS A 39 0.85 -7.16 7.29
N CYS A 40 -0.45 -7.39 7.46
CA CYS A 40 -1.46 -6.49 6.88
C CYS A 40 -2.35 -5.92 7.96
N ASP A 41 -2.42 -4.58 8.03
CA ASP A 41 -3.23 -3.92 9.05
C ASP A 41 -4.17 -2.90 8.43
N VAL A 42 -5.43 -2.92 8.82
CA VAL A 42 -6.41 -1.97 8.29
C VAL A 42 -7.01 -1.09 9.42
N LYS A 43 -6.82 0.23 9.29
CA LYS A 43 -7.28 1.21 10.29
C LYS A 43 -8.47 2.01 9.75
N LYS A 44 -9.27 2.60 10.64
CA LYS A 44 -10.36 3.50 10.21
C LYS A 44 -10.36 4.78 11.05
N THR A 45 -10.81 5.89 10.44
CA THR A 45 -11.01 7.13 11.19
C THR A 45 -12.51 7.34 11.50
N VAL A 46 -12.79 8.27 12.41
CA VAL A 46 -14.16 8.63 12.84
C VAL A 46 -14.90 9.47 11.75
N SER A 47 -14.13 9.98 10.78
CA SER A 47 -14.67 10.78 9.67
C SER A 47 -15.38 9.89 8.62
N GLY A 48 -15.17 8.57 8.73
CA GLY A 48 -15.84 7.64 7.82
C GLY A 48 -14.92 7.07 6.76
N ALA A 49 -13.68 7.54 6.73
CA ALA A 49 -12.69 7.04 5.79
C ALA A 49 -11.94 5.84 6.37
N ALA A 50 -11.46 4.99 5.47
CA ALA A 50 -10.77 3.76 5.86
C ALA A 50 -9.41 3.70 5.18
N PHE A 51 -8.45 3.07 5.85
CA PHE A 51 -7.05 3.10 5.42
C PHE A 51 -6.48 1.69 5.50
N ALA A 52 -5.54 1.40 4.63
CA ALA A 52 -4.83 0.13 4.68
C ALA A 52 -3.33 0.36 4.76
N PHE A 53 -2.69 -0.42 5.62
CA PHE A 53 -1.25 -0.46 5.73
C PHE A 53 -0.78 -1.82 5.30
N ILE A 54 0.05 -1.85 4.24
CA ILE A 54 0.46 -3.16 3.70
C ILE A 54 1.95 -3.37 3.86
N GLU A 55 2.33 -4.29 4.75
CA GLU A 55 3.73 -4.46 5.14
C GLU A 55 4.31 -5.77 4.58
N PHE A 56 5.13 -5.62 3.55
CA PHE A 56 5.78 -6.75 2.86
C PHE A 56 7.30 -6.71 2.94
N GLU A 57 7.92 -7.79 2.48
CA GLU A 57 9.35 -7.85 2.24
C GLU A 57 9.73 -7.17 0.92
N ASP A 58 8.91 -7.30 -0.13
CA ASP A 58 9.32 -6.84 -1.47
C ASP A 58 8.43 -5.70 -1.95
N ALA A 59 9.09 -4.55 -2.13
CA ALA A 59 8.44 -3.28 -2.49
C ALA A 59 8.16 -3.07 -3.98
N ARG A 60 9.16 -3.36 -4.83
CA ARG A 60 9.13 -2.97 -6.26
C ARG A 60 8.17 -3.86 -7.07
N ASP A 61 8.01 -5.09 -6.63
CA ASP A 61 7.08 -6.02 -7.27
C ASP A 61 5.62 -5.75 -6.86
N ALA A 62 5.45 -5.15 -5.67
CA ALA A 62 4.15 -4.69 -5.15
C ALA A 62 3.63 -3.43 -5.89
N ALA A 63 4.59 -2.70 -6.46
CA ALA A 63 4.32 -1.54 -7.34
C ALA A 63 3.39 -1.86 -8.53
N ASP A 64 3.29 -3.14 -8.95
CA ASP A 64 2.33 -3.56 -9.99
C ASP A 64 0.88 -3.43 -9.48
N ALA A 65 0.68 -3.84 -8.23
CA ALA A 65 -0.57 -3.65 -7.50
C ALA A 65 -0.87 -2.17 -7.30
N ILE A 66 0.17 -1.41 -6.92
CA ILE A 66 0.00 0.03 -6.74
C ILE A 66 -0.31 0.75 -8.09
N LYS A 67 0.22 0.23 -9.22
CA LYS A 67 -0.08 0.82 -10.54
C LYS A 67 -1.45 0.36 -11.08
N GLU A 68 -1.99 -0.77 -10.60
CA GLU A 68 -3.38 -1.09 -10.97
C GLU A 68 -4.39 -0.40 -10.03
N LYS A 69 -3.94 0.05 -8.85
CA LYS A 69 -4.80 0.90 -7.99
C LYS A 69 -4.42 2.43 -8.14
N ASP A 70 -3.64 2.72 -9.19
CA ASP A 70 -3.10 4.06 -9.57
C ASP A 70 -4.16 5.04 -10.11
N GLY A 71 -3.92 6.36 -9.94
CA GLY A 71 -4.95 7.34 -10.24
C GLY A 71 -5.50 8.07 -9.04
N CYS A 72 -4.70 8.15 -7.96
CA CYS A 72 -5.17 8.59 -6.63
C CYS A 72 -5.79 10.01 -6.62
N ASP A 73 -6.94 10.09 -5.96
CA ASP A 73 -7.81 11.26 -6.03
C ASP A 73 -8.33 11.71 -4.66
N PHE A 74 -8.55 13.03 -4.60
CA PHE A 74 -8.89 13.81 -3.38
C PHE A 74 -9.89 14.93 -3.72
N GLU A 75 -10.76 15.30 -2.74
CA GLU A 75 -11.72 16.45 -2.85
C GLU A 75 -12.93 16.15 -3.76
N GLY A 76 -13.72 15.18 -3.30
CA GLY A 76 -14.94 14.76 -3.99
C GLY A 76 -14.77 13.49 -4.82
N ASN A 77 -13.54 13.06 -4.99
CA ASN A 77 -13.27 11.69 -5.37
C ASN A 77 -12.41 11.07 -4.28
N LYS A 78 -12.89 9.98 -3.70
CA LYS A 78 -12.15 9.29 -2.65
C LYS A 78 -11.35 8.12 -3.22
N LEU A 79 -10.01 8.28 -3.39
CA LEU A 79 -9.18 7.16 -3.89
C LEU A 79 -7.68 7.38 -3.59
N ARG A 80 -7.22 7.32 -2.34
CA ARG A 80 -5.79 7.55 -2.11
C ARG A 80 -5.06 6.22 -2.01
N VAL A 81 -4.21 5.92 -2.97
CA VAL A 81 -3.32 4.76 -2.88
C VAL A 81 -1.90 5.22 -3.19
N GLU A 82 -0.96 5.05 -2.26
CA GLU A 82 0.42 5.41 -2.55
C GLU A 82 1.46 4.55 -1.83
N VAL A 83 2.52 4.27 -2.58
CA VAL A 83 3.74 3.75 -2.00
C VAL A 83 4.66 4.90 -1.57
N PRO A 84 5.26 4.81 -0.38
CA PRO A 84 6.37 5.68 0.02
C PRO A 84 7.73 5.18 -0.53
N PHE A 85 7.69 4.32 -1.56
CA PHE A 85 8.90 3.78 -2.17
C PHE A 85 9.17 4.49 -3.48
N ASN A 86 9.61 5.72 -3.36
CA ASN A 86 9.97 6.53 -4.52
C ASN A 86 11.49 6.51 -4.69
N ALA A 87 12.07 5.31 -4.46
CA ALA A 87 13.51 5.07 -4.44
C ALA A 87 13.79 3.57 -4.40
N ARG A 88 13.00 2.80 -5.15
CA ARG A 88 13.05 1.34 -5.06
C ARG A 88 13.06 0.66 -6.45
N GLU A 89 13.06 1.47 -7.52
CA GLU A 89 13.02 0.95 -8.89
C GLU A 89 14.40 0.44 -9.32
N GLY A 1 27.01 15.91 -6.56
CA GLY A 1 25.99 15.32 -5.64
C GLY A 1 26.51 14.08 -4.95
N SER A 2 25.86 13.69 -3.86
CA SER A 2 26.30 12.54 -3.07
C SER A 2 25.21 11.46 -3.04
N HIS A 3 25.45 10.36 -2.32
CA HIS A 3 24.50 9.23 -2.24
C HIS A 3 24.25 8.81 -0.79
N MET A 4 23.07 8.23 -0.54
CA MET A 4 22.68 7.81 0.81
C MET A 4 22.58 6.28 0.91
N VAL A 5 23.04 5.74 2.04
CA VAL A 5 23.04 4.28 2.27
C VAL A 5 22.18 3.92 3.49
N ILE A 6 21.25 2.98 3.33
CA ILE A 6 20.41 2.52 4.44
C ILE A 6 20.66 1.04 4.76
N ARG A 7 20.18 0.61 5.93
CA ARG A 7 20.26 -0.79 6.34
C ARG A 7 19.21 -1.09 7.40
N GLU A 8 18.58 -2.29 7.27
CA GLU A 8 17.60 -2.85 8.23
C GLU A 8 16.31 -1.99 8.31
N SER A 9 15.33 -2.34 7.47
CA SER A 9 14.07 -1.60 7.38
C SER A 9 12.95 -2.48 6.79
N VAL A 10 11.69 -2.16 7.11
CA VAL A 10 10.53 -2.87 6.55
C VAL A 10 9.76 -1.99 5.55
N SER A 11 9.33 -2.58 4.43
CA SER A 11 8.62 -1.83 3.40
C SER A 11 7.12 -1.77 3.72
N ARG A 12 6.48 -0.60 3.50
CA ARG A 12 5.06 -0.44 3.84
C ARG A 12 4.25 0.16 2.68
N ILE A 13 2.96 -0.18 2.64
CA ILE A 13 2.02 0.40 1.68
C ILE A 13 0.89 1.08 2.44
N TYR A 14 0.57 2.32 2.03
CA TYR A 14 -0.50 3.10 2.61
C TYR A 14 -1.62 3.28 1.57
N VAL A 15 -2.78 2.71 1.82
CA VAL A 15 -3.91 2.92 0.91
C VAL A 15 -5.14 3.51 1.63
N GLY A 16 -5.42 4.77 1.32
CA GLY A 16 -6.47 5.51 2.00
C GLY A 16 -7.49 6.17 1.07
N ASN A 17 -8.69 6.43 1.64
CA ASN A 17 -9.80 7.15 0.97
C ASN A 17 -10.26 6.44 -0.32
N LEU A 18 -10.03 5.13 -0.39
CA LEU A 18 -10.17 4.40 -1.65
C LEU A 18 -11.60 3.88 -1.88
N PRO A 19 -12.02 3.74 -3.17
CA PRO A 19 -13.30 3.09 -3.52
C PRO A 19 -13.33 1.62 -3.13
N SER A 20 -14.54 1.17 -2.71
CA SER A 20 -14.87 -0.20 -2.21
C SER A 20 -14.32 -0.48 -0.78
N HIS A 21 -13.16 0.16 -0.45
CA HIS A 21 -12.45 0.04 0.84
C HIS A 21 -11.95 -1.39 1.04
N VAL A 22 -10.74 -1.66 0.52
CA VAL A 22 -10.17 -3.00 0.51
C VAL A 22 -9.81 -3.44 1.95
N SER A 23 -10.19 -4.67 2.28
CA SER A 23 -9.92 -5.22 3.60
C SER A 23 -8.59 -5.94 3.61
N SER A 24 -8.12 -6.32 4.81
CA SER A 24 -6.81 -6.94 5.00
C SER A 24 -6.67 -8.28 4.28
N ARG A 25 -7.78 -9.01 4.09
CA ARG A 25 -7.79 -10.32 3.44
C ARG A 25 -7.55 -10.19 1.91
N ASP A 26 -8.19 -9.20 1.31
CA ASP A 26 -8.18 -9.05 -0.14
C ASP A 26 -6.81 -8.58 -0.62
N VAL A 27 -6.26 -7.60 0.11
CA VAL A 27 -4.88 -7.21 -0.11
C VAL A 27 -3.92 -8.31 0.32
N GLU A 28 -4.27 -9.10 1.35
CA GLU A 28 -3.47 -10.26 1.70
C GLU A 28 -3.25 -11.14 0.46
N ASN A 29 -4.32 -11.57 -0.22
CA ASN A 29 -4.12 -12.48 -1.36
C ASN A 29 -3.55 -11.77 -2.61
N GLU A 30 -4.24 -10.72 -3.05
CA GLU A 30 -3.97 -10.09 -4.34
C GLU A 30 -2.72 -9.23 -4.26
N PHE A 31 -2.50 -8.56 -3.12
CA PHE A 31 -1.31 -7.76 -2.95
C PHE A 31 -0.12 -8.62 -2.49
N ARG A 32 -0.33 -9.82 -1.84
CA ARG A 32 0.82 -10.71 -1.59
C ARG A 32 1.31 -11.36 -2.88
N LYS A 33 0.45 -11.47 -3.92
CA LYS A 33 0.97 -11.87 -5.24
C LYS A 33 2.08 -10.90 -5.72
N TYR A 34 1.97 -9.61 -5.36
CA TYR A 34 2.97 -8.60 -5.74
C TYR A 34 4.16 -8.54 -4.77
N GLY A 35 3.90 -8.70 -3.48
CA GLY A 35 4.98 -8.70 -2.50
C GLY A 35 4.61 -9.50 -1.27
N ASN A 36 5.59 -10.20 -0.70
CA ASN A 36 5.35 -11.14 0.40
C ASN A 36 4.88 -10.41 1.66
N ILE A 37 3.65 -10.73 2.09
CA ILE A 37 3.03 -10.03 3.22
C ILE A 37 3.56 -10.55 4.56
N LEU A 38 4.09 -9.62 5.35
CA LEU A 38 4.59 -9.94 6.69
C LEU A 38 3.55 -9.51 7.72
N LYS A 39 2.88 -8.39 7.44
CA LYS A 39 1.90 -7.82 8.35
C LYS A 39 0.82 -7.08 7.55
N CYS A 40 -0.44 -7.21 7.97
CA CYS A 40 -1.53 -6.44 7.37
C CYS A 40 -2.47 -5.92 8.46
N ASP A 41 -2.57 -4.59 8.55
CA ASP A 41 -3.42 -3.94 9.55
C ASP A 41 -4.32 -2.92 8.86
N VAL A 42 -5.55 -2.75 9.35
CA VAL A 42 -6.49 -1.78 8.77
C VAL A 42 -6.85 -0.71 9.80
N LYS A 43 -6.72 0.55 9.38
CA LYS A 43 -7.01 1.69 10.25
C LYS A 43 -8.33 2.32 9.83
N LYS A 44 -9.18 2.64 10.79
CA LYS A 44 -10.45 3.27 10.48
C LYS A 44 -10.65 4.53 11.33
N THR A 45 -10.90 5.65 10.66
CA THR A 45 -11.11 6.92 11.37
C THR A 45 -12.60 7.29 11.44
N VAL A 46 -12.92 8.24 12.33
CA VAL A 46 -14.29 8.75 12.51
C VAL A 46 -14.70 9.70 11.34
N SER A 47 -13.70 10.11 10.54
CA SER A 47 -13.91 11.01 9.40
C SER A 47 -14.55 10.26 8.21
N GLY A 48 -14.60 8.93 8.29
CA GLY A 48 -15.25 8.14 7.25
C GLY A 48 -14.29 7.56 6.24
N ALA A 49 -13.01 7.91 6.37
CA ALA A 49 -11.99 7.41 5.47
C ALA A 49 -11.42 6.08 5.96
N ALA A 50 -11.21 5.19 5.02
CA ALA A 50 -10.63 3.89 5.31
C ALA A 50 -9.20 3.86 4.86
N PHE A 51 -8.34 3.21 5.63
CA PHE A 51 -6.93 3.10 5.31
C PHE A 51 -6.49 1.68 5.56
N ALA A 52 -5.52 1.22 4.80
CA ALA A 52 -4.90 -0.05 5.04
C ALA A 52 -3.40 0.10 5.00
N PHE A 53 -2.75 -0.56 5.94
CA PHE A 53 -1.33 -0.51 6.13
C PHE A 53 -0.77 -1.90 5.91
N ILE A 54 0.09 -2.06 4.90
CA ILE A 54 0.53 -3.41 4.52
C ILE A 54 2.06 -3.49 4.47
N GLU A 55 2.66 -4.24 5.38
CA GLU A 55 4.11 -4.33 5.47
C GLU A 55 4.64 -5.58 4.77
N PHE A 56 5.39 -5.35 3.69
CA PHE A 56 5.96 -6.43 2.87
C PHE A 56 7.46 -6.55 3.07
N GLU A 57 8.04 -7.66 2.61
CA GLU A 57 9.50 -7.80 2.62
C GLU A 57 10.12 -7.06 1.42
N ASP A 58 9.43 -7.07 0.26
CA ASP A 58 10.04 -6.54 -0.94
C ASP A 58 9.27 -5.38 -1.52
N ALA A 59 10.00 -4.28 -1.68
CA ALA A 59 9.46 -3.02 -2.15
C ALA A 59 9.28 -2.92 -3.67
N ARG A 60 10.29 -3.34 -4.45
CA ARG A 60 10.30 -3.09 -5.91
C ARG A 60 9.34 -4.02 -6.68
N ASP A 61 9.00 -5.16 -6.08
CA ASP A 61 8.02 -6.07 -6.65
C ASP A 61 6.58 -5.57 -6.39
N ALA A 62 6.41 -4.92 -5.24
CA ALA A 62 5.14 -4.26 -4.84
C ALA A 62 4.86 -2.99 -5.69
N ALA A 63 5.94 -2.41 -6.22
CA ALA A 63 5.89 -1.23 -7.08
C ALA A 63 5.00 -1.41 -8.33
N ASP A 64 4.82 -2.66 -8.80
CA ASP A 64 3.90 -2.95 -9.91
C ASP A 64 2.44 -2.76 -9.47
N ALA A 65 2.12 -3.18 -8.24
CA ALA A 65 0.81 -2.96 -7.63
C ALA A 65 0.54 -1.48 -7.41
N ILE A 66 1.56 -0.75 -6.92
CA ILE A 66 1.39 0.67 -6.71
C ILE A 66 1.30 1.44 -8.05
N LYS A 67 1.94 0.95 -9.14
CA LYS A 67 1.76 1.61 -10.44
C LYS A 67 0.44 1.24 -11.11
N GLU A 68 -0.12 0.05 -10.82
CA GLU A 68 -1.43 -0.28 -11.40
C GLU A 68 -2.57 0.38 -10.63
N LYS A 69 -2.32 0.75 -9.36
CA LYS A 69 -3.29 1.50 -8.57
C LYS A 69 -2.85 2.97 -8.32
N ASP A 70 -1.85 3.40 -9.11
CA ASP A 70 -1.38 4.81 -9.24
C ASP A 70 -2.45 5.67 -9.92
N GLY A 71 -2.44 6.99 -9.65
CA GLY A 71 -3.60 7.78 -9.95
C GLY A 71 -4.26 8.31 -8.71
N CYS A 72 -3.50 8.37 -7.62
CA CYS A 72 -4.02 8.77 -6.32
C CYS A 72 -4.61 10.18 -6.34
N ASP A 73 -5.81 10.31 -5.80
CA ASP A 73 -6.60 11.52 -5.95
C ASP A 73 -7.21 12.00 -4.64
N PHE A 74 -7.32 13.33 -4.56
CA PHE A 74 -7.75 14.10 -3.38
C PHE A 74 -8.60 15.32 -3.81
N GLU A 75 -9.61 15.70 -2.98
CA GLU A 75 -10.48 16.90 -3.21
C GLU A 75 -11.53 16.70 -4.33
N GLY A 76 -12.47 15.81 -4.04
CA GLY A 76 -13.61 15.55 -4.93
C GLY A 76 -13.45 14.31 -5.77
N ASN A 77 -12.26 13.74 -5.81
CA ASN A 77 -12.10 12.34 -6.15
C ASN A 77 -11.41 11.65 -4.99
N LYS A 78 -12.03 10.63 -4.45
CA LYS A 78 -11.45 9.88 -3.34
C LYS A 78 -10.68 8.67 -3.85
N LEU A 79 -9.33 8.73 -3.86
CA LEU A 79 -8.55 7.62 -4.44
C LEU A 79 -7.07 7.60 -4.03
N ARG A 80 -6.71 7.53 -2.75
CA ARG A 80 -5.28 7.65 -2.39
C ARG A 80 -4.64 6.27 -2.26
N VAL A 81 -3.71 5.96 -3.16
CA VAL A 81 -2.88 4.77 -3.02
C VAL A 81 -1.43 5.20 -3.17
N GLU A 82 -0.61 5.00 -2.13
CA GLU A 82 0.81 5.34 -2.24
C GLU A 82 1.66 4.47 -1.31
N VAL A 83 2.86 4.15 -1.77
CA VAL A 83 3.83 3.50 -0.91
C VAL A 83 4.70 4.55 -0.19
N PRO A 84 4.78 4.51 1.16
CA PRO A 84 5.76 5.31 1.91
C PRO A 84 7.17 4.71 1.94
N PHE A 85 7.40 3.61 1.20
CA PHE A 85 8.76 3.06 1.11
C PHE A 85 9.58 3.71 -0.01
N ASN A 86 8.87 4.09 -1.10
CA ASN A 86 9.47 4.66 -2.34
C ASN A 86 10.60 3.77 -2.91
N ALA A 87 10.19 2.60 -3.48
CA ALA A 87 11.09 1.56 -4.01
C ALA A 87 11.99 0.93 -2.94
N ARG A 88 12.94 0.08 -3.37
CA ARG A 88 13.91 -0.55 -2.45
C ARG A 88 15.03 0.43 -2.09
N GLU A 89 15.85 0.73 -3.10
CA GLU A 89 17.05 1.56 -2.91
C GLU A 89 17.11 2.66 -3.96
N GLY A 1 15.32 11.21 -9.15
CA GLY A 1 16.27 10.11 -9.49
C GLY A 1 17.46 10.08 -8.55
N SER A 2 17.39 9.20 -7.55
CA SER A 2 18.45 9.04 -6.56
C SER A 2 18.57 7.57 -6.17
N HIS A 3 19.74 7.15 -5.66
CA HIS A 3 19.97 5.77 -5.21
C HIS A 3 20.87 5.77 -3.98
N MET A 4 20.37 5.23 -2.85
CA MET A 4 21.16 5.14 -1.61
C MET A 4 21.02 3.77 -0.95
N VAL A 5 21.83 3.52 0.09
CA VAL A 5 21.83 2.23 0.78
C VAL A 5 20.93 2.26 2.02
N ILE A 6 20.30 1.12 2.31
CA ILE A 6 19.43 1.00 3.48
C ILE A 6 19.81 -0.22 4.32
N ARG A 7 19.66 -0.10 5.64
CA ARG A 7 19.89 -1.21 6.57
C ARG A 7 18.89 -1.14 7.71
N GLU A 8 18.20 -2.29 7.94
CA GLU A 8 17.20 -2.49 9.01
C GLU A 8 16.03 -1.50 8.90
N SER A 9 15.09 -1.80 8.00
CA SER A 9 13.97 -0.91 7.73
C SER A 9 12.68 -1.71 7.57
N VAL A 10 11.53 -1.05 7.83
CA VAL A 10 10.22 -1.69 7.74
C VAL A 10 9.42 -1.13 6.56
N SER A 11 9.33 -1.93 5.49
CA SER A 11 8.66 -1.52 4.25
C SER A 11 7.13 -1.72 4.34
N ARG A 12 6.36 -0.63 4.15
CA ARG A 12 4.89 -0.66 4.29
C ARG A 12 4.18 0.25 3.26
N ILE A 13 2.90 -0.06 2.95
CA ILE A 13 2.08 0.71 1.99
C ILE A 13 0.91 1.38 2.71
N TYR A 14 0.67 2.65 2.35
CA TYR A 14 -0.44 3.44 2.89
C TYR A 14 -1.54 3.57 1.83
N VAL A 15 -2.72 3.03 2.16
CA VAL A 15 -3.89 3.13 1.29
C VAL A 15 -5.02 3.85 2.03
N GLY A 16 -5.34 5.08 1.64
CA GLY A 16 -6.38 5.83 2.30
C GLY A 16 -7.50 6.29 1.38
N ASN A 17 -8.69 6.54 1.98
CA ASN A 17 -9.84 7.18 1.30
C ASN A 17 -10.31 6.38 0.05
N LEU A 18 -10.18 5.06 0.13
CA LEU A 18 -10.34 4.21 -1.04
C LEU A 18 -11.81 3.77 -1.28
N PRO A 19 -12.19 3.56 -2.58
CA PRO A 19 -13.50 3.00 -2.96
C PRO A 19 -13.63 1.51 -2.57
N SER A 20 -14.74 1.20 -1.89
CA SER A 20 -15.02 -0.10 -1.21
C SER A 20 -13.86 -0.57 -0.33
N HIS A 21 -14.01 -0.36 0.99
CA HIS A 21 -12.95 -0.67 1.97
C HIS A 21 -12.49 -2.14 1.88
N VAL A 22 -11.21 -2.29 1.58
CA VAL A 22 -10.63 -3.60 1.38
C VAL A 22 -10.40 -4.31 2.72
N SER A 23 -10.88 -5.55 2.81
CA SER A 23 -10.76 -6.33 4.03
C SER A 23 -9.40 -7.02 4.09
N SER A 24 -9.04 -7.52 5.27
CA SER A 24 -7.72 -8.10 5.54
C SER A 24 -7.44 -9.35 4.70
N ARG A 25 -8.50 -10.05 4.30
CA ARG A 25 -8.38 -11.29 3.52
C ARG A 25 -8.08 -10.98 2.05
N ASP A 26 -8.71 -9.90 1.57
CA ASP A 26 -8.56 -9.46 0.20
C ASP A 26 -7.18 -8.89 -0.03
N VAL A 27 -6.70 -8.05 0.89
CA VAL A 27 -5.31 -7.60 0.84
C VAL A 27 -4.35 -8.75 1.11
N GLU A 28 -4.75 -9.74 1.93
CA GLU A 28 -3.91 -10.90 2.15
C GLU A 28 -3.59 -11.61 0.84
N ASN A 29 -4.62 -11.99 0.05
CA ASN A 29 -4.35 -12.70 -1.22
C ASN A 29 -3.76 -11.78 -2.31
N GLU A 30 -4.47 -10.68 -2.55
CA GLU A 30 -4.18 -9.83 -3.68
C GLU A 30 -2.87 -9.11 -3.46
N PHE A 31 -2.67 -8.58 -2.25
CA PHE A 31 -1.43 -7.90 -1.93
C PHE A 31 -0.29 -8.92 -1.64
N ARG A 32 -0.56 -10.20 -1.25
CA ARG A 32 0.55 -11.17 -1.18
C ARG A 32 1.11 -11.49 -2.56
N LYS A 33 0.28 -11.38 -3.63
CA LYS A 33 0.86 -11.47 -4.98
C LYS A 33 1.84 -10.30 -5.29
N TYR A 34 1.74 -9.17 -4.56
CA TYR A 34 2.55 -7.97 -4.83
C TYR A 34 4.02 -8.12 -4.38
N GLY A 35 4.30 -8.77 -3.25
CA GLY A 35 5.71 -8.87 -2.84
C GLY A 35 5.90 -9.35 -1.41
N ASN A 36 5.12 -10.39 -1.05
CA ASN A 36 5.19 -11.10 0.25
C ASN A 36 4.85 -10.20 1.45
N ILE A 37 3.62 -10.31 1.91
CA ILE A 37 3.13 -9.54 3.06
C ILE A 37 3.53 -10.24 4.38
N LEU A 38 4.16 -9.46 5.27
CA LEU A 38 4.56 -9.94 6.59
C LEU A 38 3.52 -9.54 7.63
N LYS A 39 2.89 -8.38 7.41
CA LYS A 39 1.92 -7.82 8.34
C LYS A 39 0.89 -7.00 7.58
N CYS A 40 -0.40 -7.21 7.87
CA CYS A 40 -1.45 -6.37 7.31
C CYS A 40 -2.31 -5.80 8.42
N ASP A 41 -2.43 -4.48 8.45
CA ASP A 41 -3.21 -3.82 9.47
C ASP A 41 -4.20 -2.85 8.85
N VAL A 42 -5.47 -2.91 9.24
CA VAL A 42 -6.48 -2.01 8.68
C VAL A 42 -6.95 -1.02 9.77
N LYS A 43 -6.65 0.25 9.55
CA LYS A 43 -6.98 1.33 10.48
C LYS A 43 -8.13 2.16 9.89
N LYS A 44 -9.09 2.58 10.69
CA LYS A 44 -10.09 3.53 10.17
C LYS A 44 -10.31 4.72 11.12
N THR A 45 -10.62 5.89 10.56
CA THR A 45 -10.90 7.07 11.35
C THR A 45 -12.43 7.30 11.45
N VAL A 46 -12.83 8.17 12.39
CA VAL A 46 -14.24 8.51 12.64
C VAL A 46 -14.78 9.46 11.54
N SER A 47 -13.88 10.00 10.70
CA SER A 47 -14.25 10.89 9.60
C SER A 47 -14.85 10.11 8.41
N GLY A 48 -14.79 8.76 8.48
CA GLY A 48 -15.40 7.93 7.45
C GLY A 48 -14.40 7.38 6.47
N ALA A 49 -13.14 7.79 6.59
CA ALA A 49 -12.08 7.30 5.72
C ALA A 49 -11.45 6.05 6.29
N ALA A 50 -11.25 5.06 5.42
CA ALA A 50 -10.61 3.82 5.79
C ALA A 50 -9.20 3.80 5.25
N PHE A 51 -8.31 3.13 5.97
CA PHE A 51 -6.89 3.08 5.62
C PHE A 51 -6.38 1.66 5.77
N ALA A 52 -5.36 1.33 5.01
CA ALA A 52 -4.71 0.05 5.14
C ALA A 52 -3.20 0.23 5.12
N PHE A 53 -2.54 -0.51 6.00
CA PHE A 53 -1.11 -0.58 6.05
C PHE A 53 -0.70 -1.98 5.63
N ILE A 54 0.09 -2.07 4.54
CA ILE A 54 0.48 -3.41 4.04
C ILE A 54 2.00 -3.55 3.96
N GLU A 55 2.54 -4.43 4.79
CA GLU A 55 3.99 -4.54 5.02
C GLU A 55 4.63 -5.58 4.08
N PHE A 56 5.53 -5.11 3.19
CA PHE A 56 6.17 -5.98 2.20
C PHE A 56 7.63 -6.24 2.46
N GLU A 57 8.10 -7.39 1.98
CA GLU A 57 9.53 -7.71 2.00
C GLU A 57 10.28 -7.10 0.80
N ASP A 58 9.62 -7.00 -0.37
CA ASP A 58 10.30 -6.49 -1.57
C ASP A 58 9.61 -5.27 -2.19
N ALA A 59 10.41 -4.24 -2.42
CA ALA A 59 9.96 -2.94 -2.90
C ALA A 59 9.60 -2.91 -4.40
N ARG A 60 10.48 -3.49 -5.24
CA ARG A 60 10.38 -3.37 -6.70
C ARG A 60 9.30 -4.28 -7.31
N ASP A 61 8.98 -5.37 -6.62
CA ASP A 61 7.95 -6.30 -7.10
C ASP A 61 6.57 -5.69 -6.85
N ALA A 62 6.47 -5.02 -5.70
CA ALA A 62 5.25 -4.31 -5.27
C ALA A 62 4.97 -3.08 -6.14
N ALA A 63 6.05 -2.51 -6.69
CA ALA A 63 6.02 -1.28 -7.49
C ALA A 63 5.07 -1.35 -8.71
N ASP A 64 4.99 -2.54 -9.35
CA ASP A 64 4.14 -2.73 -10.55
C ASP A 64 2.65 -2.69 -10.23
N ALA A 65 2.29 -3.29 -9.11
CA ALA A 65 0.91 -3.29 -8.66
C ALA A 65 0.53 -1.93 -8.07
N ILE A 66 1.46 -1.30 -7.39
CA ILE A 66 1.24 0.02 -6.84
C ILE A 66 1.13 1.05 -7.98
N LYS A 67 1.82 0.82 -9.14
CA LYS A 67 1.58 1.65 -10.33
C LYS A 67 0.30 1.25 -11.07
N GLU A 68 -0.17 0.00 -10.88
CA GLU A 68 -1.48 -0.40 -11.43
C GLU A 68 -2.63 0.31 -10.67
N LYS A 69 -2.43 0.65 -9.36
CA LYS A 69 -3.43 1.55 -8.71
C LYS A 69 -2.94 3.00 -8.50
N ASP A 70 -1.78 3.37 -9.04
CA ASP A 70 -1.26 4.77 -9.02
C ASP A 70 -2.09 5.68 -9.96
N GLY A 71 -2.15 6.99 -9.67
CA GLY A 71 -3.29 7.77 -10.14
C GLY A 71 -4.12 8.29 -9.00
N CYS A 72 -3.48 8.42 -7.83
CA CYS A 72 -4.13 8.88 -6.59
C CYS A 72 -4.79 10.26 -6.77
N ASP A 73 -6.01 10.36 -6.21
CA ASP A 73 -6.89 11.50 -6.47
C ASP A 73 -7.32 12.21 -5.20
N PHE A 74 -7.47 13.53 -5.39
CA PHE A 74 -7.73 14.53 -4.36
C PHE A 74 -8.70 15.62 -4.90
N GLU A 75 -9.58 16.15 -4.03
CA GLU A 75 -10.56 17.24 -4.36
C GLU A 75 -11.74 16.78 -5.24
N GLY A 76 -12.57 15.94 -4.63
CA GLY A 76 -13.85 15.53 -5.21
C GLY A 76 -13.82 14.16 -5.88
N ASN A 77 -12.64 13.61 -6.07
CA ASN A 77 -12.49 12.18 -6.23
C ASN A 77 -11.51 11.72 -5.17
N LYS A 78 -11.94 10.84 -4.28
CA LYS A 78 -11.06 10.36 -3.21
C LYS A 78 -10.41 9.03 -3.58
N LEU A 79 -9.07 9.02 -3.71
CA LEU A 79 -8.35 7.76 -4.03
C LEU A 79 -6.87 7.81 -3.61
N ARG A 80 -6.54 7.58 -2.35
CA ARG A 80 -5.13 7.65 -1.94
C ARG A 80 -4.51 6.24 -1.92
N VAL A 81 -3.58 6.01 -2.83
CA VAL A 81 -2.76 4.81 -2.79
C VAL A 81 -1.30 5.20 -2.99
N GLU A 82 -0.44 4.97 -1.99
CA GLU A 82 0.99 5.24 -2.18
C GLU A 82 1.87 4.38 -1.29
N VAL A 83 3.11 4.18 -1.74
CA VAL A 83 4.13 3.63 -0.88
C VAL A 83 4.90 4.77 -0.16
N PRO A 84 4.94 4.75 1.18
CA PRO A 84 5.89 5.57 1.94
C PRO A 84 7.23 4.84 2.16
N PHE A 85 7.43 3.70 1.49
CA PHE A 85 8.71 3.01 1.59
C PHE A 85 9.62 3.34 0.41
N ASN A 86 9.03 3.96 -0.63
CA ASN A 86 9.68 4.24 -1.95
C ASN A 86 9.95 2.95 -2.72
N ALA A 87 9.49 2.94 -3.97
CA ALA A 87 9.43 1.72 -4.79
C ALA A 87 10.78 1.38 -5.46
N ARG A 88 11.79 1.13 -4.61
CA ARG A 88 13.17 0.79 -4.99
C ARG A 88 13.82 1.92 -5.83
N GLU A 89 13.45 3.17 -5.50
CA GLU A 89 14.03 4.39 -6.10
C GLU A 89 13.93 4.40 -7.64
#